data_2VDK
#
_entry.id   2VDK
#
_cell.length_a   148.869
_cell.length_b   148.869
_cell.length_c   176.137
_cell.angle_alpha   90.00
_cell.angle_beta   90.00
_cell.angle_gamma   120.00
#
_symmetry.space_group_name_H-M   'P 32 2 1'
#
loop_
_entity.id
_entity.type
_entity.pdbx_description
1 polymer 'INTEGRIN ALPHA-IIB'
2 polymer 'INTEGRIN BETA-3'
3 polymer 'MONOCLONAL ANTIBODY 10E5 HEAVY CHAIN'
4 polymer 'MONOCLONAL ANTIBODY 10E5 LIGHT CHAIN'
5 branched alpha-D-mannopyranose-(1-3)-[alpha-D-mannopyranose-(1-6)]alpha-D-mannopyranose-(1-4)-2-acetamido-2-deoxy-beta-D-glucopyranose-(1-4)-2-acetamido-2-deoxy-beta-D-glucopyranose
6 branched alpha-D-mannopyranose-(1-3)-[alpha-D-mannopyranose-(1-6)]alpha-D-mannopyranose-(1-6)-[alpha-D-mannopyranose-(1-3)]alpha-D-mannopyranose-(1-4)-2-acetamido-2-deoxy-beta-D-glucopyranose-(1-4)-2-acetamido-2-deoxy-beta-D-glucopyranose
7 non-polymer GLYCEROL
8 non-polymer 'CALCIUM ION'
9 non-polymer 2-acetamido-2-deoxy-beta-D-glucopyranose
10 non-polymer 'CACODYLATE ION'
11 non-polymer 'MAGNESIUM ION'
12 water water
#
loop_
_entity_poly.entity_id
_entity_poly.type
_entity_poly.pdbx_seq_one_letter_code
_entity_poly.pdbx_strand_id
1 'polypeptide(L)'
;LNLDPVQLTFYAGPNGSQFGFSLDFHKDSHGRVAIVVGAPRTLGPSQEETGGVFLCPWRAEGGQCPSLLFDLRDETRNVG
SQTLQTFKARQGLGASVVSWSDVIVACAPWQHWNVLEKTEEAEKTPVGSCFLAQPESGRRAEYSPCRGNTLSRIYVENDF
SWDKRYCEAGFSSVVTQAGELVLGAPGGYYFLGLLAQAPVADIFSSYRPGILLWHVSSQSLSFDSSNPEYFDGYWGYSVA
VGEFDGDLNTTEYVVGAPTWSWTLGAVEILDSYYQRLHRLRGEQMASYFGHSVAVTDVNGDGRHDLLVGAPLYMESRADR
KLAEVGRVYLFLQPRGPHALGAPSLLLTGTQLYGRFGSAIAPLGDLDRDGYNDIAVAAPYGGPSGRGQVLVFLGQSEGLR
SRPSQVLDSPFPTGSAFGFSLRGAVDIDDNGYPDLIVGAYGANQVAVYRAQP
;
A
2 'polypeptide(L)'
;GPNICTTRGVSSCQQCLAVSPMCAWCSDEALPLGSPRCDLKENLLKDNCAPESIEFPVSEARVLEDRPLSDKGSGDSSQV
TQVSPQRIALRLRPDDSKNFSIQVRQVEDYPVDIYYLMDLSYSMKDDLWSIQNLGTKLATQMRKLTSNLRIGFGAFVDKP
VSPYMYISPPEALENPCYDMKTTCLPMFGYKHVLTLTDQVTRFNEEVKKQSVSRNRDAPEGGFDAIMQATVCDEKIGWRN
DASHLLVFTTDAKTHIALDGRLAGIVQPNDGQCHVGSDNHYSASTTMDYPSLGLMTEKLSQKNINLIFAVTENVVNLYQN
YSELIPGTTVGVLSMDSSNVLQLIVDAYGKIRSKVELEVRDLPEELSLSFNATCLNNEVIPGLKSCMGLKIGDTVSFSIE
AKVRGCPQEKEKSFTIKPVGFKDSLIVQVTFDCDCACQAQAEPNSHRCNNGNGTFECGVCR
;
B
3 'polypeptide(L)'
;EVQLQQSGAELVKPGASVKLSCTASGFNIKDTYVHWVKQRPEQGLEWIGRIDPANGYTKYDPKFQGKATITADTSSNTAY
LQLSSLTSEDTAVYYCVRPLYDYYAMDYWGQGTSVTVSSAKTTAPSVYPLAPVCGDTTGSSVTLGCLVKGYFPEPVTLTW
NSGSLSSGVHTFPAVLQSDLYTLSSSVTVTSSTWPSQSITCNVAHPASSTKVDKKIEPRGP
;
H
4 'polypeptide(L)'
;DILMTQSPSSMSVSLGDTVSITCHASQGISSNIGWLQQKPGKSFMGLIYYGTNLVDGVPSRFSGSGSGADYSLTISSLDS
EDFADYYCVQYAQLPYTFGGGTKLEIKRADAAPTVSIFPPSSEQLTSGGASVVCFLNNFYPKDINVKWKIDGSERQNGVL
NSWTDQDSKDSTYSMSSTLTLTKDEYERHNSYTCEATHKTSTSPIVKSFNRNEC
;
L
#
loop_
_chem_comp.id
_chem_comp.type
_chem_comp.name
_chem_comp.formula
CA non-polymer 'CALCIUM ION' 'Ca 2'
CAC non-polymer 'CACODYLATE ION' 'C2 H6 As O2 -1'
GOL non-polymer GLYCEROL 'C3 H8 O3'
MAN D-saccharide, alpha linking alpha-D-mannopyranose 'C6 H12 O6'
MG non-polymer 'MAGNESIUM ION' 'Mg 2'
NAG D-saccharide, beta linking 2-acetamido-2-deoxy-beta-D-glucopyranose 'C8 H15 N O6'
#
# COMPACT_ATOMS: atom_id res chain seq x y z
N LEU A 1 10.24 -5.83 -37.72
CA LEU A 1 10.47 -6.56 -39.00
C LEU A 1 11.83 -7.26 -39.03
N ASN A 2 12.82 -6.64 -38.39
CA ASN A 2 14.20 -7.10 -38.52
C ASN A 2 15.02 -7.03 -37.23
N LEU A 3 14.43 -7.51 -36.13
CA LEU A 3 15.21 -7.85 -34.94
C LEU A 3 15.78 -9.24 -35.17
N ASP A 4 17.07 -9.41 -34.92
CA ASP A 4 17.74 -10.68 -35.17
C ASP A 4 17.52 -11.64 -34.01
N PRO A 5 16.84 -12.78 -34.24
CA PRO A 5 16.55 -13.73 -33.16
C PRO A 5 17.65 -14.76 -32.90
N VAL A 6 18.58 -14.92 -33.84
CA VAL A 6 19.64 -15.93 -33.72
C VAL A 6 20.81 -15.41 -32.90
N GLN A 7 21.23 -14.18 -33.16
CA GLN A 7 22.37 -13.56 -32.49
C GLN A 7 21.91 -12.82 -31.23
N LEU A 8 21.44 -13.56 -30.23
CA LEU A 8 21.02 -12.95 -28.96
C LEU A 8 22.20 -12.65 -28.06
N THR A 9 21.98 -11.80 -27.07
CA THR A 9 22.93 -11.59 -25.99
C THR A 9 22.21 -11.80 -24.66
N PHE A 10 22.74 -12.69 -23.84
CA PHE A 10 22.17 -12.99 -22.54
C PHE A 10 23.00 -12.37 -21.41
N TYR A 11 22.35 -11.54 -20.60
CA TYR A 11 22.92 -11.06 -19.35
C TYR A 11 22.23 -11.82 -18.23
N ALA A 12 22.99 -12.22 -17.20
CA ALA A 12 22.47 -13.06 -16.12
C ALA A 12 22.75 -12.48 -14.73
N GLY A 13 21.79 -12.66 -13.82
CA GLY A 13 21.97 -12.34 -12.41
C GLY A 13 22.01 -13.61 -11.56
N PRO A 14 22.05 -13.46 -10.22
CA PRO A 14 22.06 -14.61 -9.31
C PRO A 14 20.72 -15.35 -9.25
N ASN A 15 20.76 -16.62 -8.86
CA ASN A 15 19.55 -17.42 -8.72
C ASN A 15 18.59 -16.82 -7.71
N GLY A 16 17.30 -16.87 -8.01
CA GLY A 16 16.26 -16.39 -7.13
C GLY A 16 16.25 -14.89 -6.90
N SER A 17 17.00 -14.16 -7.72
CA SER A 17 17.14 -12.70 -7.57
C SER A 17 16.09 -11.93 -8.38
N GLN A 18 15.45 -12.59 -9.33
CA GLN A 18 14.51 -11.94 -10.25
C GLN A 18 15.20 -10.85 -11.09
N PHE A 19 16.49 -11.06 -11.37
CA PHE A 19 17.24 -10.23 -12.31
C PHE A 19 16.43 -10.14 -13.62
N GLY A 20 16.03 -8.92 -13.97
CA GLY A 20 15.23 -8.68 -15.18
C GLY A 20 13.77 -8.36 -14.93
N PHE A 21 13.40 -8.21 -13.65
CA PHE A 21 12.03 -7.85 -13.28
C PHE A 21 11.70 -6.49 -13.89
N SER A 22 12.69 -5.61 -13.87
CA SER A 22 12.61 -4.29 -14.49
C SER A 22 13.94 -4.00 -15.18
N LEU A 23 13.89 -3.14 -16.19
CA LEU A 23 15.11 -2.73 -16.89
C LEU A 23 14.93 -1.41 -17.64
N ASP A 24 16.05 -0.81 -18.02
CA ASP A 24 16.03 0.39 -18.86
C ASP A 24 17.41 0.57 -19.49
N PHE A 25 17.43 1.31 -20.60
CA PHE A 25 18.69 1.74 -21.17
C PHE A 25 19.19 2.94 -20.37
N HIS A 26 20.49 2.96 -20.10
CA HIS A 26 21.12 4.10 -19.46
C HIS A 26 22.33 4.56 -20.26
N LYS A 27 22.42 5.87 -20.47
CA LYS A 27 23.48 6.48 -21.26
C LYS A 27 24.31 7.39 -20.36
N ASP A 28 25.63 7.19 -20.37
CA ASP A 28 26.54 8.02 -19.57
C ASP A 28 26.83 9.36 -20.27
N SER A 29 27.61 10.21 -19.61
CA SER A 29 27.92 11.55 -20.13
C SER A 29 28.63 11.50 -21.47
N HIS A 30 29.48 10.48 -21.67
CA HIS A 30 30.19 10.28 -22.93
C HIS A 30 29.26 9.85 -24.07
N GLY A 31 28.13 9.24 -23.70
CA GLY A 31 27.13 8.79 -24.68
C GLY A 31 27.05 7.29 -24.80
N ARG A 32 27.89 6.57 -24.07
CA ARG A 32 27.95 5.11 -24.13
C ARG A 32 26.73 4.49 -23.43
N VAL A 33 25.98 3.68 -24.17
CA VAL A 33 24.77 3.05 -23.65
C VAL A 33 25.10 1.78 -22.87
N ALA A 34 24.44 1.63 -21.73
CA ALA A 34 24.49 0.44 -20.89
C ALA A 34 23.06 0.05 -20.57
N ILE A 35 22.89 -1.04 -19.82
CA ILE A 35 21.56 -1.50 -19.43
C ILE A 35 21.46 -1.62 -17.92
N VAL A 36 20.48 -0.90 -17.35
CA VAL A 36 20.17 -1.01 -15.92
CA VAL A 36 20.20 -1.02 -15.93
C VAL A 36 19.18 -2.14 -15.72
N VAL A 37 19.51 -3.08 -14.83
CA VAL A 37 18.63 -4.21 -14.54
C VAL A 37 18.26 -4.21 -13.06
N GLY A 38 16.97 -4.31 -12.77
CA GLY A 38 16.48 -4.46 -11.40
C GLY A 38 16.35 -5.93 -11.05
N ALA A 39 16.76 -6.28 -9.84
CA ALA A 39 16.73 -7.66 -9.35
C ALA A 39 16.16 -7.68 -7.92
N PRO A 40 14.82 -7.54 -7.81
CA PRO A 40 14.17 -7.21 -6.54
C PRO A 40 14.26 -8.27 -5.43
N ARG A 41 14.71 -9.48 -5.73
CA ARG A 41 14.89 -10.50 -4.69
C ARG A 41 16.35 -10.87 -4.40
N THR A 42 17.29 -10.08 -4.93
CA THR A 42 18.70 -10.28 -4.63
C THR A 42 18.95 -10.27 -3.14
N LEU A 43 19.72 -11.25 -2.66
CA LEU A 43 20.14 -11.28 -1.27
C LEU A 43 21.09 -10.12 -0.99
N GLY A 44 20.90 -9.44 0.14
CA GLY A 44 21.83 -8.41 0.59
C GLY A 44 23.08 -9.03 1.18
N PRO A 45 23.94 -8.20 1.79
CA PRO A 45 25.21 -8.71 2.32
C PRO A 45 25.08 -9.59 3.58
N SER A 46 23.92 -9.55 4.23
CA SER A 46 23.65 -10.37 5.41
C SER A 46 22.69 -11.55 5.14
N GLN A 47 22.66 -12.01 3.90
CA GLN A 47 21.82 -13.14 3.46
C GLN A 47 20.31 -12.98 3.64
N GLU A 48 19.85 -11.72 3.69
CA GLU A 48 18.42 -11.43 3.76
C GLU A 48 18.03 -10.71 2.47
N GLU A 49 16.90 -11.08 1.89
CA GLU A 49 16.43 -10.47 0.64
C GLU A 49 16.18 -8.98 0.78
N THR A 50 16.89 -8.19 -0.02
CA THR A 50 16.69 -6.74 -0.08
C THR A 50 16.42 -6.25 -1.50
N GLY A 51 16.82 -7.05 -2.50
CA GLY A 51 16.83 -6.61 -3.88
C GLY A 51 18.13 -5.89 -4.21
N GLY A 52 18.35 -5.65 -5.49
CA GLY A 52 19.55 -4.93 -5.93
C GLY A 52 19.44 -4.49 -7.38
N VAL A 53 20.34 -3.60 -7.77
CA VAL A 53 20.40 -3.09 -9.13
C VAL A 53 21.77 -3.38 -9.74
N PHE A 54 21.77 -3.72 -11.02
CA PHE A 54 23.00 -4.00 -11.76
C PHE A 54 23.10 -3.10 -12.98
N LEU A 55 24.31 -2.62 -13.27
CA LEU A 55 24.55 -1.75 -14.43
C LEU A 55 25.43 -2.48 -15.45
N CYS A 56 24.79 -3.03 -16.48
CA CYS A 56 25.46 -3.87 -17.48
C CYS A 56 26.03 -3.02 -18.62
N PRO A 57 27.32 -3.17 -18.91
CA PRO A 57 27.89 -2.50 -20.08
C PRO A 57 27.65 -3.33 -21.33
N TRP A 58 27.48 -2.66 -22.47
CA TRP A 58 27.14 -3.37 -23.70
C TRP A 58 28.27 -4.30 -24.16
N ARG A 59 27.94 -5.58 -24.29
CA ARG A 59 28.83 -6.58 -24.89
C ARG A 59 28.00 -7.58 -25.71
N ALA A 60 28.53 -8.00 -26.86
CA ALA A 60 27.86 -9.01 -27.68
C ALA A 60 27.73 -10.33 -26.93
N GLU A 61 28.79 -10.69 -26.20
CA GLU A 61 28.82 -11.94 -25.42
C GLU A 61 27.99 -11.88 -24.13
N GLY A 62 27.70 -10.68 -23.66
CA GLY A 62 26.92 -10.52 -22.43
C GLY A 62 27.64 -11.10 -21.22
N GLY A 63 26.87 -11.68 -20.30
CA GLY A 63 27.42 -12.32 -19.11
C GLY A 63 27.00 -11.66 -17.81
N GLN A 64 27.90 -11.64 -16.84
CA GLN A 64 27.62 -11.08 -15.51
C GLN A 64 27.75 -9.56 -15.52
N CYS A 65 27.12 -8.91 -14.55
CA CYS A 65 27.15 -7.45 -14.44
C CYS A 65 27.59 -6.96 -13.06
N PRO A 66 28.15 -5.74 -12.99
CA PRO A 66 28.51 -5.14 -11.72
C PRO A 66 27.29 -4.57 -11.01
N SER A 67 27.28 -4.67 -9.68
CA SER A 67 26.18 -4.17 -8.88
C SER A 67 26.36 -2.66 -8.65
N LEU A 68 25.31 -1.91 -8.98
CA LEU A 68 25.23 -0.49 -8.62
C LEU A 68 24.87 -0.46 -7.14
N LEU A 69 25.87 -0.17 -6.31
CA LEU A 69 25.72 -0.32 -4.86
CA LEU A 69 25.74 -0.30 -4.85
C LEU A 69 24.80 0.74 -4.23
N PHE A 70 24.01 0.30 -3.25
CA PHE A 70 23.12 1.17 -2.50
C PHE A 70 23.18 0.79 -1.01
N ASP A 71 22.85 1.73 -0.14
CA ASP A 71 22.84 1.48 1.30
C ASP A 71 21.65 0.58 1.67
N LEU A 72 21.96 -0.64 2.11
CA LEU A 72 20.93 -1.59 2.54
C LEU A 72 20.82 -1.71 4.08
N ARG A 73 21.42 -0.77 4.82
CA ARG A 73 21.34 -0.78 6.28
C ARG A 73 20.09 -0.07 6.73
N ASP A 74 19.33 -0.68 7.64
CA ASP A 74 18.18 -0.04 8.26
C ASP A 74 18.62 1.18 9.06
N GLU A 75 17.72 2.15 9.20
CA GLU A 75 18.03 3.39 9.87
C GLU A 75 17.05 3.62 11.00
N THR A 76 17.53 4.27 12.05
CA THR A 76 16.72 4.64 13.20
C THR A 76 17.12 6.03 13.61
N ARG A 77 16.14 6.91 13.81
CA ARG A 77 16.40 8.26 14.28
C ARG A 77 15.46 8.63 15.41
N ASN A 78 16.05 8.94 16.56
CA ASN A 78 15.29 9.46 17.69
C ASN A 78 15.32 10.98 17.67
N VAL A 79 14.20 11.56 17.24
CA VAL A 79 14.10 13.00 17.04
C VAL A 79 12.67 13.49 17.30
N GLY A 80 12.55 14.66 17.91
CA GLY A 80 11.24 15.24 18.19
C GLY A 80 10.38 14.41 19.12
N SER A 81 11.04 13.76 20.08
CA SER A 81 10.38 12.81 21.00
C SER A 81 9.67 11.64 20.26
N GLN A 82 10.22 11.26 19.11
CA GLN A 82 9.71 10.16 18.33
C GLN A 82 10.87 9.27 17.91
N THR A 83 10.55 8.07 17.43
CA THR A 83 11.54 7.16 16.86
C THR A 83 11.14 6.81 15.43
N LEU A 84 11.90 7.33 14.48
CA LEU A 84 11.72 7.00 13.06
C LEU A 84 12.49 5.71 12.75
N GLN A 85 11.92 4.87 11.91
CA GLN A 85 12.52 3.57 11.56
C GLN A 85 12.32 3.25 10.08
N THR A 86 13.39 2.87 9.40
CA THR A 86 13.30 2.30 8.06
C THR A 86 13.60 0.79 8.10
N PHE A 87 12.89 0.03 7.28
CA PHE A 87 13.05 -1.42 7.24
C PHE A 87 13.24 -1.87 5.78
N LYS A 88 14.46 -2.27 5.43
CA LYS A 88 14.83 -2.56 4.05
C LYS A 88 14.75 -4.05 3.69
N ALA A 89 14.39 -4.90 4.67
CA ALA A 89 14.21 -6.33 4.42
C ALA A 89 12.99 -6.57 3.53
N ARG A 90 13.20 -7.35 2.47
CA ARG A 90 12.15 -7.70 1.50
CA ARG A 90 12.13 -7.71 1.52
C ARG A 90 11.59 -6.48 0.77
N GLN A 91 12.35 -5.39 0.77
CA GLN A 91 11.89 -4.12 0.18
C GLN A 91 11.70 -4.15 -1.34
N GLY A 92 12.34 -5.12 -2.00
CA GLY A 92 12.21 -5.27 -3.44
C GLY A 92 12.90 -4.17 -4.22
N LEU A 93 14.12 -3.82 -3.81
CA LEU A 93 14.91 -2.81 -4.51
C LEU A 93 15.13 -3.28 -5.93
N GLY A 94 14.68 -2.47 -6.90
CA GLY A 94 14.82 -2.82 -8.31
C GLY A 94 13.55 -3.42 -8.91
N ALA A 95 12.45 -3.35 -8.16
CA ALA A 95 11.14 -3.72 -8.70
C ALA A 95 10.77 -2.74 -9.82
N SER A 96 11.35 -1.55 -9.78
CA SER A 96 11.31 -0.62 -10.89
C SER A 96 12.64 0.12 -10.99
N VAL A 97 13.17 0.18 -12.21
CA VAL A 97 14.32 1.03 -12.49
C VAL A 97 13.99 1.92 -13.68
N VAL A 98 14.46 3.16 -13.63
CA VAL A 98 14.31 4.10 -14.74
C VAL A 98 15.56 4.98 -14.80
N SER A 99 15.93 5.37 -16.01
CA SER A 99 17.13 6.18 -16.23
C SER A 99 16.74 7.56 -16.73
N TRP A 100 17.53 8.57 -16.38
CA TRP A 100 17.32 9.92 -16.92
C TRP A 100 18.62 10.69 -16.86
N SER A 101 19.01 11.24 -18.01
CA SER A 101 20.30 11.90 -18.15
C SER A 101 21.39 11.00 -17.57
N ASP A 102 22.11 11.49 -16.57
CA ASP A 102 23.16 10.71 -15.93
C ASP A 102 22.72 10.13 -14.59
N VAL A 103 21.41 10.01 -14.39
CA VAL A 103 20.85 9.50 -13.14
C VAL A 103 20.08 8.20 -13.37
N ILE A 104 20.22 7.27 -12.41
CA ILE A 104 19.43 6.04 -12.37
C ILE A 104 18.55 6.10 -11.12
N VAL A 105 17.26 5.84 -11.27
CA VAL A 105 16.32 5.81 -10.16
C VAL A 105 15.79 4.39 -10.01
N ALA A 106 16.22 3.71 -8.94
CA ALA A 106 15.76 2.35 -8.64
C ALA A 106 14.90 2.41 -7.39
N CYS A 107 13.70 1.82 -7.43
CA CYS A 107 12.78 1.90 -6.28
C CYS A 107 12.55 0.56 -5.61
N ALA A 108 12.22 0.64 -4.32
CA ALA A 108 11.89 -0.51 -3.50
C ALA A 108 10.48 -0.27 -2.96
N PRO A 109 9.46 -0.74 -3.71
CA PRO A 109 8.06 -0.44 -3.39
C PRO A 109 7.60 -0.96 -2.02
N TRP A 110 8.23 -2.01 -1.52
CA TRP A 110 7.79 -2.63 -0.27
C TRP A 110 8.72 -2.35 0.91
N GLN A 111 9.59 -1.34 0.78
CA GLN A 111 10.35 -0.85 1.92
C GLN A 111 9.35 -0.39 2.99
N HIS A 112 9.52 -0.88 4.21
CA HIS A 112 8.61 -0.53 5.30
C HIS A 112 9.16 0.59 6.17
N TRP A 113 8.27 1.14 6.99
CA TRP A 113 8.51 2.36 7.73
C TRP A 113 7.60 2.38 8.95
N ASN A 114 8.11 2.85 10.07
CA ASN A 114 7.30 3.02 11.26
C ASN A 114 7.79 4.22 12.05
N VAL A 115 6.92 4.75 12.91
CA VAL A 115 7.29 5.83 13.82
C VAL A 115 6.72 5.49 15.19
N LEU A 116 7.58 5.32 16.18
CA LEU A 116 7.16 5.00 17.53
C LEU A 116 7.14 6.26 18.38
N GLU A 117 6.21 6.32 19.33
CA GLU A 117 6.10 7.43 20.27
C GLU A 117 5.44 6.92 21.55
N LYS A 118 6.26 6.71 22.58
CA LYS A 118 5.80 6.03 23.78
C LYS A 118 5.11 4.70 23.41
N THR A 119 3.88 4.45 23.88
CA THR A 119 3.22 3.17 23.61
C THR A 119 2.48 3.14 22.28
N GLU A 120 2.55 4.23 21.51
CA GLU A 120 1.85 4.33 20.22
C GLU A 120 2.80 4.27 19.02
N GLU A 121 2.23 4.02 17.85
CA GLU A 121 3.00 3.97 16.60
C GLU A 121 2.17 4.44 15.41
N ALA A 122 2.85 4.78 14.31
CA ALA A 122 2.17 5.04 13.04
C ALA A 122 1.67 3.74 12.42
N GLU A 123 2.37 2.64 12.70
CA GLU A 123 2.16 1.29 12.11
C GLU A 123 3.28 1.00 11.11
N LYS A 124 3.83 -0.20 11.18
CA LYS A 124 4.91 -0.63 10.30
C LYS A 124 4.30 -0.97 8.94
N THR A 125 4.48 -0.08 7.97
CA THR A 125 3.76 -0.17 6.68
C THR A 125 4.68 0.07 5.47
N PRO A 126 4.33 -0.47 4.29
CA PRO A 126 5.15 -0.32 3.09
C PRO A 126 4.92 0.99 2.34
N VAL A 127 5.57 2.05 2.82
CA VAL A 127 5.49 3.36 2.16
C VAL A 127 6.25 3.39 0.83
N GLY A 128 7.21 2.49 0.68
CA GLY A 128 8.06 2.47 -0.51
C GLY A 128 9.12 3.56 -0.45
N SER A 129 10.16 3.40 -1.26
CA SER A 129 11.22 4.40 -1.33
C SER A 129 12.02 4.21 -2.62
N CYS A 130 12.54 5.30 -3.16
CA CYS A 130 13.39 5.21 -4.36
C CYS A 130 14.80 5.66 -4.03
N PHE A 131 15.78 4.90 -4.54
CA PHE A 131 17.19 5.23 -4.41
C PHE A 131 17.68 5.84 -5.72
N LEU A 132 18.22 7.06 -5.63
CA LEU A 132 18.73 7.76 -6.81
C LEU A 132 20.25 7.68 -6.81
N ALA A 133 20.81 7.33 -7.98
CA ALA A 133 22.25 7.17 -8.14
C ALA A 133 22.74 7.91 -9.37
N GLN A 134 23.87 8.60 -9.22
CA GLN A 134 24.58 9.23 -10.33
C GLN A 134 25.94 8.52 -10.45
N PRO A 135 26.00 7.44 -11.27
CA PRO A 135 27.17 6.54 -11.32
C PRO A 135 28.53 7.19 -11.57
N GLU A 136 28.59 8.17 -12.47
CA GLU A 136 29.88 8.79 -12.84
C GLU A 136 30.44 9.74 -11.78
N SER A 137 29.63 10.13 -10.80
CA SER A 137 30.08 10.97 -9.69
C SER A 137 30.16 10.18 -8.38
N GLY A 138 29.24 9.24 -8.21
CA GLY A 138 29.14 8.46 -6.99
C GLY A 138 28.02 8.95 -6.09
N ARG A 139 27.43 10.09 -6.43
CA ARG A 139 26.41 10.70 -5.57
C ARG A 139 25.22 9.78 -5.42
N ARG A 140 24.67 9.76 -4.22
CA ARG A 140 23.47 8.97 -3.91
C ARG A 140 22.45 9.88 -3.24
N ALA A 141 21.18 9.64 -3.55
CA ALA A 141 20.07 10.30 -2.86
C ALA A 141 18.90 9.35 -2.76
N GLU A 142 17.95 9.68 -1.89
CA GLU A 142 16.73 8.89 -1.74
C GLU A 142 15.50 9.79 -1.86
N TYR A 143 14.36 9.17 -2.10
CA TYR A 143 13.09 9.88 -2.16
C TYR A 143 12.03 8.92 -1.66
N SER A 144 11.25 9.37 -0.69
CA SER A 144 10.27 8.51 -0.02
C SER A 144 9.12 9.40 0.45
N PRO A 145 8.30 9.87 -0.50
CA PRO A 145 7.31 10.93 -0.22
C PRO A 145 6.10 10.52 0.62
N CYS A 146 5.97 9.24 0.95
CA CYS A 146 4.80 8.77 1.70
C CYS A 146 5.07 8.54 3.19
N ARG A 147 6.32 8.68 3.61
CA ARG A 147 6.65 8.61 5.03
C ARG A 147 5.96 9.73 5.78
N GLY A 148 5.45 9.42 6.97
CA GLY A 148 4.90 10.45 7.85
C GLY A 148 5.31 10.23 9.30
N ASN A 149 4.92 11.17 10.17
CA ASN A 149 5.13 11.00 11.60
C ASN A 149 3.84 11.07 12.38
N THR A 150 2.71 10.80 11.71
CA THR A 150 1.39 10.80 12.33
C THR A 150 1.13 9.44 12.97
N LEU A 151 0.58 9.44 14.17
CA LEU A 151 0.34 8.21 14.91
C LEU A 151 -0.97 7.54 14.47
N SER A 152 -1.07 6.25 14.80
CA SER A 152 -2.20 5.38 14.43
C SER A 152 -3.55 5.99 14.76
N ARG A 153 -3.69 6.46 16.00
CA ARG A 153 -4.96 6.95 16.52
C ARG A 153 -5.54 8.11 15.70
N ILE A 154 -4.67 9.01 15.24
CA ILE A 154 -5.13 10.21 14.54
C ILE A 154 -5.79 9.86 13.21
N TYR A 155 -5.28 8.83 12.54
CA TYR A 155 -5.90 8.34 11.31
C TYR A 155 -7.32 7.84 11.58
N VAL A 156 -7.48 7.03 12.63
CA VAL A 156 -8.80 6.54 13.05
C VAL A 156 -9.75 7.71 13.32
N GLU A 157 -9.25 8.71 14.05
CA GLU A 157 -10.03 9.90 14.42
C GLU A 157 -10.42 10.76 13.24
N ASN A 158 -9.75 10.58 12.09
CA ASN A 158 -10.08 11.34 10.89
C ASN A 158 -10.51 10.45 9.71
N ASP A 159 -11.10 9.31 10.03
CA ASP A 159 -11.64 8.39 9.02
C ASP A 159 -10.62 8.05 7.93
N PHE A 160 -9.37 7.82 8.32
CA PHE A 160 -8.34 7.34 7.41
C PHE A 160 -8.15 8.18 6.14
N SER A 161 -8.33 9.49 6.28
CA SER A 161 -8.10 10.41 5.18
C SER A 161 -6.62 10.68 5.03
N TRP A 162 -6.20 10.94 3.79
CA TRP A 162 -4.81 11.24 3.46
C TRP A 162 -3.85 10.24 4.08
N ASP A 163 -4.21 8.97 4.00
CA ASP A 163 -3.45 7.88 4.60
C ASP A 163 -2.46 7.36 3.56
N LYS A 164 -1.19 7.74 3.73
CA LYS A 164 -0.16 7.37 2.76
C LYS A 164 0.72 6.22 3.26
N ARG A 165 0.28 5.54 4.31
CA ARG A 165 1.10 4.52 4.96
C ARG A 165 1.41 3.32 4.06
N TYR A 166 0.53 3.05 3.10
CA TYR A 166 0.63 1.84 2.26
C TYR A 166 0.92 2.19 0.79
N CYS A 167 1.42 3.40 0.54
CA CYS A 167 1.70 3.89 -0.82
C CYS A 167 2.35 2.91 -1.77
N GLU A 168 3.44 2.29 -1.31
CA GLU A 168 4.36 1.55 -2.16
C GLU A 168 4.89 2.45 -3.28
N ALA A 169 5.39 3.62 -2.89
CA ALA A 169 5.95 4.59 -3.84
C ALA A 169 7.06 3.94 -4.66
N GLY A 170 7.04 4.19 -5.97
CA GLY A 170 8.02 3.59 -6.87
C GLY A 170 7.60 2.23 -7.42
N PHE A 171 6.38 1.80 -7.08
CA PHE A 171 5.76 0.62 -7.69
C PHE A 171 5.89 0.76 -9.21
N SER A 172 5.47 1.91 -9.74
CA SER A 172 5.78 2.29 -11.11
C SER A 172 6.50 3.63 -11.07
N SER A 173 7.21 3.96 -12.15
CA SER A 173 7.92 5.23 -12.22
C SER A 173 8.21 5.65 -13.66
N VAL A 174 8.40 6.94 -13.86
CA VAL A 174 8.76 7.52 -15.16
C VAL A 174 9.37 8.89 -14.88
N VAL A 175 10.19 9.38 -15.80
CA VAL A 175 10.81 10.70 -15.69
C VAL A 175 10.49 11.48 -16.95
N THR A 176 10.16 12.78 -16.81
CA THR A 176 9.96 13.63 -17.97
C THR A 176 11.33 14.03 -18.52
N GLN A 177 11.33 14.64 -19.71
N GLN A 177 11.34 14.64 -19.71
CA GLN A 177 12.56 15.11 -20.34
CA GLN A 177 12.59 15.09 -20.33
C GLN A 177 13.24 16.22 -19.53
C GLN A 177 13.24 16.23 -19.53
N ALA A 178 12.43 17.06 -18.88
CA ALA A 178 12.94 18.15 -18.04
C ALA A 178 13.61 17.65 -16.76
N GLY A 179 13.25 16.44 -16.32
CA GLY A 179 13.81 15.86 -15.11
C GLY A 179 12.87 15.80 -13.91
N GLU A 180 11.56 15.81 -14.17
CA GLU A 180 10.57 15.54 -13.12
C GLU A 180 10.40 14.03 -12.97
N LEU A 181 10.72 13.52 -11.78
CA LEU A 181 10.47 12.13 -11.44
C LEU A 181 9.01 12.04 -11.05
N VAL A 182 8.30 11.07 -11.64
CA VAL A 182 6.90 10.83 -11.31
C VAL A 182 6.79 9.38 -10.87
N LEU A 183 6.28 9.16 -9.66
CA LEU A 183 6.16 7.82 -9.10
C LEU A 183 4.71 7.41 -8.94
N GLY A 184 4.41 6.16 -9.29
CA GLY A 184 3.11 5.55 -9.00
C GLY A 184 3.13 4.90 -7.63
N ALA A 185 2.12 5.21 -6.82
CA ALA A 185 1.96 4.64 -5.49
C ALA A 185 0.54 4.11 -5.37
N PRO A 186 0.30 2.88 -5.85
CA PRO A 186 -1.06 2.35 -5.96
C PRO A 186 -1.74 2.02 -4.63
N GLY A 187 -0.95 1.91 -3.57
CA GLY A 187 -1.51 1.74 -2.24
C GLY A 187 -1.85 3.05 -1.55
N GLY A 188 -1.63 4.16 -2.24
CA GLY A 188 -1.88 5.49 -1.69
C GLY A 188 -3.31 5.73 -1.26
N TYR A 189 -3.49 6.56 -0.24
CA TYR A 189 -4.80 6.97 0.24
C TYR A 189 -5.71 5.77 0.49
N TYR A 190 -5.21 4.86 1.31
CA TYR A 190 -5.89 3.60 1.64
C TYR A 190 -6.29 2.81 0.41
N PHE A 191 -5.31 2.59 -0.47
CA PHE A 191 -5.42 1.72 -1.65
C PHE A 191 -6.19 2.29 -2.83
N LEU A 192 -6.53 3.58 -2.79
CA LEU A 192 -7.01 4.27 -3.99
C LEU A 192 -5.85 4.38 -4.98
N GLY A 193 -4.73 4.87 -4.48
CA GLY A 193 -3.53 5.07 -5.29
C GLY A 193 -3.26 6.57 -5.46
N LEU A 194 -1.99 6.93 -5.54
CA LEU A 194 -1.59 8.31 -5.78
C LEU A 194 -0.35 8.40 -6.65
N LEU A 195 -0.07 9.59 -7.13
CA LEU A 195 1.19 9.89 -7.82
C LEU A 195 1.96 10.95 -7.04
N ALA A 196 3.28 10.79 -6.99
CA ALA A 196 4.15 11.78 -6.37
C ALA A 196 5.19 12.21 -7.40
N GLN A 197 5.34 13.53 -7.59
CA GLN A 197 6.31 14.04 -8.52
C GLN A 197 7.25 15.02 -7.82
N ALA A 198 8.48 15.09 -8.31
CA ALA A 198 9.47 16.03 -7.80
C ALA A 198 10.62 16.10 -8.79
N PRO A 199 11.25 17.28 -8.92
CA PRO A 199 12.39 17.38 -9.84
C PRO A 199 13.56 16.57 -9.32
N VAL A 200 14.21 15.82 -10.20
CA VAL A 200 15.35 14.98 -9.82
C VAL A 200 16.43 15.82 -9.12
N ALA A 201 16.71 17.00 -9.68
CA ALA A 201 17.66 17.94 -9.10
C ALA A 201 17.35 18.30 -7.65
N ASP A 202 16.06 18.48 -7.36
CA ASP A 202 15.60 18.87 -6.03
C ASP A 202 15.56 17.70 -5.05
N ILE A 203 15.38 16.48 -5.56
CA ILE A 203 15.51 15.30 -4.74
C ILE A 203 16.95 15.21 -4.23
N PHE A 204 17.91 15.30 -5.16
CA PHE A 204 19.34 15.26 -4.81
C PHE A 204 19.80 16.38 -3.87
N SER A 205 19.33 17.60 -4.10
CA SER A 205 19.82 18.74 -3.31
C SER A 205 19.21 18.82 -1.90
N SER A 206 18.05 18.20 -1.70
CA SER A 206 17.38 18.25 -0.40
C SER A 206 17.62 17.00 0.46
N TYR A 207 18.35 16.03 -0.06
CA TYR A 207 18.59 14.78 0.66
C TYR A 207 19.92 14.82 1.42
N ARG A 208 19.87 14.40 2.68
CA ARG A 208 21.06 14.10 3.46
C ARG A 208 20.82 12.79 4.20
N PRO A 209 21.87 11.97 4.36
CA PRO A 209 21.67 10.68 5.02
C PRO A 209 21.36 10.82 6.49
N GLY A 210 20.42 10.01 6.98
CA GLY A 210 20.10 9.96 8.41
C GLY A 210 18.90 10.78 8.86
N ILE A 211 18.43 11.68 8.00
CA ILE A 211 17.33 12.59 8.34
C ILE A 211 15.99 11.85 8.34
N LEU A 212 15.75 11.08 7.27
CA LEU A 212 14.59 10.17 7.12
C LEU A 212 13.25 10.89 6.83
N LEU A 213 12.93 11.95 7.56
CA LEU A 213 11.79 12.79 7.19
C LEU A 213 12.29 14.17 6.79
N TRP A 214 12.31 14.45 5.50
CA TRP A 214 12.75 15.75 5.02
C TRP A 214 11.78 16.31 3.97
N HIS A 215 11.91 17.61 3.69
CA HIS A 215 11.03 18.29 2.76
C HIS A 215 11.67 18.43 1.38
N VAL A 216 10.89 18.10 0.35
CA VAL A 216 11.23 18.45 -1.03
C VAL A 216 10.18 19.46 -1.49
N SER A 217 10.51 20.74 -1.33
CA SER A 217 9.54 21.83 -1.47
C SER A 217 8.85 21.87 -2.82
N SER A 218 9.55 21.43 -3.87
CA SER A 218 9.00 21.44 -5.21
C SER A 218 8.12 20.22 -5.53
N GLN A 219 7.98 19.31 -4.58
CA GLN A 219 7.21 18.08 -4.83
C GLN A 219 5.72 18.36 -4.87
N SER A 220 5.00 17.47 -5.52
CA SER A 220 3.56 17.62 -5.75
C SER A 220 2.92 16.23 -5.75
N LEU A 221 1.93 16.03 -4.88
CA LEU A 221 1.25 14.75 -4.77
C LEU A 221 -0.21 14.87 -5.23
N SER A 222 -0.75 13.80 -5.79
CA SER A 222 -2.16 13.75 -6.22
C SER A 222 -3.06 13.69 -5.00
N PHE A 223 -4.38 13.55 -5.22
CA PHE A 223 -5.36 13.79 -4.16
C PHE A 223 -6.13 12.56 -3.74
N ASP A 224 -6.60 12.60 -2.49
CA ASP A 224 -7.48 11.59 -1.91
C ASP A 224 -8.89 11.86 -2.44
N SER A 225 -9.74 10.84 -2.40
CA SER A 225 -11.11 10.97 -2.90
C SER A 225 -12.09 10.15 -2.08
N SER A 226 -13.34 10.62 -2.05
CA SER A 226 -14.43 9.91 -1.41
C SER A 226 -15.39 9.33 -2.45
N ASN A 227 -14.98 9.39 -3.72
CA ASN A 227 -15.71 8.77 -4.82
C ASN A 227 -15.44 7.27 -4.81
N PRO A 228 -16.47 6.44 -4.54
CA PRO A 228 -16.23 5.00 -4.44
C PRO A 228 -15.67 4.33 -5.70
N GLU A 229 -15.83 4.97 -6.85
CA GLU A 229 -15.25 4.49 -8.10
C GLU A 229 -13.73 4.32 -8.01
N TYR A 230 -13.08 5.16 -7.19
CA TYR A 230 -11.63 5.12 -7.04
C TYR A 230 -11.15 4.13 -5.96
N PHE A 231 -12.06 3.65 -5.11
CA PHE A 231 -11.65 2.76 -4.01
C PHE A 231 -11.01 1.50 -4.56
N ASP A 232 -9.84 1.15 -4.03
CA ASP A 232 -9.11 -0.06 -4.42
C ASP A 232 -8.77 -0.09 -5.91
N GLY A 233 -8.64 1.09 -6.53
CA GLY A 233 -8.38 1.19 -7.97
C GLY A 233 -6.93 0.99 -8.37
N TYR A 234 -6.03 1.02 -7.39
CA TYR A 234 -4.59 0.93 -7.62
C TYR A 234 -4.14 1.92 -8.69
N TRP A 235 -4.63 3.14 -8.54
CA TRP A 235 -4.30 4.25 -9.41
C TRP A 235 -2.80 4.54 -9.28
N GLY A 236 -2.05 4.23 -10.32
CA GLY A 236 -0.58 4.30 -10.29
C GLY A 236 0.12 2.96 -10.38
N TYR A 237 -0.65 1.90 -10.65
CA TYR A 237 -0.08 0.57 -10.89
C TYR A 237 0.90 0.68 -12.06
N SER A 238 0.55 1.52 -13.03
CA SER A 238 1.45 1.87 -14.14
C SER A 238 1.36 3.35 -14.40
N VAL A 239 2.44 3.92 -14.93
CA VAL A 239 2.52 5.36 -15.19
C VAL A 239 3.33 5.62 -16.46
N ALA A 240 3.01 6.70 -17.16
CA ALA A 240 3.74 7.12 -18.37
C ALA A 240 3.50 8.60 -18.64
N VAL A 241 4.29 9.19 -19.54
CA VAL A 241 4.14 10.60 -19.89
C VAL A 241 4.08 10.83 -21.40
N GLY A 242 3.55 11.98 -21.80
CA GLY A 242 3.41 12.32 -23.21
C GLY A 242 2.74 13.65 -23.43
N GLU A 243 2.42 13.94 -24.69
CA GLU A 243 1.82 15.22 -25.08
C GLU A 243 0.42 14.97 -25.63
N PHE A 244 -0.59 15.41 -24.89
CA PHE A 244 -1.98 15.11 -25.22
C PHE A 244 -2.95 16.30 -25.21
N ASP A 245 -2.46 17.51 -24.93
CA ASP A 245 -3.32 18.70 -24.93
C ASP A 245 -2.87 19.80 -25.91
N GLY A 246 -1.95 19.47 -26.82
CA GLY A 246 -1.50 20.41 -27.85
C GLY A 246 -0.46 21.41 -27.40
N ASP A 247 -0.52 21.82 -26.14
CA ASP A 247 0.43 22.77 -25.57
C ASP A 247 1.77 22.07 -25.29
N LEU A 248 2.78 22.37 -26.10
CA LEU A 248 4.10 21.76 -25.95
C LEU A 248 4.82 22.19 -24.66
N ASN A 249 4.39 23.32 -24.08
CA ASN A 249 5.00 23.82 -22.84
C ASN A 249 4.67 22.96 -21.62
N THR A 250 3.53 22.28 -21.65
CA THR A 250 3.07 21.47 -20.54
C THR A 250 3.19 19.98 -20.87
N THR A 251 3.31 19.16 -19.82
CA THR A 251 3.46 17.72 -20.00
C THR A 251 2.29 16.99 -19.35
N GLU A 252 1.73 16.01 -20.07
CA GLU A 252 0.61 15.23 -19.58
C GLU A 252 1.10 13.90 -19.04
N TYR A 253 0.43 13.41 -18.01
CA TYR A 253 0.74 12.13 -17.39
C TYR A 253 -0.36 11.12 -17.68
N VAL A 254 0.05 9.88 -17.94
CA VAL A 254 -0.89 8.79 -18.13
C VAL A 254 -0.80 7.84 -16.93
N VAL A 255 -1.93 7.63 -16.25
CA VAL A 255 -1.96 6.75 -15.07
C VAL A 255 -2.87 5.54 -15.30
N GLY A 256 -2.36 4.36 -14.94
CA GLY A 256 -3.13 3.13 -15.00
C GLY A 256 -3.78 2.82 -13.66
N ALA A 257 -5.09 2.57 -13.68
CA ALA A 257 -5.84 2.17 -12.49
C ALA A 257 -6.59 0.88 -12.84
N PRO A 258 -5.88 -0.27 -12.83
CA PRO A 258 -6.42 -1.54 -13.32
C PRO A 258 -7.61 -2.14 -12.57
N THR A 259 -7.85 -1.71 -11.33
CA THR A 259 -8.99 -2.21 -10.56
C THR A 259 -10.00 -1.11 -10.26
N TRP A 260 -9.89 0.00 -11.00
CA TRP A 260 -10.77 1.16 -10.85
C TRP A 260 -12.23 0.77 -11.05
N SER A 261 -13.12 1.43 -10.31
CA SER A 261 -14.56 1.17 -10.37
C SER A 261 -14.90 -0.32 -10.31
N TRP A 262 -14.68 -0.93 -9.15
CA TRP A 262 -15.08 -2.32 -8.91
C TRP A 262 -14.48 -3.26 -9.95
N THR A 263 -13.17 -3.10 -10.17
CA THR A 263 -12.39 -3.95 -11.08
C THR A 263 -12.74 -3.79 -12.57
N LEU A 264 -13.47 -2.75 -12.93
CA LEU A 264 -13.68 -2.43 -14.35
C LEU A 264 -12.36 -1.99 -14.98
N GLY A 265 -11.55 -1.23 -14.22
CA GLY A 265 -10.26 -0.79 -14.70
C GLY A 265 -10.35 0.49 -15.50
N ALA A 266 -9.29 1.29 -15.48
CA ALA A 266 -9.28 2.57 -16.16
C ALA A 266 -7.86 3.10 -16.34
N VAL A 267 -7.71 3.97 -17.33
CA VAL A 267 -6.49 4.72 -17.55
C VAL A 267 -6.88 6.19 -17.69
N GLU A 268 -6.10 7.08 -17.07
CA GLU A 268 -6.43 8.51 -17.09
C GLU A 268 -5.29 9.35 -17.69
N ILE A 269 -5.66 10.34 -18.51
CA ILE A 269 -4.72 11.32 -19.05
C ILE A 269 -4.88 12.62 -18.28
N LEU A 270 -3.83 13.04 -17.59
CA LEU A 270 -3.90 14.17 -16.66
C LEU A 270 -2.89 15.25 -17.03
N ASP A 271 -3.14 16.48 -16.59
CA ASP A 271 -2.12 17.53 -16.66
C ASP A 271 -1.18 17.38 -15.46
N SER A 272 -0.14 18.21 -15.41
CA SER A 272 0.87 18.09 -14.36
C SER A 272 0.39 18.56 -12.98
N TYR A 273 -0.78 19.18 -12.93
CA TYR A 273 -1.45 19.52 -11.67
C TYR A 273 -2.40 18.40 -11.20
N TYR A 274 -2.43 17.29 -11.94
CA TYR A 274 -3.27 16.13 -11.64
C TYR A 274 -4.76 16.36 -11.87
N GLN A 275 -5.11 17.25 -12.80
CA GLN A 275 -6.50 17.41 -13.22
C GLN A 275 -6.76 16.46 -14.38
N ARG A 276 -7.90 15.77 -14.33
CA ARG A 276 -8.24 14.83 -15.39
C ARG A 276 -8.55 15.54 -16.69
N LEU A 277 -7.90 15.10 -17.76
CA LEU A 277 -8.21 15.56 -19.12
C LEU A 277 -9.10 14.53 -19.82
N HIS A 278 -8.78 13.26 -19.68
N HIS A 278 -8.73 13.26 -19.72
CA HIS A 278 -9.64 12.21 -20.21
CA HIS A 278 -9.51 12.15 -20.30
C HIS A 278 -9.51 10.92 -19.41
C HIS A 278 -9.54 10.95 -19.35
N ARG A 279 -10.57 10.11 -19.46
CA ARG A 279 -10.58 8.80 -18.80
C ARG A 279 -10.97 7.73 -19.81
N LEU A 280 -10.16 6.68 -19.88
CA LEU A 280 -10.44 5.55 -20.72
C LEU A 280 -10.89 4.42 -19.81
N ARG A 281 -12.13 3.95 -20.04
CA ARG A 281 -12.72 2.91 -19.21
C ARG A 281 -12.37 1.53 -19.76
N GLY A 282 -12.20 0.57 -18.85
CA GLY A 282 -11.95 -0.81 -19.24
C GLY A 282 -13.17 -1.45 -19.87
N GLU A 283 -12.94 -2.49 -20.67
CA GLU A 283 -13.97 -3.14 -21.45
C GLU A 283 -14.66 -4.26 -20.66
N GLN A 284 -13.91 -4.93 -19.79
CA GLN A 284 -14.37 -6.15 -19.13
C GLN A 284 -13.74 -6.27 -17.75
N MET A 285 -14.56 -6.61 -16.75
CA MET A 285 -14.11 -6.67 -15.37
C MET A 285 -13.02 -7.72 -15.16
N ALA A 286 -12.08 -7.41 -14.28
CA ALA A 286 -10.95 -8.27 -13.92
C ALA A 286 -9.92 -8.46 -15.04
N SER A 287 -10.08 -7.75 -16.15
CA SER A 287 -9.14 -7.87 -17.27
C SER A 287 -7.82 -7.16 -16.99
N TYR A 288 -7.78 -6.37 -15.91
CA TYR A 288 -6.60 -5.57 -15.55
C TYR A 288 -6.22 -4.55 -16.63
N PHE A 289 -7.25 -3.96 -17.24
CA PHE A 289 -7.09 -2.84 -18.14
C PHE A 289 -6.38 -1.73 -17.40
N GLY A 290 -5.13 -1.46 -17.78
CA GLY A 290 -4.29 -0.47 -17.10
C GLY A 290 -3.05 -1.06 -16.43
N HIS A 291 -2.87 -2.37 -16.55
CA HIS A 291 -1.67 -3.05 -16.09
C HIS A 291 -0.45 -2.44 -16.78
N SER A 292 -0.61 -2.13 -18.06
CA SER A 292 0.45 -1.53 -18.87
CA SER A 292 0.44 -1.52 -18.86
C SER A 292 -0.09 -0.36 -19.70
N VAL A 293 0.71 0.70 -19.78
CA VAL A 293 0.39 1.85 -20.61
C VAL A 293 1.65 2.22 -21.41
N ALA A 294 1.47 2.56 -22.68
CA ALA A 294 2.58 3.01 -23.52
C ALA A 294 2.16 4.20 -24.39
N VAL A 295 3.09 5.14 -24.56
CA VAL A 295 2.85 6.35 -25.34
C VAL A 295 3.88 6.46 -26.46
N THR A 296 3.38 6.56 -27.70
CA THR A 296 4.25 6.73 -28.87
C THR A 296 3.38 7.09 -30.08
N ASP A 297 3.89 7.96 -30.96
CA ASP A 297 3.20 8.28 -32.21
C ASP A 297 3.46 7.17 -33.21
N VAL A 298 2.43 6.39 -33.53
CA VAL A 298 2.56 5.23 -34.41
C VAL A 298 2.07 5.47 -35.85
N ASN A 299 1.20 6.46 -36.04
CA ASN A 299 0.65 6.76 -37.38
C ASN A 299 1.31 7.95 -38.08
N GLY A 300 2.44 8.42 -37.55
CA GLY A 300 3.29 9.38 -38.25
C GLY A 300 2.76 10.79 -38.41
N ASP A 301 1.75 11.17 -37.64
CA ASP A 301 1.18 12.52 -37.73
C ASP A 301 1.78 13.49 -36.70
N GLY A 302 2.71 12.98 -35.87
CA GLY A 302 3.39 13.80 -34.87
C GLY A 302 2.60 13.99 -33.59
N ARG A 303 1.51 13.26 -33.44
CA ARG A 303 0.68 13.31 -32.25
C ARG A 303 0.81 12.00 -31.50
N HIS A 304 1.21 12.07 -30.23
CA HIS A 304 1.39 10.87 -29.40
C HIS A 304 0.10 10.06 -29.31
N ASP A 305 0.21 8.76 -29.57
CA ASP A 305 -0.91 7.84 -29.41
C ASP A 305 -0.77 7.12 -28.07
N LEU A 306 -1.85 6.46 -27.66
CA LEU A 306 -1.88 5.77 -26.37
C LEU A 306 -2.15 4.29 -26.55
N LEU A 307 -1.40 3.46 -25.83
CA LEU A 307 -1.60 2.01 -25.83
C LEU A 307 -1.84 1.55 -24.41
N VAL A 308 -2.94 0.82 -24.20
CA VAL A 308 -3.27 0.25 -22.89
C VAL A 308 -3.36 -1.27 -23.00
N GLY A 309 -2.81 -1.97 -22.02
CA GLY A 309 -2.87 -3.43 -21.96
C GLY A 309 -3.81 -3.96 -20.90
N ALA A 310 -4.57 -5.00 -21.27
CA ALA A 310 -5.47 -5.71 -20.36
C ALA A 310 -5.15 -7.19 -20.47
N PRO A 311 -4.11 -7.65 -19.75
CA PRO A 311 -3.58 -9.01 -19.92
C PRO A 311 -4.49 -10.16 -19.46
N LEU A 312 -5.53 -9.89 -18.69
CA LEU A 312 -6.45 -10.95 -18.29
C LEU A 312 -7.81 -10.87 -19.01
N TYR A 313 -7.85 -10.14 -20.13
CA TYR A 313 -9.07 -10.04 -20.94
C TYR A 313 -9.48 -11.41 -21.46
N MET A 314 -10.71 -11.81 -21.16
CA MET A 314 -11.27 -13.06 -21.65
C MET A 314 -12.07 -12.83 -22.92
N GLU A 315 -11.66 -13.52 -23.99
CA GLU A 315 -12.26 -13.37 -25.31
C GLU A 315 -13.46 -14.30 -25.46
N SER A 316 -14.47 -13.85 -26.21
CA SER A 316 -15.64 -14.69 -26.49
C SER A 316 -15.30 -15.75 -27.53
N ARG A 317 -15.89 -16.94 -27.38
CA ARG A 317 -15.68 -18.06 -28.31
C ARG A 317 -16.96 -18.90 -28.44
N ALA A 318 -16.92 -19.89 -29.33
CA ALA A 318 -18.10 -20.73 -29.63
C ALA A 318 -18.79 -21.30 -28.38
N ASP A 319 -20.12 -21.34 -28.42
CA ASP A 319 -20.97 -21.84 -27.32
C ASP A 319 -20.83 -21.06 -26.01
N ARG A 320 -20.84 -19.73 -26.12
CA ARG A 320 -20.84 -18.81 -24.97
C ARG A 320 -19.60 -18.92 -24.05
N LYS A 321 -18.55 -19.59 -24.51
CA LYS A 321 -17.38 -19.86 -23.68
C LYS A 321 -16.35 -18.75 -23.79
N LEU A 322 -15.78 -18.37 -22.64
CA LEU A 322 -14.79 -17.31 -22.57
C LEU A 322 -13.38 -17.91 -22.48
N ALA A 323 -12.38 -17.14 -22.90
CA ALA A 323 -11.00 -17.60 -22.94
C ALA A 323 -10.03 -16.47 -22.63
N GLU A 324 -9.42 -16.52 -21.45
CA GLU A 324 -8.42 -15.54 -21.04
C GLU A 324 -7.22 -15.57 -21.99
N VAL A 325 -7.03 -14.48 -22.73
CA VAL A 325 -5.90 -14.36 -23.65
C VAL A 325 -5.11 -13.04 -23.53
N GLY A 326 -5.74 -12.00 -22.98
CA GLY A 326 -5.15 -10.67 -22.94
C GLY A 326 -5.56 -9.82 -24.14
N ARG A 327 -5.56 -8.50 -23.96
CA ARG A 327 -5.84 -7.57 -25.07
C ARG A 327 -5.09 -6.24 -24.92
N VAL A 328 -4.77 -5.61 -26.05
CA VAL A 328 -4.15 -4.29 -26.08
C VAL A 328 -5.03 -3.34 -26.89
N TYR A 329 -5.16 -2.12 -26.40
CA TYR A 329 -6.03 -1.12 -27.01
C TYR A 329 -5.18 0.02 -27.54
N LEU A 330 -5.33 0.31 -28.83
CA LEU A 330 -4.66 1.44 -29.46
C LEU A 330 -5.63 2.62 -29.54
N PHE A 331 -5.18 3.78 -29.06
CA PHE A 331 -5.94 5.02 -29.16
C PHE A 331 -5.12 6.06 -29.89
N LEU A 332 -5.50 6.38 -31.14
CA LEU A 332 -4.83 7.42 -31.91
C LEU A 332 -5.35 8.79 -31.47
N GLN A 333 -4.46 9.77 -31.42
CA GLN A 333 -4.82 11.12 -30.97
C GLN A 333 -5.26 11.93 -32.17
N PRO A 334 -6.49 12.49 -32.13
CA PRO A 334 -6.99 13.31 -33.22
C PRO A 334 -6.41 14.73 -33.23
N ARG A 335 -6.84 15.54 -34.19
N ARG A 335 -6.83 15.54 -34.18
CA ARG A 335 -6.38 16.92 -34.34
CA ARG A 335 -6.37 16.92 -34.32
C ARG A 335 -7.24 17.90 -33.53
C ARG A 335 -7.24 17.90 -33.55
N GLY A 336 -6.66 19.03 -33.18
CA GLY A 336 -7.40 20.11 -32.50
C GLY A 336 -7.74 19.81 -31.05
N PRO A 337 -8.58 20.67 -30.43
CA PRO A 337 -9.03 20.46 -29.06
C PRO A 337 -10.11 19.38 -28.99
N HIS A 338 -9.70 18.13 -29.23
CA HIS A 338 -10.60 16.97 -29.22
C HIS A 338 -10.04 15.90 -28.29
N ALA A 339 -10.93 15.19 -27.62
CA ALA A 339 -10.53 14.11 -26.72
C ALA A 339 -10.21 12.85 -27.52
N LEU A 340 -9.64 11.86 -26.83
CA LEU A 340 -9.40 10.55 -27.43
C LEU A 340 -10.73 9.84 -27.52
N GLY A 341 -10.95 9.12 -28.63
CA GLY A 341 -12.20 8.44 -28.89
C GLY A 341 -12.14 6.97 -28.52
N ALA A 342 -12.88 6.16 -29.27
CA ALA A 342 -12.86 4.72 -29.10
C ALA A 342 -11.57 4.18 -29.70
N PRO A 343 -11.22 2.93 -29.35
CA PRO A 343 -9.96 2.36 -29.84
C PRO A 343 -9.91 2.30 -31.37
N SER A 344 -8.78 2.69 -31.95
CA SER A 344 -8.57 2.57 -33.39
C SER A 344 -8.29 1.13 -33.77
N LEU A 345 -7.76 0.36 -32.82
CA LEU A 345 -7.43 -1.04 -33.05
C LEU A 345 -7.45 -1.82 -31.74
N LEU A 346 -8.00 -3.03 -31.78
CA LEU A 346 -7.91 -3.97 -30.68
C LEU A 346 -7.04 -5.16 -31.08
N LEU A 347 -5.94 -5.34 -30.35
CA LEU A 347 -5.05 -6.49 -30.53
C LEU A 347 -5.31 -7.49 -29.40
N THR A 348 -5.83 -8.65 -29.76
CA THR A 348 -6.19 -9.68 -28.78
C THR A 348 -5.19 -10.82 -28.88
N GLY A 349 -4.72 -11.31 -27.74
CA GLY A 349 -3.81 -12.47 -27.71
C GLY A 349 -4.49 -13.72 -28.21
N THR A 350 -3.70 -14.77 -28.48
CA THR A 350 -4.25 -16.04 -28.99
C THR A 350 -4.02 -17.24 -28.08
N GLN A 351 -2.96 -17.21 -27.27
CA GLN A 351 -2.66 -18.32 -26.36
C GLN A 351 -3.39 -18.16 -25.04
N LEU A 352 -4.05 -19.24 -24.61
CA LEU A 352 -4.77 -19.25 -23.33
C LEU A 352 -3.80 -18.95 -22.20
N TYR A 353 -4.24 -18.10 -21.27
CA TYR A 353 -3.42 -17.65 -20.14
C TYR A 353 -2.10 -17.00 -20.56
N GLY A 354 -2.03 -16.50 -21.80
CA GLY A 354 -0.80 -15.93 -22.33
C GLY A 354 -0.43 -14.58 -21.73
N ARG A 355 -1.44 -13.86 -21.27
CA ARG A 355 -1.27 -12.50 -20.73
C ARG A 355 -0.65 -11.56 -21.76
N PHE A 356 -1.18 -11.63 -22.97
CA PHE A 356 -0.87 -10.67 -24.03
C PHE A 356 -1.22 -9.28 -23.53
N GLY A 357 -0.34 -8.31 -23.78
CA GLY A 357 -0.53 -6.94 -23.31
C GLY A 357 -0.05 -6.71 -21.88
N SER A 358 0.70 -7.66 -21.32
CA SER A 358 1.28 -7.50 -20.00
C SER A 358 2.38 -6.42 -19.99
N ALA A 359 3.05 -6.23 -21.13
CA ALA A 359 4.01 -5.15 -21.31
C ALA A 359 3.92 -4.62 -22.74
N ILE A 360 4.01 -3.29 -22.89
CA ILE A 360 3.97 -2.64 -24.21
C ILE A 360 5.14 -1.67 -24.31
N ALA A 361 6.06 -1.92 -25.24
CA ALA A 361 7.26 -1.10 -25.38
C ALA A 361 7.27 -0.37 -26.72
N PRO A 362 7.39 0.98 -26.69
CA PRO A 362 7.70 1.69 -27.92
C PRO A 362 9.10 1.30 -28.41
N LEU A 363 9.22 0.97 -29.68
CA LEU A 363 10.49 0.50 -30.24
C LEU A 363 11.24 1.59 -30.98
N GLY A 364 10.59 2.72 -31.21
CA GLY A 364 11.06 3.71 -32.17
C GLY A 364 10.78 3.18 -33.57
N ASP A 365 11.50 3.69 -34.55
CA ASP A 365 11.34 3.24 -35.93
C ASP A 365 12.30 2.08 -36.19
N LEU A 366 11.81 0.86 -35.95
CA LEU A 366 12.65 -0.34 -36.03
C LEU A 366 13.20 -0.63 -37.41
N ASP A 367 12.49 -0.20 -38.45
CA ASP A 367 12.90 -0.43 -39.84
C ASP A 367 13.10 0.87 -40.63
N ARG A 368 13.09 2.01 -39.93
CA ARG A 368 13.37 3.32 -40.53
C ARG A 368 12.51 3.61 -41.76
N ASP A 369 11.21 3.31 -41.68
CA ASP A 369 10.29 3.57 -42.78
C ASP A 369 9.46 4.83 -42.59
N GLY A 370 9.63 5.51 -41.44
CA GLY A 370 8.91 6.73 -41.14
C GLY A 370 7.92 6.62 -39.99
N TYR A 371 7.44 5.41 -39.73
CA TYR A 371 6.46 5.17 -38.65
C TYR A 371 7.11 4.48 -37.47
N ASN A 372 6.77 4.93 -36.26
CA ASN A 372 7.22 4.25 -35.04
C ASN A 372 6.52 2.90 -34.84
N ASP A 373 7.19 2.00 -34.13
CA ASP A 373 6.72 0.64 -33.95
C ASP A 373 6.64 0.32 -32.46
N ILE A 374 5.95 -0.78 -32.15
CA ILE A 374 5.83 -1.23 -30.76
C ILE A 374 6.10 -2.72 -30.62
N ALA A 375 6.45 -3.13 -29.40
CA ALA A 375 6.54 -4.53 -29.03
C ALA A 375 5.54 -4.80 -27.90
N VAL A 376 4.76 -5.87 -28.05
CA VAL A 376 3.80 -6.30 -27.03
C VAL A 376 4.21 -7.66 -26.48
N ALA A 377 4.18 -7.80 -25.16
CA ALA A 377 4.62 -9.04 -24.51
C ALA A 377 3.44 -9.94 -24.11
N ALA A 378 3.62 -11.23 -24.34
CA ALA A 378 2.73 -12.28 -23.84
C ALA A 378 3.59 -13.24 -23.02
N PRO A 379 3.87 -12.89 -21.74
CA PRO A 379 4.87 -13.60 -20.93
C PRO A 379 4.66 -15.10 -20.78
N TYR A 380 3.45 -15.60 -21.01
CA TYR A 380 3.18 -17.04 -20.97
C TYR A 380 2.49 -17.50 -22.25
N GLY A 381 2.77 -16.77 -23.34
CA GLY A 381 2.21 -17.07 -24.65
C GLY A 381 3.07 -18.02 -25.45
N GLY A 382 2.67 -18.27 -26.70
CA GLY A 382 3.31 -19.29 -27.53
C GLY A 382 2.72 -20.66 -27.23
N PRO A 383 2.74 -21.58 -28.22
CA PRO A 383 2.22 -22.94 -28.05
C PRO A 383 2.64 -23.66 -26.76
N SER A 384 3.90 -23.48 -26.35
CA SER A 384 4.45 -24.15 -25.17
C SER A 384 4.20 -23.38 -23.87
N GLY A 385 3.85 -22.10 -23.99
CA GLY A 385 3.60 -21.26 -22.81
C GLY A 385 4.86 -20.62 -22.24
N ARG A 386 5.98 -20.77 -22.92
CA ARG A 386 7.27 -20.27 -22.43
C ARG A 386 7.41 -18.75 -22.53
N GLY A 387 6.53 -18.12 -23.31
CA GLY A 387 6.52 -16.67 -23.44
C GLY A 387 6.80 -16.22 -24.88
N GLN A 388 6.40 -14.99 -25.18
CA GLN A 388 6.43 -14.49 -26.55
C GLN A 388 6.42 -12.97 -26.55
N VAL A 389 7.13 -12.36 -27.50
CA VAL A 389 7.07 -10.92 -27.70
C VAL A 389 6.81 -10.62 -29.17
N LEU A 390 5.75 -9.86 -29.44
CA LEU A 390 5.26 -9.68 -30.80
C LEU A 390 5.51 -8.25 -31.27
N VAL A 391 6.17 -8.11 -32.42
CA VAL A 391 6.49 -6.80 -32.97
C VAL A 391 5.39 -6.33 -33.92
N PHE A 392 4.93 -5.10 -33.71
CA PHE A 392 3.91 -4.50 -34.55
C PHE A 392 4.45 -3.19 -35.15
N LEU A 393 4.54 -3.13 -36.48
CA LEU A 393 5.02 -1.94 -37.16
C LEU A 393 3.90 -0.94 -37.37
N GLY A 394 4.25 0.35 -37.28
CA GLY A 394 3.30 1.43 -37.49
C GLY A 394 3.03 1.70 -38.96
N GLN A 395 1.91 2.34 -39.23
CA GLN A 395 1.51 2.73 -40.58
C GLN A 395 0.56 3.93 -40.51
N SER A 396 0.18 4.48 -41.65
CA SER A 396 -0.70 5.66 -41.68
C SER A 396 -2.03 5.42 -40.97
N GLU A 397 -2.49 4.17 -40.98
CA GLU A 397 -3.80 3.79 -40.45
C GLU A 397 -3.76 3.44 -38.97
N GLY A 398 -2.55 3.37 -38.40
CA GLY A 398 -2.34 3.05 -36.99
C GLY A 398 -1.29 1.96 -36.82
N LEU A 399 -1.73 0.76 -36.43
CA LEU A 399 -0.89 -0.43 -36.42
C LEU A 399 -1.50 -1.51 -37.31
N ARG A 400 -0.69 -2.52 -37.64
CA ARG A 400 -1.18 -3.71 -38.34
C ARG A 400 -1.71 -4.70 -37.30
N SER A 401 -2.79 -5.39 -37.64
CA SER A 401 -3.32 -6.45 -36.77
C SER A 401 -2.38 -7.65 -36.67
N ARG A 402 -1.75 -7.98 -37.80
CA ARG A 402 -0.80 -9.08 -37.89
CA ARG A 402 -0.81 -9.08 -37.87
C ARG A 402 0.57 -8.59 -37.44
N PRO A 403 1.23 -9.33 -36.52
CA PRO A 403 2.57 -8.88 -36.14
C PRO A 403 3.57 -9.04 -37.28
N SER A 404 4.61 -8.20 -37.29
CA SER A 404 5.64 -8.26 -38.31
C SER A 404 6.65 -9.37 -37.98
N GLN A 405 6.78 -9.68 -36.69
CA GLN A 405 7.75 -10.66 -36.23
C GLN A 405 7.38 -11.14 -34.83
N VAL A 406 7.55 -12.43 -34.59
CA VAL A 406 7.29 -13.03 -33.29
C VAL A 406 8.59 -13.54 -32.67
N LEU A 407 8.84 -13.18 -31.43
CA LEU A 407 10.01 -13.61 -30.68
C LEU A 407 9.60 -14.65 -29.65
N ASP A 408 10.02 -15.89 -29.84
CA ASP A 408 9.75 -16.96 -28.88
C ASP A 408 10.83 -16.98 -27.79
N SER A 409 10.39 -17.28 -26.56
CA SER A 409 11.29 -17.32 -25.42
C SER A 409 12.38 -18.37 -25.59
N PRO A 410 13.64 -17.98 -25.36
CA PRO A 410 14.75 -18.93 -25.36
C PRO A 410 14.97 -19.57 -23.99
N PHE A 411 14.24 -19.13 -22.97
CA PHE A 411 14.41 -19.64 -21.60
C PHE A 411 13.38 -20.72 -21.31
N PRO A 412 13.58 -21.48 -20.22
CA PRO A 412 12.60 -22.51 -19.85
C PRO A 412 11.28 -21.96 -19.28
N THR A 413 10.37 -22.86 -18.94
CA THR A 413 9.05 -22.50 -18.42
C THR A 413 9.16 -21.65 -17.17
N GLY A 414 8.24 -20.70 -17.03
CA GLY A 414 8.18 -19.84 -15.85
C GLY A 414 9.14 -18.67 -15.84
N SER A 415 9.86 -18.46 -16.93
CA SER A 415 10.82 -17.35 -17.01
C SER A 415 10.12 -15.99 -16.98
N ALA A 416 8.87 -15.95 -17.45
CA ALA A 416 8.11 -14.71 -17.60
C ALA A 416 8.73 -13.82 -18.67
N PHE A 417 9.37 -14.45 -19.66
CA PHE A 417 9.95 -13.77 -20.81
C PHE A 417 9.00 -12.70 -21.35
N GLY A 418 9.43 -11.44 -21.30
CA GLY A 418 8.63 -10.33 -21.81
C GLY A 418 7.90 -9.53 -20.76
N PHE A 419 7.90 -10.02 -19.51
CA PHE A 419 7.27 -9.30 -18.40
C PHE A 419 7.80 -7.87 -18.28
N SER A 420 9.04 -7.66 -18.71
CA SER A 420 9.59 -6.31 -18.88
C SER A 420 10.24 -6.16 -20.25
N LEU A 421 10.07 -4.98 -20.84
CA LEU A 421 10.62 -4.67 -22.16
C LEU A 421 11.15 -3.26 -22.19
N ARG A 422 12.07 -3.01 -23.12
CA ARG A 422 12.50 -1.66 -23.42
C ARG A 422 13.12 -1.57 -24.82
N GLY A 423 12.78 -0.50 -25.53
CA GLY A 423 13.36 -0.23 -26.84
C GLY A 423 13.66 1.24 -27.08
N ALA A 424 13.67 1.62 -28.36
CA ALA A 424 13.88 3.02 -28.78
C ALA A 424 15.30 3.53 -28.54
N VAL A 425 16.26 2.61 -28.41
CA VAL A 425 17.65 2.97 -28.16
C VAL A 425 18.60 2.05 -28.91
N ASP A 426 19.58 2.65 -29.58
CA ASP A 426 20.54 1.93 -30.39
C ASP A 426 21.76 1.58 -29.53
N ILE A 427 21.80 0.35 -29.01
CA ILE A 427 22.82 -0.05 -28.04
C ILE A 427 24.19 -0.37 -28.66
N ASP A 428 24.19 -0.82 -29.92
CA ASP A 428 25.44 -1.17 -30.62
C ASP A 428 25.86 -0.16 -31.69
N ASP A 429 25.12 0.95 -31.78
CA ASP A 429 25.51 2.07 -32.62
C ASP A 429 25.54 1.72 -34.12
N ASN A 430 24.57 0.91 -34.57
CA ASN A 430 24.46 0.57 -35.99
C ASN A 430 23.38 1.38 -36.72
N GLY A 431 22.73 2.30 -36.02
CA GLY A 431 21.72 3.18 -36.62
C GLY A 431 20.28 2.73 -36.43
N TYR A 432 20.08 1.49 -36.00
CA TYR A 432 18.75 0.96 -35.78
C TYR A 432 18.52 0.77 -34.28
N PRO A 433 17.29 1.06 -33.80
CA PRO A 433 16.97 0.86 -32.39
C PRO A 433 16.82 -0.63 -32.04
N ASP A 434 17.18 -0.98 -30.81
CA ASP A 434 17.22 -2.38 -30.36
C ASP A 434 16.22 -2.61 -29.25
N LEU A 435 16.02 -3.88 -28.91
CA LEU A 435 15.05 -4.27 -27.88
C LEU A 435 15.73 -5.11 -26.80
N ILE A 436 15.47 -4.78 -25.54
CA ILE A 436 15.91 -5.61 -24.42
C ILE A 436 14.69 -6.21 -23.71
N VAL A 437 14.72 -7.53 -23.50
CA VAL A 437 13.62 -8.27 -22.86
C VAL A 437 14.11 -8.89 -21.56
N GLY A 438 13.28 -8.80 -20.52
CA GLY A 438 13.61 -9.39 -19.22
C GLY A 438 12.87 -10.68 -18.98
N ALA A 439 13.53 -11.64 -18.34
CA ALA A 439 12.91 -12.90 -17.95
C ALA A 439 13.26 -13.16 -16.48
N TYR A 440 12.52 -12.52 -15.58
CA TYR A 440 12.87 -12.53 -14.16
C TYR A 440 12.85 -13.94 -13.56
N GLY A 441 11.91 -14.77 -14.00
CA GLY A 441 11.85 -16.16 -13.57
C GLY A 441 13.13 -16.93 -13.90
N ALA A 442 13.78 -16.56 -15.00
CA ALA A 442 15.05 -17.18 -15.40
C ALA A 442 16.29 -16.37 -14.98
N ASN A 443 16.08 -15.28 -14.24
CA ASN A 443 17.16 -14.40 -13.78
C ASN A 443 18.05 -13.86 -14.91
N GLN A 444 17.44 -13.53 -16.04
CA GLN A 444 18.20 -13.11 -17.23
C GLN A 444 17.52 -12.04 -18.07
N VAL A 445 18.33 -11.39 -18.91
CA VAL A 445 17.83 -10.43 -19.90
C VAL A 445 18.37 -10.78 -21.29
N ALA A 446 17.49 -10.80 -22.28
CA ALA A 446 17.86 -11.07 -23.67
C ALA A 446 17.88 -9.75 -24.45
N VAL A 447 18.96 -9.52 -25.22
CA VAL A 447 19.06 -8.33 -26.06
C VAL A 447 18.96 -8.72 -27.52
N TYR A 448 17.93 -8.20 -28.19
CA TYR A 448 17.76 -8.41 -29.62
C TYR A 448 18.22 -7.15 -30.35
N ARG A 449 19.13 -7.32 -31.31
CA ARG A 449 19.63 -6.21 -32.13
C ARG A 449 18.91 -6.13 -33.48
N ALA A 450 18.69 -4.90 -33.95
CA ALA A 450 18.04 -4.65 -35.23
C ALA A 450 19.07 -4.53 -36.35
N GLN A 451 18.73 -5.03 -37.54
CA GLN A 451 19.66 -5.09 -38.67
C GLN A 451 19.06 -4.47 -39.94
N PRO A 452 19.91 -4.08 -40.91
CA PRO A 452 19.40 -3.53 -42.17
C PRO A 452 18.50 -4.51 -42.93
N GLY B 1 -45.96 -82.33 -44.36
CA GLY B 1 -46.84 -83.39 -43.80
C GLY B 1 -46.51 -83.72 -42.36
N PRO B 2 -45.39 -84.43 -42.13
CA PRO B 2 -44.99 -84.85 -40.78
C PRO B 2 -44.29 -83.75 -39.98
N ASN B 3 -44.34 -83.85 -38.65
CA ASN B 3 -43.73 -82.85 -37.76
C ASN B 3 -42.42 -83.34 -37.13
N ILE B 4 -41.72 -82.41 -36.47
CA ILE B 4 -40.41 -82.68 -35.88
C ILE B 4 -40.45 -83.68 -34.73
N CYS B 5 -41.58 -83.72 -34.00
CA CYS B 5 -41.71 -84.61 -32.84
C CYS B 5 -41.68 -86.08 -33.23
N THR B 6 -42.51 -86.46 -34.19
CA THR B 6 -42.65 -87.85 -34.61
C THR B 6 -41.40 -88.35 -35.34
N THR B 7 -40.84 -87.52 -36.21
CA THR B 7 -39.77 -87.94 -37.13
C THR B 7 -38.37 -87.62 -36.60
N ARG B 8 -38.09 -88.00 -35.35
CA ARG B 8 -36.78 -87.77 -34.74
C ARG B 8 -36.46 -88.78 -33.64
N GLY B 9 -36.32 -90.05 -34.00
CA GLY B 9 -35.99 -91.13 -33.06
C GLY B 9 -37.02 -91.31 -31.96
N VAL B 10 -36.99 -90.41 -30.98
CA VAL B 10 -37.94 -90.36 -29.86
C VAL B 10 -38.30 -91.73 -29.29
N SER B 11 -37.34 -92.30 -28.56
CA SER B 11 -37.55 -93.55 -27.84
C SER B 11 -38.30 -93.29 -26.52
N SER B 12 -37.89 -92.24 -25.81
CA SER B 12 -38.39 -91.97 -24.46
C SER B 12 -39.09 -90.63 -24.35
N CYS B 13 -39.95 -90.51 -23.33
CA CYS B 13 -40.62 -89.25 -22.99
C CYS B 13 -39.61 -88.11 -22.80
N GLN B 14 -38.44 -88.44 -22.25
CA GLN B 14 -37.38 -87.45 -22.01
C GLN B 14 -36.80 -86.90 -23.33
N GLN B 15 -36.57 -87.79 -24.30
CA GLN B 15 -36.09 -87.38 -25.63
C GLN B 15 -37.14 -86.56 -26.36
N CYS B 16 -38.41 -86.89 -26.14
CA CYS B 16 -39.54 -86.18 -26.73
C CYS B 16 -39.56 -84.70 -26.38
N LEU B 17 -39.40 -84.40 -25.09
CA LEU B 17 -39.36 -83.01 -24.61
C LEU B 17 -38.11 -82.29 -25.10
N ALA B 18 -37.03 -83.02 -25.29
CA ALA B 18 -35.75 -82.46 -25.72
C ALA B 18 -35.77 -81.99 -27.18
N VAL B 19 -36.68 -82.56 -27.98
CA VAL B 19 -36.76 -82.24 -29.41
C VAL B 19 -37.23 -80.80 -29.64
N SER B 20 -38.31 -80.42 -28.98
CA SER B 20 -38.88 -79.08 -29.13
C SER B 20 -39.93 -78.80 -28.04
N PRO B 21 -40.13 -77.52 -27.67
CA PRO B 21 -41.18 -77.17 -26.71
C PRO B 21 -42.61 -77.57 -27.11
N MET B 22 -42.89 -77.64 -28.40
CA MET B 22 -44.27 -77.93 -28.86
C MET B 22 -44.65 -79.42 -28.79
N CYS B 23 -43.67 -80.28 -28.51
CA CYS B 23 -43.91 -81.72 -28.46
C CYS B 23 -44.58 -82.16 -27.14
N ALA B 24 -45.47 -83.14 -27.25
CA ALA B 24 -46.08 -83.78 -26.10
C ALA B 24 -45.91 -85.30 -26.23
N TRP B 25 -46.13 -86.02 -25.13
CA TRP B 25 -45.95 -87.47 -25.09
C TRP B 25 -47.19 -88.16 -24.54
N CYS B 26 -47.59 -89.23 -25.21
CA CYS B 26 -48.74 -90.03 -24.79
C CYS B 26 -48.25 -91.20 -23.96
N SER B 27 -48.69 -91.27 -22.70
CA SER B 27 -48.35 -92.37 -21.81
C SER B 27 -49.40 -93.47 -21.84
N ASP B 28 -50.56 -93.19 -22.42
CA ASP B 28 -51.70 -94.10 -22.42
C ASP B 28 -51.35 -95.45 -23.06
N GLU B 29 -51.54 -96.52 -22.29
CA GLU B 29 -51.26 -97.88 -22.75
C GLU B 29 -52.34 -98.38 -23.72
N ALA B 30 -53.51 -97.75 -23.69
CA ALA B 30 -54.61 -98.08 -24.59
C ALA B 30 -54.38 -97.61 -26.04
N LEU B 31 -53.37 -96.76 -26.25
CA LEU B 31 -53.05 -96.25 -27.58
C LEU B 31 -52.59 -97.38 -28.50
N PRO B 32 -53.03 -97.38 -29.77
CA PRO B 32 -52.56 -98.41 -30.72
C PRO B 32 -51.12 -98.16 -31.16
N LEU B 33 -50.47 -99.21 -31.67
CA LEU B 33 -49.06 -99.14 -32.06
C LEU B 33 -48.82 -98.27 -33.29
N GLY B 34 -49.84 -98.16 -34.16
CA GLY B 34 -49.77 -97.31 -35.34
C GLY B 34 -49.54 -95.84 -35.03
N SER B 35 -50.15 -95.36 -33.93
CA SER B 35 -50.01 -93.97 -33.50
C SER B 35 -48.64 -93.73 -32.85
N PRO B 36 -47.99 -92.60 -33.19
CA PRO B 36 -46.73 -92.23 -32.54
C PRO B 36 -46.98 -91.62 -31.16
N ARG B 37 -46.11 -91.95 -30.20
CA ARG B 37 -46.27 -91.45 -28.84
C ARG B 37 -45.78 -90.01 -28.68
N CYS B 38 -44.73 -89.65 -29.42
CA CYS B 38 -44.18 -88.30 -29.35
C CYS B 38 -44.68 -87.44 -30.53
N ASP B 39 -45.55 -86.49 -30.22
CA ASP B 39 -46.27 -85.72 -31.23
C ASP B 39 -46.74 -84.38 -30.65
N LEU B 40 -47.47 -83.60 -31.45
CA LEU B 40 -48.16 -82.40 -30.95
C LEU B 40 -49.33 -82.83 -30.06
N LYS B 41 -49.71 -81.97 -29.12
CA LYS B 41 -50.81 -82.28 -28.20
C LYS B 41 -52.16 -82.42 -28.91
N GLU B 42 -52.30 -81.72 -30.04
CA GLU B 42 -53.54 -81.77 -30.83
C GLU B 42 -53.64 -83.10 -31.59
N ASN B 43 -52.50 -83.57 -32.11
CA ASN B 43 -52.45 -84.84 -32.82
C ASN B 43 -52.74 -86.03 -31.92
N LEU B 44 -52.21 -86.00 -30.69
CA LEU B 44 -52.44 -87.07 -29.71
C LEU B 44 -53.91 -87.16 -29.30
N LEU B 45 -54.51 -86.01 -28.97
CA LEU B 45 -55.93 -85.94 -28.60
C LEU B 45 -56.84 -86.39 -29.76
N LYS B 46 -56.40 -86.11 -30.98
CA LYS B 46 -57.12 -86.53 -32.18
C LYS B 46 -56.99 -88.05 -32.40
N ASP B 47 -55.92 -88.65 -31.85
CA ASP B 47 -55.69 -90.10 -31.95
C ASP B 47 -56.12 -90.86 -30.68
N ASN B 48 -57.14 -90.35 -29.98
CA ASN B 48 -57.73 -91.01 -28.81
C ASN B 48 -56.74 -91.34 -27.68
N CYS B 49 -55.72 -90.50 -27.51
CA CYS B 49 -54.83 -90.62 -26.36
C CYS B 49 -55.55 -90.06 -25.14
N ALA B 50 -55.43 -90.76 -24.00
CA ALA B 50 -56.08 -90.33 -22.77
C ALA B 50 -55.57 -88.95 -22.34
N PRO B 51 -56.48 -87.96 -22.22
CA PRO B 51 -56.10 -86.59 -21.85
C PRO B 51 -55.22 -86.49 -20.60
N GLU B 52 -55.50 -87.33 -19.60
CA GLU B 52 -54.71 -87.37 -18.38
C GLU B 52 -53.34 -88.03 -18.57
N SER B 53 -53.22 -88.85 -19.62
CA SER B 53 -51.97 -89.55 -19.93
C SER B 53 -51.00 -88.72 -20.79
N ILE B 54 -51.44 -87.53 -21.23
CA ILE B 54 -50.58 -86.64 -22.02
C ILE B 54 -49.60 -85.89 -21.14
N GLU B 55 -48.32 -85.95 -21.52
CA GLU B 55 -47.25 -85.23 -20.81
C GLU B 55 -46.84 -84.03 -21.63
N PHE B 56 -47.11 -82.83 -21.10
CA PHE B 56 -46.86 -81.59 -21.83
C PHE B 56 -46.55 -80.45 -20.86
N PRO B 57 -45.31 -80.38 -20.36
CA PRO B 57 -44.90 -79.31 -19.45
C PRO B 57 -45.07 -77.93 -20.06
N VAL B 58 -45.56 -76.99 -19.26
CA VAL B 58 -45.68 -75.60 -19.67
C VAL B 58 -44.76 -74.76 -18.79
N SER B 59 -43.91 -73.94 -19.41
CA SER B 59 -43.01 -73.06 -18.67
C SER B 59 -43.80 -71.93 -18.00
N GLU B 60 -43.37 -71.54 -16.80
CA GLU B 60 -44.06 -70.52 -16.02
C GLU B 60 -43.10 -69.64 -15.21
N ALA B 61 -43.63 -68.50 -14.74
CA ALA B 61 -42.92 -67.63 -13.82
C ALA B 61 -43.80 -67.36 -12.60
N ARG B 62 -43.31 -67.71 -11.41
CA ARG B 62 -44.02 -67.44 -10.16
C ARG B 62 -43.33 -66.34 -9.37
N VAL B 63 -44.09 -65.32 -8.98
CA VAL B 63 -43.60 -64.27 -8.08
C VAL B 63 -43.49 -64.83 -6.66
N LEU B 64 -42.26 -64.83 -6.12
CA LEU B 64 -42.01 -65.34 -4.76
C LEU B 64 -42.01 -64.21 -3.73
N GLU B 65 -41.24 -63.14 -4.03
CA GLU B 65 -41.23 -61.93 -3.21
C GLU B 65 -41.75 -60.76 -4.04
N ASP B 66 -42.76 -60.07 -3.52
CA ASP B 66 -43.46 -59.03 -4.28
C ASP B 66 -43.93 -57.89 -3.39
N ARG B 67 -42.99 -57.27 -2.69
CA ARG B 67 -43.29 -56.08 -1.89
C ARG B 67 -43.52 -54.89 -2.81
N PRO B 68 -44.49 -54.02 -2.47
CA PRO B 68 -44.81 -52.88 -3.33
C PRO B 68 -43.70 -51.82 -3.36
N LEU B 69 -43.76 -50.95 -4.36
CA LEU B 69 -42.81 -49.85 -4.50
C LEU B 69 -43.11 -48.76 -3.46
N SER B 70 -42.06 -48.13 -2.94
CA SER B 70 -42.20 -47.17 -1.83
C SER B 70 -42.74 -45.81 -2.25
N ASP B 71 -43.38 -45.12 -1.31
CA ASP B 71 -43.95 -43.79 -1.53
C ASP B 71 -43.24 -42.79 -0.63
N LYS B 72 -43.64 -41.52 -0.73
CA LYS B 72 -43.14 -40.45 0.14
C LYS B 72 -44.19 -39.35 0.32
N GLN B 79 -36.99 -49.42 4.94
CA GLN B 79 -36.64 -50.46 3.98
C GLN B 79 -36.34 -49.87 2.61
N VAL B 80 -37.31 -49.14 2.05
CA VAL B 80 -37.23 -48.53 0.72
C VAL B 80 -37.11 -49.57 -0.41
N THR B 81 -38.25 -49.90 -1.01
CA THR B 81 -38.31 -50.84 -2.13
C THR B 81 -38.40 -50.06 -3.45
N GLN B 82 -37.41 -50.25 -4.32
CA GLN B 82 -37.33 -49.56 -5.61
C GLN B 82 -37.52 -50.48 -6.80
N VAL B 83 -37.15 -51.75 -6.65
CA VAL B 83 -37.40 -52.78 -7.66
C VAL B 83 -38.56 -53.66 -7.21
N SER B 84 -39.38 -54.11 -8.16
CA SER B 84 -40.55 -54.93 -7.85
C SER B 84 -41.04 -55.70 -9.09
N PRO B 85 -41.23 -57.02 -8.96
CA PRO B 85 -41.01 -57.85 -7.77
C PRO B 85 -39.54 -58.04 -7.45
N GLN B 86 -39.25 -58.61 -6.28
CA GLN B 86 -37.87 -58.80 -5.82
C GLN B 86 -37.33 -60.19 -6.16
N ARG B 87 -38.21 -61.20 -6.19
CA ARG B 87 -37.78 -62.57 -6.46
C ARG B 87 -38.81 -63.33 -7.31
N ILE B 88 -38.37 -63.85 -8.45
CA ILE B 88 -39.21 -64.66 -9.34
C ILE B 88 -38.65 -66.07 -9.45
N ALA B 89 -39.53 -67.06 -9.56
CA ALA B 89 -39.14 -68.44 -9.82
C ALA B 89 -39.48 -68.81 -11.27
N LEU B 90 -38.45 -68.97 -12.10
CA LEU B 90 -38.63 -69.41 -13.48
C LEU B 90 -38.51 -70.93 -13.59
N ARG B 91 -39.44 -71.54 -14.31
CA ARG B 91 -39.37 -72.98 -14.60
C ARG B 91 -39.47 -73.18 -16.12
N LEU B 92 -38.37 -73.63 -16.73
CA LEU B 92 -38.28 -73.78 -18.18
C LEU B 92 -38.09 -75.24 -18.60
N ARG B 93 -38.51 -75.55 -19.82
CA ARG B 93 -38.29 -76.86 -20.42
C ARG B 93 -37.28 -76.69 -21.56
N PRO B 94 -36.71 -77.80 -22.06
CA PRO B 94 -35.66 -77.73 -23.08
C PRO B 94 -35.92 -76.74 -24.24
N ASP B 95 -34.95 -75.86 -24.47
CA ASP B 95 -35.00 -74.86 -25.56
C ASP B 95 -36.15 -73.85 -25.48
N ASP B 96 -36.84 -73.79 -24.34
CA ASP B 96 -38.03 -72.96 -24.20
C ASP B 96 -37.69 -71.64 -23.52
N SER B 97 -38.56 -70.65 -23.69
CA SER B 97 -38.40 -69.35 -23.05
C SER B 97 -39.66 -68.93 -22.30
N LYS B 98 -39.50 -68.03 -21.34
CA LYS B 98 -40.61 -67.41 -20.65
C LYS B 98 -40.28 -65.95 -20.39
N ASN B 99 -41.30 -65.11 -20.34
CA ASN B 99 -41.12 -63.69 -20.03
C ASN B 99 -41.65 -63.35 -18.65
N PHE B 100 -41.20 -62.22 -18.13
CA PHE B 100 -41.64 -61.72 -16.83
C PHE B 100 -41.48 -60.21 -16.76
N SER B 101 -42.16 -59.59 -15.81
CA SER B 101 -42.16 -58.14 -15.67
C SER B 101 -41.25 -57.70 -14.53
N ILE B 102 -40.80 -56.44 -14.62
CA ILE B 102 -40.07 -55.79 -13.53
C ILE B 102 -40.39 -54.30 -13.55
N GLN B 103 -40.54 -53.72 -12.37
CA GLN B 103 -40.75 -52.28 -12.22
C GLN B 103 -39.62 -51.67 -11.40
N VAL B 104 -39.10 -50.55 -11.88
CA VAL B 104 -38.06 -49.82 -11.16
C VAL B 104 -38.54 -48.40 -10.88
N ARG B 105 -38.28 -47.92 -9.66
CA ARG B 105 -38.70 -46.58 -9.25
C ARG B 105 -37.58 -45.87 -8.49
N GLN B 106 -37.31 -44.61 -8.84
CA GLN B 106 -36.38 -43.78 -8.10
C GLN B 106 -37.08 -43.27 -6.85
N VAL B 107 -36.80 -43.90 -5.71
CA VAL B 107 -37.39 -43.51 -4.43
C VAL B 107 -36.40 -42.73 -3.58
N GLU B 108 -35.18 -43.24 -3.46
CA GLU B 108 -34.17 -42.61 -2.62
C GLU B 108 -33.75 -41.24 -3.16
N ASP B 109 -33.42 -40.34 -2.24
CA ASP B 109 -33.07 -38.97 -2.58
C ASP B 109 -31.71 -38.91 -3.29
N TYR B 110 -31.52 -37.86 -4.09
CA TYR B 110 -30.28 -37.69 -4.85
C TYR B 110 -29.16 -37.15 -3.96
N PRO B 111 -27.92 -37.62 -4.20
CA PRO B 111 -26.77 -37.14 -3.44
C PRO B 111 -26.33 -35.71 -3.82
N VAL B 112 -26.30 -34.82 -2.83
CA VAL B 112 -25.87 -33.43 -3.01
C VAL B 112 -24.75 -33.08 -2.03
N ASP B 113 -23.68 -32.49 -2.54
CA ASP B 113 -22.59 -31.94 -1.72
C ASP B 113 -22.72 -30.43 -1.65
N ILE B 114 -22.67 -29.89 -0.44
CA ILE B 114 -22.63 -28.44 -0.24
C ILE B 114 -21.43 -28.09 0.64
N TYR B 115 -20.43 -27.43 0.04
CA TYR B 115 -19.30 -26.88 0.80
C TYR B 115 -19.48 -25.38 0.94
N TYR B 116 -19.26 -24.89 2.15
CA TYR B 116 -19.62 -23.54 2.57
C TYR B 116 -18.37 -22.75 2.92
N LEU B 117 -18.13 -21.65 2.21
CA LEU B 117 -16.97 -20.80 2.48
C LEU B 117 -17.41 -19.57 3.27
N MET B 118 -16.82 -19.40 4.45
CA MET B 118 -17.17 -18.31 5.37
C MET B 118 -16.10 -17.20 5.38
N ASP B 119 -16.47 -16.03 4.86
CA ASP B 119 -15.66 -14.83 5.01
C ASP B 119 -15.65 -14.48 6.50
N LEU B 120 -14.52 -14.68 7.17
CA LEU B 120 -14.39 -14.32 8.59
C LEU B 120 -13.46 -13.13 8.80
N SER B 121 -13.44 -12.21 7.84
CA SER B 121 -12.77 -10.93 8.02
C SER B 121 -13.61 -10.04 8.95
N TYR B 122 -13.02 -8.94 9.41
CA TYR B 122 -13.64 -8.14 10.48
C TYR B 122 -14.91 -7.43 10.05
N SER B 123 -15.01 -7.10 8.76
CA SER B 123 -16.22 -6.50 8.22
C SER B 123 -17.43 -7.42 8.39
N MET B 124 -17.18 -8.71 8.57
CA MET B 124 -18.23 -9.69 8.73
C MET B 124 -18.67 -9.87 10.19
N LYS B 125 -18.13 -9.06 11.11
CA LYS B 125 -18.55 -9.15 12.50
C LYS B 125 -20.06 -9.01 12.60
N ASP B 126 -20.60 -7.97 11.97
CA ASP B 126 -22.04 -7.70 12.01
C ASP B 126 -22.85 -8.65 11.11
N ASP B 127 -22.17 -9.35 10.20
CA ASP B 127 -22.80 -10.35 9.34
C ASP B 127 -22.58 -11.78 9.83
N LEU B 128 -21.90 -11.95 10.97
CA LEU B 128 -21.53 -13.28 11.45
C LEU B 128 -22.75 -14.13 11.75
N TRP B 129 -23.74 -13.53 12.41
CA TRP B 129 -24.99 -14.23 12.67
C TRP B 129 -25.66 -14.68 11.36
N SER B 130 -25.61 -13.82 10.35
CA SER B 130 -26.26 -14.10 9.09
C SER B 130 -25.67 -15.31 8.38
N ILE B 131 -24.34 -15.43 8.39
CA ILE B 131 -23.69 -16.56 7.73
C ILE B 131 -23.79 -17.84 8.57
N GLN B 132 -23.83 -17.68 9.88
CA GLN B 132 -24.07 -18.81 10.78
C GLN B 132 -25.49 -19.35 10.57
N ASN B 133 -26.46 -18.43 10.48
CA ASN B 133 -27.85 -18.78 10.24
C ASN B 133 -28.05 -19.40 8.86
N LEU B 134 -27.39 -18.86 7.84
CA LEU B 134 -27.49 -19.40 6.49
C LEU B 134 -26.92 -20.82 6.45
N GLY B 135 -25.74 -21.01 7.04
CA GLY B 135 -25.09 -22.31 7.05
C GLY B 135 -25.91 -23.39 7.73
N THR B 136 -26.44 -23.07 8.90
CA THR B 136 -27.23 -24.04 9.67
C THR B 136 -28.60 -24.30 9.07
N LYS B 137 -29.16 -23.30 8.38
CA LYS B 137 -30.43 -23.48 7.65
C LYS B 137 -30.21 -24.27 6.37
N LEU B 138 -29.10 -24.04 5.67
CA LEU B 138 -28.73 -24.89 4.54
C LEU B 138 -28.66 -26.35 4.98
N ALA B 139 -27.90 -26.60 6.05
CA ALA B 139 -27.71 -27.95 6.55
C ALA B 139 -29.05 -28.62 6.90
N THR B 140 -29.89 -27.91 7.67
CA THR B 140 -31.13 -28.49 8.20
C THR B 140 -32.20 -28.69 7.13
N GLN B 141 -32.41 -27.66 6.30
CA GLN B 141 -33.50 -27.68 5.32
C GLN B 141 -33.19 -28.58 4.14
N MET B 142 -31.93 -28.63 3.72
CA MET B 142 -31.53 -29.52 2.62
C MET B 142 -31.53 -30.98 3.03
N ARG B 143 -31.33 -31.24 4.32
CA ARG B 143 -31.44 -32.58 4.87
C ARG B 143 -32.88 -33.09 4.77
N LYS B 144 -33.84 -32.22 5.04
CA LYS B 144 -35.26 -32.53 4.83
C LYS B 144 -35.55 -32.77 3.35
N LEU B 145 -34.85 -32.07 2.48
CA LEU B 145 -35.03 -32.21 1.02
C LEU B 145 -34.34 -33.46 0.46
N THR B 146 -33.23 -33.88 1.07
CA THR B 146 -32.50 -35.07 0.63
C THR B 146 -31.70 -35.73 1.75
N SER B 147 -32.04 -36.98 2.06
CA SER B 147 -31.35 -37.73 3.10
C SER B 147 -29.89 -38.04 2.72
N ASN B 148 -29.58 -37.98 1.43
CA ASN B 148 -28.22 -38.19 0.93
C ASN B 148 -27.45 -36.88 0.76
N LEU B 149 -27.67 -35.95 1.67
CA LEU B 149 -26.90 -34.71 1.71
C LEU B 149 -25.60 -34.95 2.47
N ARG B 150 -24.54 -34.30 1.98
CA ARG B 150 -23.27 -34.20 2.69
CA ARG B 150 -23.30 -34.18 2.72
C ARG B 150 -22.85 -32.73 2.67
N ILE B 151 -22.49 -32.21 3.84
CA ILE B 151 -22.19 -30.80 3.99
C ILE B 151 -20.90 -30.61 4.77
N GLY B 152 -20.19 -29.53 4.47
CA GLY B 152 -18.94 -29.16 5.14
C GLY B 152 -18.65 -27.69 4.93
N PHE B 153 -17.57 -27.19 5.54
CA PHE B 153 -17.26 -25.76 5.39
C PHE B 153 -15.79 -25.40 5.59
N GLY B 154 -15.46 -24.18 5.17
CA GLY B 154 -14.14 -23.59 5.38
C GLY B 154 -14.27 -22.09 5.59
N ALA B 155 -13.19 -21.46 6.04
CA ALA B 155 -13.18 -20.02 6.29
C ALA B 155 -12.04 -19.37 5.55
N PHE B 156 -12.16 -18.07 5.30
CA PHE B 156 -11.08 -17.33 4.66
C PHE B 156 -11.03 -15.89 5.15
N VAL B 157 -9.84 -15.28 5.07
CA VAL B 157 -9.71 -13.84 5.27
C VAL B 157 -9.00 -13.25 4.06
N ASP B 158 -7.67 -13.31 4.07
CA ASP B 158 -6.88 -12.78 2.96
C ASP B 158 -5.44 -13.27 3.12
N LYS B 159 -4.59 -12.94 2.16
CA LYS B 159 -3.21 -13.40 2.21
C LYS B 159 -2.54 -12.74 3.41
N PRO B 160 -2.08 -13.54 4.38
CA PRO B 160 -1.52 -12.98 5.62
C PRO B 160 -0.13 -12.38 5.41
N VAL B 161 -0.09 -11.23 4.77
CA VAL B 161 1.16 -10.55 4.42
C VAL B 161 0.89 -9.06 4.32
N SER B 162 1.89 -8.25 4.69
CA SER B 162 1.79 -6.80 4.54
C SER B 162 1.67 -6.48 3.06
N PRO B 163 0.82 -5.50 2.69
CA PRO B 163 0.02 -4.60 3.53
C PRO B 163 -1.36 -5.14 3.93
N TYR B 164 -1.76 -6.32 3.45
CA TYR B 164 -3.07 -6.86 3.81
C TYR B 164 -3.14 -7.10 5.31
N MET B 165 -2.07 -7.68 5.84
CA MET B 165 -1.98 -8.03 7.26
C MET B 165 -1.37 -6.89 8.09
N TYR B 166 -1.90 -6.70 9.30
CA TYR B 166 -1.27 -5.81 10.27
C TYR B 166 -0.07 -6.55 10.86
N ILE B 167 1.11 -5.95 10.77
CA ILE B 167 2.35 -6.61 11.17
C ILE B 167 3.05 -5.89 12.32
N SER B 168 2.30 -5.06 13.04
CA SER B 168 2.83 -4.36 14.20
C SER B 168 1.69 -3.83 15.06
N PRO B 169 1.94 -3.66 16.38
CA PRO B 169 3.12 -4.13 17.11
C PRO B 169 3.11 -5.65 17.16
N PRO B 170 4.19 -6.28 17.65
CA PRO B 170 4.27 -7.74 17.61
C PRO B 170 3.02 -8.46 18.13
N GLU B 171 2.39 -7.88 19.15
CA GLU B 171 1.14 -8.40 19.71
C GLU B 171 0.05 -8.54 18.66
N ALA B 172 0.07 -7.69 17.63
CA ALA B 172 -0.95 -7.67 16.58
C ALA B 172 -1.02 -8.94 15.73
N LEU B 173 0.06 -9.72 15.68
CA LEU B 173 0.07 -10.92 14.83
C LEU B 173 -0.87 -11.99 15.39
N GLU B 174 -0.78 -12.25 16.69
CA GLU B 174 -1.72 -13.16 17.36
C GLU B 174 -3.10 -12.52 17.56
N ASN B 175 -3.14 -11.20 17.70
CA ASN B 175 -4.40 -10.49 17.91
C ASN B 175 -4.47 -9.22 17.04
N PRO B 176 -4.87 -9.37 15.77
CA PRO B 176 -5.04 -8.25 14.85
C PRO B 176 -5.92 -7.12 15.37
N CYS B 177 -6.81 -7.41 16.32
CA CYS B 177 -7.65 -6.40 16.95
C CYS B 177 -6.96 -5.68 18.13
N TYR B 178 -5.65 -5.77 18.23
CA TYR B 178 -4.91 -5.16 19.32
C TYR B 178 -5.18 -3.66 19.49
N ASP B 179 -5.02 -2.89 18.41
CA ASP B 179 -5.16 -1.42 18.49
C ASP B 179 -6.58 -0.94 18.82
N MET B 180 -7.56 -1.85 18.77
CA MET B 180 -8.94 -1.54 19.13
C MET B 180 -9.24 -1.93 20.59
N LYS B 181 -8.23 -2.35 21.32
CA LYS B 181 -8.36 -2.82 22.71
C LYS B 181 -9.37 -3.97 22.87
N THR B 182 -9.46 -4.81 21.84
CA THR B 182 -10.31 -6.01 21.87
C THR B 182 -9.51 -7.19 21.31
N THR B 183 -10.14 -8.37 21.23
CA THR B 183 -9.44 -9.56 20.76
C THR B 183 -10.17 -10.22 19.60
N CYS B 184 -9.42 -10.55 18.55
CA CYS B 184 -9.91 -11.42 17.48
C CYS B 184 -8.81 -12.38 17.07
N LEU B 185 -9.18 -13.36 16.25
CA LEU B 185 -8.27 -14.44 15.87
C LEU B 185 -7.19 -13.95 14.92
N PRO B 186 -6.05 -14.65 14.90
CA PRO B 186 -4.99 -14.43 13.90
C PRO B 186 -5.53 -14.53 12.47
N MET B 187 -4.92 -13.76 11.58
CA MET B 187 -5.30 -13.74 10.18
C MET B 187 -4.84 -15.03 9.51
N PHE B 188 -5.53 -15.42 8.43
CA PHE B 188 -5.16 -16.60 7.65
CA PHE B 188 -5.16 -16.60 7.65
C PHE B 188 -5.74 -16.51 6.23
C PHE B 188 -5.74 -16.51 6.23
N GLY B 189 -5.12 -17.22 5.30
CA GLY B 189 -5.57 -17.25 3.90
C GLY B 189 -6.86 -18.03 3.75
N TYR B 190 -6.76 -19.34 3.79
CA TYR B 190 -7.91 -20.23 3.71
C TYR B 190 -7.69 -21.40 4.66
N LYS B 191 -8.67 -21.65 5.54
CA LYS B 191 -8.68 -22.82 6.42
C LYS B 191 -9.85 -23.71 6.02
N HIS B 192 -9.53 -24.96 5.69
CA HIS B 192 -10.54 -26.01 5.59
C HIS B 192 -10.84 -26.47 7.03
N VAL B 193 -12.11 -26.46 7.41
CA VAL B 193 -12.47 -26.70 8.80
C VAL B 193 -13.18 -28.04 9.00
N LEU B 194 -14.18 -28.31 8.16
CA LEU B 194 -14.95 -29.55 8.28
C LEU B 194 -15.19 -30.19 6.90
N THR B 195 -14.67 -31.40 6.72
CA THR B 195 -14.86 -32.18 5.50
C THR B 195 -16.32 -32.56 5.29
N LEU B 196 -16.74 -32.64 4.03
CA LEU B 196 -18.12 -33.00 3.68
C LEU B 196 -18.57 -34.22 4.48
N THR B 197 -19.60 -34.02 5.30
CA THR B 197 -20.11 -35.06 6.19
C THR B 197 -21.64 -35.03 6.27
N ASP B 198 -22.22 -36.18 6.62
CA ASP B 198 -23.68 -36.27 6.83
C ASP B 198 -24.06 -35.93 8.28
N GLN B 199 -23.06 -35.69 9.12
CA GLN B 199 -23.29 -35.32 10.52
C GLN B 199 -23.70 -33.85 10.61
N VAL B 200 -25.00 -33.61 10.40
CA VAL B 200 -25.54 -32.26 10.31
C VAL B 200 -25.49 -31.49 11.63
N THR B 201 -25.79 -32.16 12.74
CA THR B 201 -25.78 -31.51 14.05
CA THR B 201 -25.78 -31.51 14.05
C THR B 201 -24.38 -31.01 14.41
N ARG B 202 -23.36 -31.76 13.98
CA ARG B 202 -21.96 -31.38 14.22
C ARG B 202 -21.55 -30.19 13.36
N PHE B 203 -21.89 -30.26 12.06
CA PHE B 203 -21.65 -29.15 11.14
C PHE B 203 -22.22 -27.84 11.68
N ASN B 204 -23.43 -27.89 12.22
CA ASN B 204 -24.08 -26.71 12.79
C ASN B 204 -23.37 -26.18 14.04
N GLU B 205 -22.85 -27.11 14.85
CA GLU B 205 -22.13 -26.75 16.06
C GLU B 205 -20.84 -25.99 15.73
N GLU B 206 -20.08 -26.51 14.78
CA GLU B 206 -18.81 -25.90 14.36
C GLU B 206 -19.00 -24.53 13.69
N VAL B 207 -20.04 -24.41 12.88
CA VAL B 207 -20.35 -23.14 12.23
C VAL B 207 -20.63 -22.05 13.29
N LYS B 208 -21.31 -22.42 14.37
CA LYS B 208 -21.64 -21.46 15.42
C LYS B 208 -20.44 -21.09 16.31
N LYS B 209 -19.41 -21.93 16.30
CA LYS B 209 -18.16 -21.63 17.03
C LYS B 209 -17.30 -20.59 16.31
N GLN B 210 -17.52 -20.39 15.02
CA GLN B 210 -16.67 -19.52 14.23
C GLN B 210 -16.78 -18.07 14.68
N SER B 211 -15.61 -17.40 14.75
CA SER B 211 -15.54 -15.99 15.09
C SER B 211 -14.65 -15.29 14.08
N VAL B 212 -14.65 -13.97 14.10
CA VAL B 212 -13.97 -13.18 13.07
C VAL B 212 -12.51 -12.92 13.39
N SER B 213 -11.77 -12.54 12.35
CA SER B 213 -10.40 -12.07 12.46
C SER B 213 -10.39 -10.61 11.96
N ARG B 214 -9.24 -10.13 11.48
CA ARG B 214 -9.15 -8.77 10.97
C ARG B 214 -7.95 -8.59 10.03
N ASN B 215 -8.19 -7.91 8.92
CA ASN B 215 -7.12 -7.49 8.02
C ASN B 215 -7.37 -6.04 7.58
N ARG B 216 -6.50 -5.51 6.73
CA ARG B 216 -6.49 -4.07 6.47
C ARG B 216 -7.37 -3.62 5.31
N ASP B 217 -7.26 -4.27 4.17
CA ASP B 217 -7.91 -3.79 2.95
C ASP B 217 -9.25 -4.49 2.65
N ALA B 218 -10.21 -3.70 2.14
CA ALA B 218 -11.59 -4.15 1.94
C ALA B 218 -11.70 -5.41 1.10
N PRO B 219 -11.03 -5.45 -0.06
CA PRO B 219 -11.12 -6.66 -0.87
C PRO B 219 -10.43 -7.82 -0.17
N GLU B 220 -11.06 -9.00 -0.21
CA GLU B 220 -10.57 -10.16 0.54
C GLU B 220 -10.07 -11.26 -0.38
N GLY B 221 -9.53 -12.32 0.21
CA GLY B 221 -8.91 -13.41 -0.54
C GLY B 221 -9.78 -14.65 -0.76
N GLY B 222 -11.07 -14.44 -0.96
CA GLY B 222 -12.00 -15.56 -1.08
C GLY B 222 -11.81 -16.43 -2.31
N PHE B 223 -11.25 -15.85 -3.37
CA PHE B 223 -11.01 -16.59 -4.61
C PHE B 223 -9.93 -17.66 -4.44
N ASP B 224 -8.98 -17.43 -3.52
CA ASP B 224 -8.05 -18.48 -3.12
C ASP B 224 -8.81 -19.66 -2.53
N ALA B 225 -9.76 -19.36 -1.63
CA ALA B 225 -10.59 -20.39 -1.03
C ALA B 225 -11.40 -21.15 -2.08
N ILE B 226 -11.97 -20.41 -3.03
CA ILE B 226 -12.79 -21.03 -4.09
C ILE B 226 -11.93 -22.01 -4.91
N MET B 227 -10.74 -21.57 -5.29
CA MET B 227 -9.83 -22.39 -6.07
C MET B 227 -9.44 -23.67 -5.32
N GLN B 228 -9.04 -23.53 -4.06
CA GLN B 228 -8.63 -24.67 -3.24
C GLN B 228 -9.80 -25.59 -2.87
N ALA B 229 -10.97 -25.00 -2.62
CA ALA B 229 -12.19 -25.78 -2.37
C ALA B 229 -12.63 -26.57 -3.61
N THR B 230 -12.23 -26.11 -4.79
CA THR B 230 -12.54 -26.79 -6.04
C THR B 230 -11.55 -27.92 -6.32
N VAL B 231 -10.26 -27.62 -6.21
CA VAL B 231 -9.21 -28.53 -6.69
C VAL B 231 -8.67 -29.51 -5.64
N CYS B 232 -8.92 -29.26 -4.36
CA CYS B 232 -8.50 -30.17 -3.31
C CYS B 232 -9.56 -31.24 -3.09
N ASP B 233 -9.55 -32.25 -3.95
CA ASP B 233 -10.60 -33.29 -3.99
C ASP B 233 -10.73 -34.09 -2.70
N GLU B 234 -9.64 -34.72 -2.29
CA GLU B 234 -9.65 -35.58 -1.10
C GLU B 234 -9.90 -34.81 0.20
N LYS B 235 -9.43 -33.56 0.27
CA LYS B 235 -9.61 -32.75 1.48
C LYS B 235 -11.07 -32.38 1.72
N ILE B 236 -11.74 -31.88 0.68
CA ILE B 236 -13.13 -31.44 0.79
C ILE B 236 -14.07 -32.66 0.80
N GLY B 237 -13.76 -33.64 -0.04
CA GLY B 237 -14.47 -34.92 -0.03
C GLY B 237 -15.64 -34.98 -1.00
N TRP B 238 -15.54 -34.27 -2.12
CA TRP B 238 -16.59 -34.30 -3.14
C TRP B 238 -16.75 -35.73 -3.64
N ARG B 239 -18.01 -36.17 -3.77
CA ARG B 239 -18.31 -37.52 -4.26
C ARG B 239 -18.40 -37.52 -5.78
N ASN B 240 -18.09 -38.65 -6.40
CA ASN B 240 -18.05 -38.76 -7.86
C ASN B 240 -19.42 -38.56 -8.49
N ASP B 241 -20.39 -39.38 -8.10
CA ASP B 241 -21.74 -39.31 -8.65
C ASP B 241 -22.66 -38.52 -7.72
N ALA B 242 -22.33 -37.26 -7.50
CA ALA B 242 -23.13 -36.37 -6.66
C ALA B 242 -23.10 -34.94 -7.20
N SER B 243 -24.16 -34.19 -6.88
CA SER B 243 -24.26 -32.79 -7.30
C SER B 243 -23.40 -31.93 -6.37
N HIS B 244 -22.50 -31.14 -6.96
CA HIS B 244 -21.53 -30.36 -6.17
C HIS B 244 -21.88 -28.87 -6.17
N LEU B 245 -22.21 -28.36 -4.98
CA LEU B 245 -22.50 -26.94 -4.81
C LEU B 245 -21.46 -26.29 -3.89
N LEU B 246 -20.88 -25.18 -4.33
CA LEU B 246 -19.91 -24.43 -3.54
C LEU B 246 -20.49 -23.05 -3.20
N VAL B 247 -20.97 -22.90 -1.98
CA VAL B 247 -21.61 -21.67 -1.54
C VAL B 247 -20.56 -20.73 -0.94
N PHE B 248 -20.46 -19.52 -1.49
CA PHE B 248 -19.44 -18.54 -1.12
C PHE B 248 -20.07 -17.31 -0.49
N THR B 249 -19.69 -16.98 0.75
CA THR B 249 -20.24 -15.83 1.47
C THR B 249 -19.21 -14.69 1.61
N THR B 250 -19.69 -13.46 1.53
CA THR B 250 -18.86 -12.27 1.75
C THR B 250 -19.71 -11.01 1.73
N ASP B 251 -19.21 -9.95 2.37
CA ASP B 251 -19.91 -8.66 2.39
C ASP B 251 -19.13 -7.55 1.67
N ALA B 252 -18.11 -7.95 0.91
CA ALA B 252 -17.17 -6.99 0.33
C ALA B 252 -16.64 -7.38 -1.05
N LYS B 253 -15.83 -6.50 -1.63
CA LYS B 253 -15.10 -6.77 -2.85
C LYS B 253 -14.19 -7.99 -2.68
N THR B 254 -13.60 -8.43 -3.79
CA THR B 254 -12.66 -9.55 -3.75
C THR B 254 -11.39 -9.25 -4.54
N HIS B 255 -10.27 -9.81 -4.10
CA HIS B 255 -9.04 -9.71 -4.85
C HIS B 255 -9.10 -10.62 -6.05
N ILE B 256 -8.39 -10.22 -7.10
CA ILE B 256 -8.36 -10.95 -8.37
C ILE B 256 -6.91 -11.03 -8.84
N ALA B 257 -6.62 -11.91 -9.80
CA ALA B 257 -5.27 -12.10 -10.30
C ALA B 257 -4.61 -10.76 -10.67
N LEU B 258 -3.32 -10.63 -10.31
CA LEU B 258 -2.50 -9.42 -10.48
C LEU B 258 -2.60 -8.41 -9.32
N ASP B 259 -3.54 -8.62 -8.38
CA ASP B 259 -3.57 -7.84 -7.14
C ASP B 259 -2.40 -8.19 -6.24
N GLY B 260 -1.95 -9.45 -6.33
CA GLY B 260 -0.87 -9.97 -5.50
C GLY B 260 0.42 -9.17 -5.51
N ARG B 261 0.64 -8.42 -6.58
CA ARG B 261 1.84 -7.59 -6.70
C ARG B 261 2.00 -6.54 -5.58
N LEU B 262 0.88 -6.13 -4.97
CA LEU B 262 0.96 -5.19 -3.84
C LEU B 262 1.50 -5.84 -2.58
N ALA B 263 1.53 -7.17 -2.54
CA ALA B 263 2.18 -7.91 -1.46
C ALA B 263 3.52 -8.48 -1.94
N GLY B 264 3.96 -8.03 -3.11
CA GLY B 264 5.18 -8.55 -3.73
C GLY B 264 5.06 -9.93 -4.36
N ILE B 265 3.82 -10.43 -4.47
CA ILE B 265 3.55 -11.76 -5.04
C ILE B 265 3.29 -11.65 -6.54
N VAL B 266 4.14 -12.27 -7.35
CA VAL B 266 4.01 -12.20 -8.81
C VAL B 266 3.74 -13.56 -9.49
N GLN B 267 4.10 -14.67 -8.81
CA GLN B 267 3.87 -16.01 -9.36
C GLN B 267 2.39 -16.27 -9.65
N PRO B 268 2.04 -16.60 -10.90
CA PRO B 268 0.63 -16.83 -11.18
C PRO B 268 0.10 -18.09 -10.51
N ASN B 269 -1.21 -18.12 -10.28
CA ASN B 269 -1.86 -19.25 -9.65
C ASN B 269 -1.72 -20.50 -10.51
N ASP B 270 -1.16 -21.57 -9.94
CA ASP B 270 -0.90 -22.81 -10.67
C ASP B 270 -2.12 -23.73 -10.80
N GLY B 271 -3.23 -23.35 -10.17
CA GLY B 271 -4.47 -24.12 -10.24
C GLY B 271 -4.42 -25.49 -9.58
N GLN B 272 -3.50 -25.66 -8.64
CA GLN B 272 -3.29 -26.95 -7.97
C GLN B 272 -3.59 -26.85 -6.48
N CYS B 273 -3.86 -28.00 -5.87
CA CYS B 273 -4.16 -28.08 -4.45
C CYS B 273 -2.90 -27.85 -3.60
N HIS B 274 -2.99 -26.92 -2.66
CA HIS B 274 -1.90 -26.67 -1.73
C HIS B 274 -2.39 -26.61 -0.28
N VAL B 275 -3.41 -27.42 0.03
CA VAL B 275 -3.90 -27.57 1.39
C VAL B 275 -3.47 -28.94 1.92
N GLY B 276 -2.39 -28.94 2.71
CA GLY B 276 -1.84 -30.18 3.24
C GLY B 276 -2.53 -30.69 4.49
N SER B 277 -1.74 -31.26 5.41
CA SER B 277 -2.27 -31.91 6.60
C SER B 277 -2.81 -30.94 7.65
N ASP B 278 -2.23 -29.74 7.73
CA ASP B 278 -2.70 -28.73 8.71
C ASP B 278 -3.89 -27.87 8.23
N ASN B 279 -4.43 -28.19 7.05
CA ASN B 279 -5.66 -27.59 6.53
C ASN B 279 -5.62 -26.10 6.17
N HIS B 280 -4.43 -25.52 6.08
N HIS B 280 -4.42 -25.52 6.07
CA HIS B 280 -4.29 -24.13 5.65
CA HIS B 280 -4.25 -24.14 5.64
C HIS B 280 -3.70 -24.09 4.24
C HIS B 280 -3.76 -24.13 4.21
N TYR B 281 -4.15 -23.12 3.45
CA TYR B 281 -3.66 -22.93 2.10
C TYR B 281 -2.21 -22.46 2.18
N SER B 282 -1.27 -23.37 1.91
CA SER B 282 0.14 -23.11 2.14
C SER B 282 0.75 -22.15 1.12
N ALA B 283 0.13 -22.01 -0.05
CA ALA B 283 0.62 -21.09 -1.09
C ALA B 283 0.10 -19.67 -0.95
N SER B 284 -0.73 -19.41 0.07
CA SER B 284 -1.36 -18.11 0.28
C SER B 284 -0.40 -16.91 0.14
N THR B 285 0.73 -16.98 0.82
CA THR B 285 1.69 -15.88 0.84
C THR B 285 2.70 -15.87 -0.32
N THR B 286 2.70 -16.92 -1.15
CA THR B 286 3.69 -17.05 -2.22
C THR B 286 3.11 -17.09 -3.64
N MET B 287 1.80 -17.23 -3.75
CA MET B 287 1.15 -17.42 -5.06
C MET B 287 0.02 -16.40 -5.24
N ASP B 288 -0.11 -15.88 -6.46
CA ASP B 288 -1.09 -14.84 -6.75
C ASP B 288 -2.51 -15.41 -6.73
N TYR B 289 -3.50 -14.53 -6.55
CA TYR B 289 -4.91 -14.90 -6.62
C TYR B 289 -5.21 -15.46 -8.01
N PRO B 290 -6.18 -16.39 -8.12
CA PRO B 290 -6.50 -16.97 -9.41
C PRO B 290 -7.26 -16.00 -10.29
N SER B 291 -7.12 -16.15 -11.61
CA SER B 291 -7.90 -15.34 -12.55
C SER B 291 -9.29 -15.96 -12.71
N LEU B 292 -10.22 -15.21 -13.28
CA LEU B 292 -11.57 -15.73 -13.52
C LEU B 292 -11.55 -16.95 -14.42
N GLY B 293 -10.77 -16.89 -15.50
CA GLY B 293 -10.68 -17.98 -16.46
C GLY B 293 -10.18 -19.28 -15.87
N LEU B 294 -9.19 -19.19 -14.98
CA LEU B 294 -8.65 -20.36 -14.31
C LEU B 294 -9.66 -20.92 -13.30
N MET B 295 -10.36 -20.05 -12.59
CA MET B 295 -11.44 -20.49 -11.71
C MET B 295 -12.50 -21.24 -12.51
N THR B 296 -12.89 -20.66 -13.65
CA THR B 296 -13.89 -21.26 -14.53
C THR B 296 -13.45 -22.64 -15.02
N GLU B 297 -12.19 -22.74 -15.41
CA GLU B 297 -11.61 -23.99 -15.90
C GLU B 297 -11.75 -25.11 -14.87
N LYS B 298 -11.35 -24.83 -13.63
CA LYS B 298 -11.32 -25.86 -12.60
C LYS B 298 -12.72 -26.21 -12.11
N LEU B 299 -13.59 -25.22 -11.94
CA LEU B 299 -15.00 -25.46 -11.60
C LEU B 299 -15.66 -26.38 -12.62
N SER B 300 -15.37 -26.15 -13.90
CA SER B 300 -15.91 -26.97 -14.98
C SER B 300 -15.30 -28.38 -14.98
N GLN B 301 -14.00 -28.46 -14.70
CA GLN B 301 -13.27 -29.74 -14.71
C GLN B 301 -13.69 -30.63 -13.56
N LYS B 302 -13.90 -30.03 -12.38
CA LYS B 302 -14.30 -30.77 -11.19
C LYS B 302 -15.82 -30.87 -11.04
N ASN B 303 -16.55 -30.35 -12.03
CA ASN B 303 -18.02 -30.38 -12.03
CA ASN B 303 -18.02 -30.39 -12.03
C ASN B 303 -18.60 -29.82 -10.74
N ILE B 304 -18.29 -28.55 -10.47
CA ILE B 304 -18.77 -27.85 -9.28
C ILE B 304 -19.51 -26.56 -9.66
N ASN B 305 -20.68 -26.36 -9.07
CA ASN B 305 -21.46 -25.14 -9.30
C ASN B 305 -21.17 -24.12 -8.22
N LEU B 306 -20.78 -22.92 -8.62
CA LEU B 306 -20.47 -21.85 -7.67
C LEU B 306 -21.72 -21.02 -7.41
N ILE B 307 -21.98 -20.75 -6.14
CA ILE B 307 -23.05 -19.86 -5.74
C ILE B 307 -22.46 -18.75 -4.89
N PHE B 308 -22.58 -17.51 -5.36
CA PHE B 308 -22.17 -16.35 -4.59
C PHE B 308 -23.32 -15.94 -3.68
N ALA B 309 -23.20 -16.24 -2.39
CA ALA B 309 -24.16 -15.77 -1.37
C ALA B 309 -23.62 -14.50 -0.70
N VAL B 310 -23.80 -13.36 -1.37
CA VAL B 310 -23.17 -12.12 -0.94
C VAL B 310 -24.21 -11.13 -0.41
N THR B 311 -23.80 -10.19 0.45
CA THR B 311 -24.73 -9.18 0.98
C THR B 311 -25.11 -8.16 -0.09
N GLU B 312 -26.22 -7.47 0.14
CA GLU B 312 -26.85 -6.64 -0.90
C GLU B 312 -25.93 -5.57 -1.52
N ASN B 313 -25.08 -4.97 -0.69
CA ASN B 313 -24.15 -3.93 -1.18
C ASN B 313 -23.20 -4.38 -2.31
N VAL B 314 -22.99 -5.70 -2.44
CA VAL B 314 -22.08 -6.23 -3.48
C VAL B 314 -22.75 -7.22 -4.45
N VAL B 315 -24.08 -7.38 -4.37
CA VAL B 315 -24.79 -8.29 -5.28
C VAL B 315 -24.50 -8.00 -6.75
N ASN B 316 -24.58 -6.72 -7.13
CA ASN B 316 -24.31 -6.33 -8.50
C ASN B 316 -22.87 -6.62 -8.92
N LEU B 317 -21.92 -6.45 -7.99
CA LEU B 317 -20.52 -6.79 -8.27
C LEU B 317 -20.39 -8.28 -8.62
N TYR B 318 -21.01 -9.14 -7.83
CA TYR B 318 -20.89 -10.59 -8.02
C TYR B 318 -21.80 -11.12 -9.14
N GLN B 319 -22.93 -10.47 -9.38
CA GLN B 319 -23.78 -10.76 -10.54
CA GLN B 319 -23.77 -10.79 -10.54
C GLN B 319 -22.97 -10.53 -11.83
N ASN B 320 -22.12 -9.52 -11.81
CA ASN B 320 -21.27 -9.21 -12.96
C ASN B 320 -20.13 -10.20 -13.14
N TYR B 321 -19.50 -10.62 -12.04
CA TYR B 321 -18.51 -11.70 -12.10
C TYR B 321 -19.18 -12.99 -12.55
N SER B 322 -20.41 -13.20 -12.09
CA SER B 322 -21.15 -14.43 -12.41
C SER B 322 -21.32 -14.61 -13.92
N GLU B 323 -21.62 -13.53 -14.62
CA GLU B 323 -21.73 -13.56 -16.09
C GLU B 323 -20.42 -13.92 -16.79
N LEU B 324 -19.29 -13.74 -16.11
CA LEU B 324 -17.98 -14.10 -16.67
C LEU B 324 -17.51 -15.52 -16.27
N ILE B 325 -18.26 -16.17 -15.39
CA ILE B 325 -18.04 -17.58 -15.04
C ILE B 325 -19.35 -18.33 -15.27
N PRO B 326 -19.61 -18.72 -16.52
CA PRO B 326 -20.92 -19.29 -16.90
C PRO B 326 -21.35 -20.43 -15.99
N GLY B 327 -22.61 -20.42 -15.57
CA GLY B 327 -23.16 -21.45 -14.70
C GLY B 327 -23.28 -21.01 -13.26
N THR B 328 -22.50 -19.99 -12.90
CA THR B 328 -22.55 -19.42 -11.56
C THR B 328 -23.85 -18.65 -11.34
N THR B 329 -24.31 -18.61 -10.09
CA THR B 329 -25.52 -17.90 -9.71
C THR B 329 -25.27 -17.06 -8.46
N VAL B 330 -26.16 -16.10 -8.20
CA VAL B 330 -26.00 -15.18 -7.07
C VAL B 330 -27.26 -15.13 -6.21
N GLY B 331 -27.06 -15.17 -4.89
CA GLY B 331 -28.14 -15.04 -3.93
C GLY B 331 -27.76 -14.03 -2.87
N VAL B 332 -28.76 -13.43 -2.23
CA VAL B 332 -28.49 -12.38 -1.27
C VAL B 332 -28.33 -12.96 0.13
N LEU B 333 -27.15 -12.73 0.71
CA LEU B 333 -26.89 -13.04 2.11
C LEU B 333 -27.56 -11.98 2.95
N SER B 334 -28.35 -12.42 3.93
CA SER B 334 -29.03 -11.50 4.83
C SER B 334 -29.42 -12.24 6.10
N MET B 335 -30.16 -11.56 6.98
CA MET B 335 -30.72 -12.21 8.15
C MET B 335 -31.72 -13.29 7.76
N ASP B 336 -32.27 -13.18 6.56
CA ASP B 336 -33.17 -14.19 6.01
C ASP B 336 -32.42 -15.08 5.01
N SER B 337 -32.61 -16.39 5.15
CA SER B 337 -31.89 -17.39 4.34
C SER B 337 -32.67 -17.88 3.10
N SER B 338 -33.86 -17.33 2.86
CA SER B 338 -34.76 -17.82 1.81
C SER B 338 -34.18 -17.72 0.40
N ASN B 339 -33.63 -16.54 0.09
CA ASN B 339 -33.07 -16.29 -1.25
C ASN B 339 -32.06 -17.36 -1.64
N VAL B 340 -31.06 -17.55 -0.80
CA VAL B 340 -29.96 -18.47 -1.11
C VAL B 340 -30.43 -19.92 -1.13
N LEU B 341 -31.34 -20.28 -0.22
CA LEU B 341 -31.91 -21.63 -0.19
C LEU B 341 -32.64 -22.01 -1.47
N GLN B 342 -33.42 -21.09 -2.03
CA GLN B 342 -34.12 -21.34 -3.29
C GLN B 342 -33.18 -21.78 -4.40
N LEU B 343 -32.02 -21.12 -4.50
CA LEU B 343 -31.05 -21.47 -5.53
C LEU B 343 -30.65 -22.94 -5.42
N ILE B 344 -30.43 -23.42 -4.19
CA ILE B 344 -30.05 -24.82 -3.96
C ILE B 344 -31.22 -25.76 -4.28
N VAL B 345 -32.39 -25.46 -3.70
CA VAL B 345 -33.62 -26.21 -3.98
C VAL B 345 -33.87 -26.29 -5.49
N ASP B 346 -33.76 -25.14 -6.16
CA ASP B 346 -33.90 -25.08 -7.63
C ASP B 346 -32.85 -25.93 -8.33
N ALA B 347 -31.62 -25.94 -7.79
CA ALA B 347 -30.55 -26.79 -8.30
C ALA B 347 -30.91 -28.28 -8.15
N TYR B 348 -31.49 -28.62 -7.00
CA TYR B 348 -31.97 -29.99 -6.75
C TYR B 348 -33.13 -30.37 -7.65
N GLY B 349 -33.98 -29.39 -7.95
CA GLY B 349 -35.11 -29.60 -8.86
C GLY B 349 -34.70 -30.01 -10.26
N LYS B 350 -33.53 -29.56 -10.71
CA LYS B 350 -33.05 -29.85 -12.06
C LYS B 350 -32.36 -31.21 -12.19
N ILE B 351 -32.10 -31.88 -11.07
CA ILE B 351 -31.41 -33.19 -11.10
C ILE B 351 -32.27 -34.30 -11.71
N ARG B 352 -31.70 -35.04 -12.65
CA ARG B 352 -32.36 -36.19 -13.26
C ARG B 352 -31.49 -37.42 -13.19
N SER B 353 -32.11 -38.60 -13.20
CA SER B 353 -31.41 -39.87 -13.10
C SER B 353 -31.86 -40.85 -14.17
N LYS B 354 -31.16 -41.98 -14.26
CA LYS B 354 -31.49 -43.03 -15.20
C LYS B 354 -31.59 -44.41 -14.52
N VAL B 355 -32.37 -45.30 -15.12
CA VAL B 355 -32.44 -46.70 -14.70
C VAL B 355 -31.81 -47.53 -15.79
N GLU B 356 -30.63 -48.09 -15.51
CA GLU B 356 -29.90 -48.92 -16.47
C GLU B 356 -29.71 -50.31 -15.89
N LEU B 357 -30.37 -51.29 -16.48
CA LEU B 357 -30.35 -52.66 -15.96
C LEU B 357 -29.05 -53.36 -16.33
N GLU B 358 -28.48 -54.09 -15.38
CA GLU B 358 -27.30 -54.93 -15.61
C GLU B 358 -27.50 -56.34 -15.06
N VAL B 359 -27.12 -57.35 -15.84
CA VAL B 359 -27.34 -58.75 -15.47
C VAL B 359 -26.07 -59.36 -14.88
N ARG B 360 -26.21 -59.97 -13.71
CA ARG B 360 -25.10 -60.60 -13.01
C ARG B 360 -25.35 -62.08 -12.79
N ASP B 361 -24.32 -62.90 -13.01
CA ASP B 361 -24.37 -64.34 -12.79
C ASP B 361 -25.35 -65.05 -13.74
N LEU B 362 -25.43 -64.60 -14.99
CA LEU B 362 -26.23 -65.28 -16.00
C LEU B 362 -25.47 -66.51 -16.50
N PRO B 363 -26.09 -67.70 -16.44
CA PRO B 363 -25.48 -68.90 -16.99
C PRO B 363 -25.18 -68.80 -18.49
N GLU B 364 -24.19 -69.57 -18.94
CA GLU B 364 -23.88 -69.71 -20.37
C GLU B 364 -25.12 -70.04 -21.19
N GLU B 365 -25.94 -70.95 -20.66
CA GLU B 365 -27.10 -71.47 -21.37
C GLU B 365 -28.21 -70.43 -21.54
N LEU B 366 -28.46 -69.64 -20.49
CA LEU B 366 -29.52 -68.64 -20.50
C LEU B 366 -29.10 -67.35 -21.21
N SER B 367 -29.94 -66.87 -22.12
CA SER B 367 -29.76 -65.57 -22.77
C SER B 367 -31.03 -64.73 -22.61
N LEU B 368 -30.86 -63.42 -22.44
CA LEU B 368 -31.97 -62.53 -22.13
C LEU B 368 -32.25 -61.51 -23.24
N SER B 369 -33.50 -61.07 -23.33
CA SER B 369 -33.88 -59.93 -24.17
C SER B 369 -34.89 -59.05 -23.42
N PHE B 370 -34.73 -57.73 -23.58
CA PHE B 370 -35.48 -56.75 -22.79
C PHE B 370 -36.34 -55.84 -23.66
N ASN B 371 -37.46 -55.39 -23.10
CA ASN B 371 -38.28 -54.31 -23.65
C ASN B 371 -38.47 -53.23 -22.59
N ALA B 372 -38.07 -52.00 -22.89
CA ALA B 372 -38.16 -50.90 -21.93
C ALA B 372 -39.40 -50.05 -22.19
N THR B 373 -40.21 -49.87 -21.16
CA THR B 373 -41.34 -48.93 -21.17
C THR B 373 -41.02 -47.78 -20.21
N CYS B 374 -40.68 -46.63 -20.79
CA CYS B 374 -40.21 -45.48 -20.00
C CYS B 374 -41.34 -44.46 -19.75
N LEU B 375 -40.96 -43.23 -19.38
CA LEU B 375 -41.92 -42.20 -19.02
C LEU B 375 -42.84 -41.83 -20.19
N ASN B 376 -42.34 -41.98 -21.42
CA ASN B 376 -43.15 -41.75 -22.62
C ASN B 376 -44.23 -42.82 -22.87
N ASN B 377 -44.20 -43.89 -22.07
CA ASN B 377 -45.17 -44.99 -22.17
C ASN B 377 -45.14 -45.65 -23.54
N GLU B 378 -43.94 -45.82 -24.07
CA GLU B 378 -43.73 -46.50 -25.36
C GLU B 378 -42.76 -47.65 -25.17
N VAL B 379 -43.19 -48.85 -25.54
CA VAL B 379 -42.36 -50.04 -25.40
C VAL B 379 -41.26 -50.00 -26.46
N ILE B 380 -40.10 -49.46 -26.09
CA ILE B 380 -38.93 -49.46 -26.98
C ILE B 380 -38.31 -50.85 -26.86
N PRO B 381 -38.39 -51.66 -27.93
CA PRO B 381 -37.93 -53.04 -27.82
C PRO B 381 -36.42 -53.14 -27.89
N GLY B 382 -35.86 -54.15 -27.22
CA GLY B 382 -34.40 -54.33 -27.18
C GLY B 382 -33.68 -53.43 -26.19
N LEU B 383 -34.29 -52.31 -25.83
CA LEU B 383 -33.69 -51.35 -24.90
C LEU B 383 -33.88 -51.83 -23.46
N LYS B 384 -32.92 -51.52 -22.60
CA LYS B 384 -32.97 -51.93 -21.20
C LYS B 384 -32.58 -50.79 -20.23
N SER B 385 -32.84 -49.55 -20.64
CA SER B 385 -32.58 -48.40 -19.79
C SER B 385 -33.45 -47.18 -20.16
N CYS B 386 -33.91 -46.48 -19.12
CA CYS B 386 -34.65 -45.22 -19.28
C CYS B 386 -33.85 -44.08 -18.66
N MET B 387 -33.96 -42.89 -19.23
CA MET B 387 -33.31 -41.69 -18.71
C MET B 387 -34.33 -40.60 -18.39
N GLY B 388 -33.88 -39.56 -17.69
CA GLY B 388 -34.72 -38.40 -17.40
C GLY B 388 -35.75 -38.59 -16.29
N LEU B 389 -35.41 -39.38 -15.28
CA LEU B 389 -36.32 -39.60 -14.15
C LEU B 389 -36.11 -38.57 -13.05
N LYS B 390 -37.22 -38.15 -12.42
CA LYS B 390 -37.19 -37.40 -11.17
C LYS B 390 -37.47 -38.37 -10.03
N ILE B 391 -37.35 -37.90 -8.79
CA ILE B 391 -37.74 -38.69 -7.62
C ILE B 391 -39.23 -39.02 -7.74
N GLY B 392 -39.59 -40.27 -7.52
CA GLY B 392 -41.00 -40.70 -7.55
C GLY B 392 -41.44 -41.31 -8.86
N ASP B 393 -40.69 -41.07 -9.93
CA ASP B 393 -41.00 -41.64 -11.24
C ASP B 393 -40.76 -43.15 -11.25
N THR B 394 -41.52 -43.85 -12.09
CA THR B 394 -41.44 -45.31 -12.23
C THR B 394 -41.36 -45.73 -13.70
N VAL B 395 -40.35 -46.54 -14.04
CA VAL B 395 -40.24 -47.14 -15.36
C VAL B 395 -40.56 -48.63 -15.24
N SER B 396 -40.60 -49.32 -16.38
CA SER B 396 -41.06 -50.71 -16.44
C SER B 396 -40.36 -51.46 -17.57
N PHE B 397 -39.94 -52.70 -17.30
CA PHE B 397 -39.26 -53.54 -18.29
C PHE B 397 -39.86 -54.94 -18.35
N SER B 398 -39.97 -55.48 -19.56
CA SER B 398 -40.38 -56.86 -19.76
C SER B 398 -39.16 -57.65 -20.23
N ILE B 399 -38.75 -58.63 -19.44
CA ILE B 399 -37.57 -59.45 -19.76
C ILE B 399 -38.02 -60.84 -20.23
N GLU B 400 -37.32 -61.37 -21.23
CA GLU B 400 -37.53 -62.74 -21.68
C GLU B 400 -36.22 -63.51 -21.57
N ALA B 401 -36.29 -64.73 -21.03
CA ALA B 401 -35.13 -65.59 -20.86
C ALA B 401 -35.32 -66.87 -21.65
N LYS B 402 -34.34 -67.22 -22.49
CA LYS B 402 -34.37 -68.46 -23.27
C LYS B 402 -33.20 -69.37 -22.90
N VAL B 403 -33.51 -70.59 -22.48
CA VAL B 403 -32.49 -71.58 -22.16
C VAL B 403 -32.07 -72.35 -23.42
N ARG B 404 -30.78 -72.67 -23.49
CA ARG B 404 -30.25 -73.52 -24.56
C ARG B 404 -30.32 -74.98 -24.13
N GLY B 405 -31.31 -75.70 -24.65
CA GLY B 405 -31.46 -77.13 -24.38
C GLY B 405 -31.74 -77.42 -22.91
N CYS B 406 -31.20 -78.52 -22.43
CA CYS B 406 -31.38 -78.95 -21.03
C CYS B 406 -30.03 -79.05 -20.33
N PRO B 407 -29.76 -78.15 -19.36
CA PRO B 407 -28.49 -78.24 -18.63
C PRO B 407 -28.53 -79.29 -17.51
N GLN B 408 -27.38 -79.88 -17.22
CA GLN B 408 -27.27 -80.89 -16.15
C GLN B 408 -27.33 -80.29 -14.74
N GLU B 409 -27.02 -78.99 -14.64
CA GLU B 409 -27.06 -78.26 -13.37
C GLU B 409 -28.46 -78.28 -12.75
N LYS B 410 -29.47 -78.01 -13.57
CA LYS B 410 -30.90 -78.11 -13.20
C LYS B 410 -31.44 -76.99 -12.31
N GLU B 411 -30.59 -76.37 -11.49
CA GLU B 411 -31.01 -75.19 -10.72
C GLU B 411 -29.90 -74.14 -10.63
N LYS B 412 -30.13 -73.02 -11.29
CA LYS B 412 -29.23 -71.86 -11.24
C LYS B 412 -30.04 -70.61 -10.94
N SER B 413 -29.33 -69.52 -10.65
CA SER B 413 -29.96 -68.22 -10.44
C SER B 413 -29.09 -67.07 -10.94
N PHE B 414 -29.73 -66.01 -11.40
CA PHE B 414 -29.05 -64.80 -11.83
C PHE B 414 -29.75 -63.58 -11.24
N THR B 415 -29.16 -62.40 -11.42
CA THR B 415 -29.70 -61.17 -10.85
C THR B 415 -29.84 -60.06 -11.89
N ILE B 416 -30.98 -59.39 -11.87
CA ILE B 416 -31.19 -58.19 -12.69
C ILE B 416 -31.18 -57.01 -11.73
N LYS B 417 -30.26 -56.07 -11.97
CA LYS B 417 -30.00 -54.99 -11.04
C LYS B 417 -29.87 -53.67 -11.81
N PRO B 418 -30.56 -52.61 -11.36
CA PRO B 418 -30.29 -51.30 -11.94
C PRO B 418 -28.95 -50.73 -11.48
N VAL B 419 -28.25 -50.05 -12.38
CA VAL B 419 -26.97 -49.43 -12.06
C VAL B 419 -27.19 -48.29 -11.07
N GLY B 420 -26.46 -48.34 -9.95
CA GLY B 420 -26.58 -47.35 -8.88
C GLY B 420 -27.56 -47.70 -7.78
N PHE B 421 -28.47 -48.64 -8.06
CA PHE B 421 -29.50 -49.06 -7.11
C PHE B 421 -29.02 -50.26 -6.29
N LYS B 422 -29.30 -50.25 -4.99
CA LYS B 422 -29.02 -51.39 -4.13
C LYS B 422 -30.01 -52.53 -4.39
N ASP B 423 -31.23 -52.16 -4.79
CA ASP B 423 -32.29 -53.13 -5.06
C ASP B 423 -31.97 -53.98 -6.28
N SER B 424 -32.60 -55.15 -6.37
CA SER B 424 -32.42 -56.04 -7.51
C SER B 424 -33.52 -57.10 -7.59
N LEU B 425 -33.57 -57.77 -8.74
CA LEU B 425 -34.46 -58.91 -8.94
C LEU B 425 -33.60 -60.17 -9.01
N ILE B 426 -33.79 -61.07 -8.05
CA ILE B 426 -33.17 -62.39 -8.09
C ILE B 426 -34.11 -63.36 -8.78
N VAL B 427 -33.69 -63.89 -9.93
CA VAL B 427 -34.49 -64.86 -10.68
C VAL B 427 -33.94 -66.28 -10.49
N GLN B 428 -34.69 -67.10 -9.78
CA GLN B 428 -34.30 -68.49 -9.53
C GLN B 428 -34.84 -69.36 -10.66
N VAL B 429 -33.94 -70.01 -11.41
CA VAL B 429 -34.33 -70.83 -12.56
C VAL B 429 -34.24 -72.34 -12.27
N THR B 430 -35.31 -73.05 -12.65
CA THR B 430 -35.35 -74.51 -12.59
C THR B 430 -35.53 -75.05 -14.01
N PHE B 431 -34.86 -76.15 -14.33
CA PHE B 431 -34.94 -76.75 -15.67
C PHE B 431 -35.68 -78.09 -15.63
N ASP B 432 -36.93 -78.06 -16.09
CA ASP B 432 -37.82 -79.22 -16.07
C ASP B 432 -37.71 -80.01 -17.37
N CYS B 433 -36.89 -81.06 -17.34
CA CYS B 433 -36.63 -81.88 -18.53
C CYS B 433 -37.24 -83.27 -18.49
N ASP B 434 -37.69 -83.70 -17.32
CA ASP B 434 -38.30 -85.02 -17.14
C ASP B 434 -39.81 -84.93 -17.24
N CYS B 435 -40.45 -86.10 -17.34
CA CYS B 435 -41.91 -86.22 -17.32
C CYS B 435 -42.34 -86.73 -15.95
N ALA B 436 -43.60 -86.51 -15.62
CA ALA B 436 -44.14 -86.92 -14.31
C ALA B 436 -44.18 -88.45 -14.17
N CYS B 437 -44.37 -89.14 -15.29
CA CYS B 437 -44.43 -90.61 -15.32
C CYS B 437 -43.08 -91.29 -15.06
N GLN B 438 -41.98 -90.56 -15.21
CA GLN B 438 -40.65 -91.10 -14.92
C GLN B 438 -40.46 -91.40 -13.43
N ALA B 439 -41.21 -90.70 -12.57
CA ALA B 439 -41.24 -91.01 -11.14
C ALA B 439 -41.78 -92.42 -10.90
N GLN B 440 -42.83 -92.79 -11.63
CA GLN B 440 -43.34 -94.17 -11.65
C GLN B 440 -42.53 -94.97 -12.67
N ALA B 441 -41.32 -95.38 -12.27
CA ALA B 441 -40.37 -96.02 -13.17
C ALA B 441 -40.69 -97.48 -13.43
N GLU B 442 -40.95 -98.23 -12.37
CA GLU B 442 -41.12 -99.69 -12.43
C GLU B 442 -39.88 -100.38 -13.01
N PRO B 443 -38.77 -100.40 -12.23
CA PRO B 443 -37.48 -100.98 -12.66
C PRO B 443 -37.56 -102.35 -13.34
N ASN B 444 -38.40 -103.25 -12.81
CA ASN B 444 -38.57 -104.58 -13.41
C ASN B 444 -39.20 -104.48 -14.80
N SER B 445 -38.78 -105.38 -15.69
CA SER B 445 -39.19 -105.32 -17.10
C SER B 445 -40.69 -105.61 -17.28
N HIS B 446 -41.08 -106.83 -16.91
CA HIS B 446 -42.48 -107.29 -17.02
C HIS B 446 -42.95 -107.46 -18.48
N ARG B 447 -43.01 -106.34 -19.22
CA ARG B 447 -43.49 -106.36 -20.60
C ARG B 447 -42.40 -106.60 -21.65
N CYS B 448 -41.14 -106.33 -21.31
CA CYS B 448 -40.04 -106.54 -22.25
C CYS B 448 -39.56 -108.00 -22.24
N ASN B 449 -39.07 -108.45 -21.09
CA ASN B 449 -38.57 -109.83 -20.92
C ASN B 449 -37.47 -110.28 -21.90
N ASN B 450 -36.68 -109.32 -22.37
CA ASN B 450 -35.52 -109.60 -23.24
C ASN B 450 -34.23 -109.07 -22.63
N GLY B 451 -34.25 -108.82 -21.31
CA GLY B 451 -33.12 -108.23 -20.61
C GLY B 451 -33.01 -106.72 -20.82
N ASN B 452 -34.15 -106.07 -21.03
CA ASN B 452 -34.18 -104.61 -21.23
C ASN B 452 -34.25 -103.89 -19.89
N GLY B 453 -35.32 -104.16 -19.12
CA GLY B 453 -35.53 -103.53 -17.83
C GLY B 453 -36.17 -102.16 -17.94
N THR B 454 -36.89 -101.77 -16.89
CA THR B 454 -37.56 -100.46 -16.77
C THR B 454 -38.69 -100.25 -17.79
N PHE B 455 -39.90 -100.03 -17.28
CA PHE B 455 -41.07 -99.73 -18.10
C PHE B 455 -41.68 -98.39 -17.69
N GLU B 456 -41.29 -97.32 -18.36
CA GLU B 456 -41.73 -95.96 -18.02
C GLU B 456 -42.59 -95.33 -19.14
N CYS B 457 -43.72 -94.77 -18.74
CA CYS B 457 -44.61 -94.04 -19.65
C CYS B 457 -45.08 -94.86 -20.86
N GLY B 458 -45.17 -96.19 -20.68
CA GLY B 458 -45.66 -97.08 -21.73
C GLY B 458 -44.64 -97.37 -22.81
N VAL B 459 -43.46 -97.84 -22.42
CA VAL B 459 -42.40 -98.18 -23.39
C VAL B 459 -41.28 -99.01 -22.78
N CYS B 460 -40.66 -99.86 -23.60
CA CYS B 460 -39.45 -100.61 -23.22
C CYS B 460 -38.21 -99.79 -23.63
N ARG B 461 -37.03 -100.37 -23.45
CA ARG B 461 -35.79 -99.76 -23.93
C ARG B 461 -35.76 -99.66 -25.45
N GLU C 1 12.87 32.43 -3.08
CA GLU C 1 13.50 32.86 -1.80
C GLU C 1 12.50 32.69 -0.65
N VAL C 2 12.78 31.75 0.24
CA VAL C 2 11.99 31.53 1.45
C VAL C 2 12.20 32.70 2.40
N GLN C 3 11.09 33.25 2.91
CA GLN C 3 11.15 34.41 3.80
C GLN C 3 9.90 34.50 4.67
N LEU C 4 10.09 34.56 5.99
CA LEU C 4 8.99 34.67 6.96
C LEU C 4 8.82 36.13 7.37
N GLN C 5 7.67 36.70 7.02
CA GLN C 5 7.41 38.13 7.22
C GLN C 5 6.49 38.35 8.43
N GLN C 6 7.09 38.77 9.54
CA GLN C 6 6.37 38.95 10.80
C GLN C 6 5.76 40.34 10.92
N SER C 7 4.70 40.43 11.71
CA SER C 7 4.00 41.71 11.91
C SER C 7 4.82 42.66 12.77
N GLY C 8 4.42 43.93 12.75
CA GLY C 8 5.20 44.99 13.37
C GLY C 8 5.20 44.99 14.89
N ALA C 9 6.00 45.88 15.47
CA ALA C 9 6.15 45.98 16.92
C ALA C 9 4.82 46.27 17.60
N GLU C 10 4.67 45.71 18.81
CA GLU C 10 3.45 45.87 19.60
C GLU C 10 3.74 46.56 20.91
N LEU C 11 2.89 47.52 21.26
CA LEU C 11 2.91 48.11 22.60
C LEU C 11 1.54 47.85 23.22
N VAL C 12 1.52 46.98 24.23
CA VAL C 12 0.27 46.47 24.79
C VAL C 12 0.25 46.57 26.31
N LYS C 13 -0.94 46.49 26.88
CA LYS C 13 -1.13 46.69 28.32
C LYS C 13 -1.20 45.38 29.09
N PRO C 14 -0.69 45.38 30.34
CA PRO C 14 -0.75 44.16 31.13
C PRO C 14 -2.18 43.69 31.34
N GLY C 15 -2.40 42.38 31.28
CA GLY C 15 -3.72 41.78 31.44
C GLY C 15 -4.49 41.65 30.13
N ALA C 16 -4.05 42.37 29.10
CA ALA C 16 -4.66 42.30 27.78
C ALA C 16 -4.08 41.11 27.00
N SER C 17 -4.49 40.99 25.74
CA SER C 17 -3.93 40.02 24.82
C SER C 17 -3.34 40.71 23.59
N VAL C 18 -2.51 39.96 22.87
CA VAL C 18 -1.94 40.42 21.61
C VAL C 18 -1.82 39.23 20.68
N LYS C 19 -1.90 39.47 19.38
CA LYS C 19 -1.82 38.40 18.38
C LYS C 19 -0.82 38.78 17.29
N LEU C 20 0.30 38.05 17.25
CA LEU C 20 1.37 38.32 16.29
C LEU C 20 1.17 37.43 15.07
N SER C 21 1.58 37.91 13.90
CA SER C 21 1.40 37.17 12.65
C SER C 21 2.72 36.93 11.93
N CYS C 22 2.73 35.88 11.11
CA CYS C 22 3.93 35.46 10.41
C CYS C 22 3.51 34.93 9.04
N THR C 23 3.69 35.76 8.00
CA THR C 23 3.24 35.41 6.66
C THR C 23 4.37 34.85 5.79
N ALA C 24 4.12 33.69 5.19
CA ALA C 24 5.07 33.05 4.27
C ALA C 24 5.16 33.83 2.96
N SER C 25 6.39 33.99 2.48
CA SER C 25 6.66 34.61 1.20
C SER C 25 7.59 33.70 0.42
N GLY C 26 7.22 33.37 -0.81
CA GLY C 26 8.03 32.48 -1.64
C GLY C 26 7.87 31.01 -1.30
N PHE C 27 6.87 30.69 -0.47
CA PHE C 27 6.53 29.30 -0.16
C PHE C 27 5.15 29.25 0.50
N ASN C 28 4.56 28.05 0.59
CA ASN C 28 3.29 27.85 1.27
C ASN C 28 3.49 27.45 2.72
N ILE C 29 2.72 28.07 3.61
CA ILE C 29 2.86 27.90 5.06
C ILE C 29 2.59 26.45 5.50
N LYS C 30 1.76 25.73 4.76
CA LYS C 30 1.47 24.32 5.05
C LYS C 30 2.61 23.35 4.69
N ASP C 31 3.67 23.84 4.06
CA ASP C 31 4.78 23.00 3.66
C ASP C 31 5.50 22.32 4.83
N THR C 32 5.58 22.99 5.97
CA THR C 32 6.35 22.49 7.11
C THR C 32 5.75 22.91 8.44
N TYR C 33 6.29 22.35 9.52
CA TYR C 33 6.06 22.88 10.86
C TYR C 33 6.45 24.35 10.90
N VAL C 34 5.70 25.15 11.65
CA VAL C 34 6.05 26.53 11.94
C VAL C 34 6.12 26.67 13.46
N HIS C 35 7.28 27.09 13.96
CA HIS C 35 7.53 27.21 15.40
C HIS C 35 7.49 28.66 15.83
N TRP C 36 7.28 28.88 17.12
CA TRP C 36 7.37 30.23 17.72
C TRP C 36 8.40 30.23 18.85
N VAL C 37 9.29 31.21 18.82
CA VAL C 37 10.39 31.30 19.78
C VAL C 37 10.42 32.70 20.42
N LYS C 38 10.77 32.72 21.70
CA LYS C 38 10.79 33.92 22.53
C LYS C 38 12.24 34.24 22.85
N GLN C 39 12.62 35.51 22.79
CA GLN C 39 13.97 35.95 23.16
C GLN C 39 13.93 37.14 24.13
N ARG C 40 14.70 37.02 25.20
CA ARG C 40 14.88 38.11 26.15
C ARG C 40 16.37 38.29 26.44
N PRO C 41 16.80 39.54 26.71
CA PRO C 41 18.22 39.82 26.91
C PRO C 41 18.90 38.91 27.93
N GLU C 42 18.26 38.69 29.08
CA GLU C 42 18.86 37.93 30.17
CA GLU C 42 18.85 37.94 30.18
C GLU C 42 18.53 36.44 30.08
N GLN C 43 17.26 36.13 29.90
CA GLN C 43 16.79 34.75 29.95
C GLN C 43 17.14 33.93 28.72
N GLY C 44 17.36 34.60 27.59
CA GLY C 44 17.76 33.91 26.36
C GLY C 44 16.58 33.41 25.55
N LEU C 45 16.81 32.36 24.77
CA LEU C 45 15.81 31.83 23.84
C LEU C 45 14.99 30.72 24.48
N GLU C 46 13.66 30.88 24.44
CA GLU C 46 12.73 29.84 24.91
C GLU C 46 11.80 29.43 23.77
N TRP C 47 11.64 28.12 23.57
CA TRP C 47 10.72 27.59 22.57
C TRP C 47 9.30 27.57 23.13
N ILE C 48 8.38 28.21 22.41
CA ILE C 48 6.99 28.30 22.86
C ILE C 48 6.18 27.08 22.39
N GLY C 49 6.26 26.80 21.09
CA GLY C 49 5.51 25.69 20.51
C GLY C 49 5.58 25.66 18.99
N ARG C 50 4.79 24.78 18.39
CA ARG C 50 4.75 24.65 16.93
C ARG C 50 3.35 24.33 16.45
N ILE C 51 3.13 24.55 15.17
CA ILE C 51 1.88 24.14 14.51
C ILE C 51 2.23 23.46 13.19
N ASP C 52 1.45 22.45 12.81
CA ASP C 52 1.49 21.91 11.46
C ASP C 52 0.31 22.52 10.73
N PRO C 53 0.55 23.57 9.94
CA PRO C 53 -0.56 24.29 9.31
C PRO C 53 -1.40 23.47 8.34
N ALA C 54 -0.87 22.34 7.87
CA ALA C 54 -1.63 21.44 7.02
C ALA C 54 -2.89 20.92 7.71
N ASN C 55 -2.81 20.67 9.02
CA ASN C 55 -3.90 20.05 9.79
C ASN C 55 -4.27 20.75 11.10
N GLY C 56 -3.51 21.77 11.49
CA GLY C 56 -3.83 22.56 12.67
C GLY C 56 -3.27 22.03 13.98
N TYR C 57 -2.71 20.82 13.99
CA TYR C 57 -2.23 20.19 15.23
C TYR C 57 -1.03 20.96 15.79
N THR C 58 -1.00 21.10 17.12
CA THR C 58 -0.01 21.93 17.81
C THR C 58 0.71 21.21 18.96
N LYS C 59 1.86 21.75 19.35
CA LYS C 59 2.60 21.31 20.53
C LYS C 59 3.11 22.55 21.27
N TYR C 60 3.13 22.48 22.60
CA TYR C 60 3.56 23.62 23.42
C TYR C 60 4.47 23.18 24.57
N ASP C 61 5.42 24.03 24.92
CA ASP C 61 6.15 23.86 26.16
C ASP C 61 5.14 24.13 27.28
N PRO C 62 5.06 23.23 28.28
CA PRO C 62 4.17 23.41 29.43
C PRO C 62 4.22 24.79 30.07
N LYS C 63 5.38 25.44 30.04
CA LYS C 63 5.52 26.82 30.55
C LYS C 63 4.56 27.80 29.89
N PHE C 64 4.27 27.60 28.61
CA PHE C 64 3.41 28.50 27.84
C PHE C 64 2.02 27.92 27.55
N GLN C 65 1.71 26.75 28.09
CA GLN C 65 0.39 26.16 27.92
C GLN C 65 -0.59 27.04 28.68
N GLY C 66 -1.62 27.53 27.99
CA GLY C 66 -2.61 28.42 28.60
C GLY C 66 -2.45 29.86 28.15
N LYS C 67 -1.21 30.35 28.13
CA LYS C 67 -0.93 31.69 27.64
C LYS C 67 -0.91 31.72 26.11
N ALA C 68 -0.09 30.87 25.51
CA ALA C 68 0.11 30.85 24.06
C ALA C 68 -0.92 29.98 23.33
N THR C 69 -1.50 30.54 22.27
CA THR C 69 -2.28 29.76 21.33
C THR C 69 -1.73 30.00 19.93
N ILE C 70 -1.16 28.98 19.33
CA ILE C 70 -0.69 29.07 17.95
C ILE C 70 -1.79 28.60 17.00
N THR C 71 -1.99 29.36 15.93
CA THR C 71 -2.91 28.98 14.87
C THR C 71 -2.26 29.24 13.52
N ALA C 72 -2.94 28.87 12.45
CA ALA C 72 -2.47 29.12 11.11
C ALA C 72 -3.63 29.12 10.14
N ASP C 73 -3.47 29.84 9.03
CA ASP C 73 -4.51 29.97 8.02
C ASP C 73 -3.85 29.83 6.64
N THR C 74 -4.13 28.71 5.98
CA THR C 74 -3.54 28.43 4.67
C THR C 74 -4.09 29.32 3.55
N SER C 75 -5.28 29.89 3.73
CA SER C 75 -5.83 30.84 2.74
C SER C 75 -4.96 32.08 2.62
N SER C 76 -4.41 32.55 3.74
CA SER C 76 -3.61 33.76 3.77
C SER C 76 -2.12 33.44 3.97
N ASN C 77 -1.75 32.17 3.89
CA ASN C 77 -0.36 31.74 4.09
C ASN C 77 0.25 32.35 5.35
N THR C 78 -0.52 32.43 6.43
CA THR C 78 -0.06 33.07 7.66
C THR C 78 -0.22 32.18 8.89
N ALA C 79 0.79 32.21 9.75
CA ALA C 79 0.74 31.57 11.07
C ALA C 79 0.64 32.68 12.12
N TYR C 80 0.03 32.38 13.26
CA TYR C 80 -0.21 33.36 14.31
C TYR C 80 0.20 32.87 15.70
N LEU C 81 0.57 33.81 16.56
CA LEU C 81 0.80 33.55 17.99
C LEU C 81 -0.05 34.51 18.79
N GLN C 82 -0.89 33.96 19.66
CA GLN C 82 -1.71 34.77 20.56
C GLN C 82 -1.30 34.55 22.01
N LEU C 83 -0.97 35.65 22.69
CA LEU C 83 -0.61 35.63 24.09
C LEU C 83 -1.71 36.30 24.91
N SER C 84 -2.35 35.55 25.80
CA SER C 84 -3.38 36.10 26.68
C SER C 84 -2.78 36.48 28.03
N SER C 85 -3.51 37.27 28.80
CA SER C 85 -3.12 37.60 30.18
C SER C 85 -1.69 38.12 30.23
N LEU C 86 -1.43 39.18 29.47
CA LEU C 86 -0.07 39.70 29.31
C LEU C 86 0.53 40.18 30.63
N THR C 87 1.81 39.90 30.81
CA THR C 87 2.56 40.32 32.00
C THR C 87 3.86 40.95 31.55
N SER C 88 4.65 41.45 32.50
CA SER C 88 5.96 42.02 32.18
C SER C 88 6.96 40.97 31.64
N GLU C 89 6.77 39.71 32.01
CA GLU C 89 7.60 38.61 31.51
C GLU C 89 7.40 38.35 30.02
N ASP C 90 6.27 38.81 29.48
CA ASP C 90 5.98 38.64 28.06
C ASP C 90 6.63 39.74 27.21
N THR C 91 7.25 40.74 27.84
CA THR C 91 8.05 41.71 27.09
C THR C 91 9.27 40.99 26.55
N ALA C 92 9.30 40.83 25.23
CA ALA C 92 10.34 40.04 24.56
C ALA C 92 10.23 40.23 23.06
N VAL C 93 11.18 39.68 22.32
CA VAL C 93 11.08 39.62 20.86
C VAL C 93 10.64 38.21 20.48
N TYR C 94 9.66 38.11 19.59
CA TYR C 94 9.05 36.83 19.22
C TYR C 94 9.35 36.48 17.77
N TYR C 95 9.85 35.26 17.53
CA TYR C 95 10.22 34.79 16.20
C TYR C 95 9.39 33.60 15.76
N CYS C 96 9.03 33.55 14.49
CA CYS C 96 8.49 32.34 13.90
C CYS C 96 9.62 31.67 13.11
N VAL C 97 9.62 30.33 13.12
CA VAL C 97 10.74 29.56 12.58
C VAL C 97 10.22 28.35 11.80
N ARG C 98 11.00 27.94 10.81
CA ARG C 98 10.72 26.71 10.06
C ARG C 98 12.01 26.07 9.58
N PRO C 99 11.98 24.75 9.28
CA PRO C 99 13.16 24.06 8.79
C PRO C 99 13.39 24.24 7.28
N LEU C 100 14.62 23.95 6.83
CA LEU C 100 14.93 23.96 5.42
C LEU C 100 14.52 22.62 4.79
N TYR C 101 15.13 21.53 5.27
CA TYR C 101 14.84 20.19 4.75
C TYR C 101 14.36 19.26 5.85
N ASP C 102 15.19 19.09 6.87
CA ASP C 102 14.89 18.23 8.00
C ASP C 102 13.59 18.66 8.65
N TYR C 103 12.60 17.76 8.68
CA TYR C 103 11.31 18.04 9.33
C TYR C 103 11.44 18.78 10.67
N TYR C 104 12.41 18.37 11.48
CA TYR C 104 12.47 18.78 12.88
C TYR C 104 13.34 19.99 13.15
N ALA C 105 14.00 20.52 12.12
CA ALA C 105 15.03 21.55 12.28
C ALA C 105 14.46 22.97 12.44
N MET C 106 15.37 23.90 12.77
CA MET C 106 15.02 25.29 13.06
C MET C 106 15.94 26.20 12.27
N ASP C 107 15.70 26.30 10.96
CA ASP C 107 16.69 26.86 10.03
C ASP C 107 16.35 28.27 9.52
N TYR C 108 15.12 28.48 9.08
CA TYR C 108 14.69 29.80 8.60
C TYR C 108 13.90 30.53 9.69
N TRP C 109 14.26 31.78 9.95
CA TRP C 109 13.66 32.58 11.02
C TRP C 109 13.06 33.88 10.46
N GLY C 110 11.95 34.31 11.05
CA GLY C 110 11.37 35.61 10.75
C GLY C 110 12.23 36.72 11.33
N GLN C 111 11.95 37.96 10.95
CA GLN C 111 12.77 39.09 11.40
C GLN C 111 12.51 39.46 12.85
N GLY C 112 11.49 38.86 13.45
CA GLY C 112 11.15 39.08 14.85
C GLY C 112 10.08 40.14 15.03
N THR C 113 9.23 39.94 16.04
CA THR C 113 8.27 40.95 16.46
C THR C 113 8.51 41.30 17.92
N SER C 114 8.73 42.59 18.17
CA SER C 114 8.93 43.09 19.53
C SER C 114 7.59 43.38 20.20
N VAL C 115 7.39 42.79 21.38
CA VAL C 115 6.22 43.06 22.23
C VAL C 115 6.70 43.73 23.51
N THR C 116 6.09 44.85 23.85
CA THR C 116 6.39 45.56 25.09
C THR C 116 5.12 45.71 25.92
N VAL C 117 5.11 45.06 27.08
CA VAL C 117 3.95 45.12 27.98
C VAL C 117 4.18 46.21 29.01
N SER C 118 3.28 47.19 29.07
CA SER C 118 3.47 48.36 29.93
C SER C 118 2.16 49.10 30.18
N SER C 119 2.07 49.75 31.34
CA SER C 119 0.94 50.61 31.68
C SER C 119 1.26 52.08 31.46
N ALA C 120 2.52 52.37 31.14
CA ALA C 120 2.99 53.75 31.00
C ALA C 120 2.19 54.55 29.97
N LYS C 121 2.02 55.85 30.24
CA LYS C 121 1.43 56.79 29.29
C LYS C 121 2.54 57.43 28.46
N THR C 122 2.17 57.97 27.30
CA THR C 122 3.14 58.66 26.45
C THR C 122 3.61 59.93 27.15
N THR C 123 4.90 60.00 27.40
CA THR C 123 5.49 61.09 28.17
C THR C 123 6.73 61.61 27.45
N ALA C 124 6.78 62.92 27.20
CA ALA C 124 7.90 63.53 26.50
C ALA C 124 9.16 63.53 27.39
N PRO C 125 10.34 63.39 26.77
CA PRO C 125 11.58 63.40 27.53
C PRO C 125 11.94 64.79 28.03
N SER C 126 12.59 64.85 29.19
CA SER C 126 13.25 66.06 29.66
C SER C 126 14.70 65.95 29.22
N VAL C 127 15.19 66.96 28.51
CA VAL C 127 16.56 66.96 27.99
C VAL C 127 17.40 67.94 28.80
N TYR C 128 18.56 67.49 29.29
CA TYR C 128 19.44 68.31 30.12
C TYR C 128 20.86 68.36 29.55
N PRO C 129 21.41 69.57 29.36
CA PRO C 129 22.79 69.69 28.89
C PRO C 129 23.78 69.42 30.01
N LEU C 130 24.87 68.72 29.70
CA LEU C 130 25.88 68.36 30.68
C LEU C 130 27.23 68.98 30.30
N ALA C 131 27.52 70.13 30.90
CA ALA C 131 28.79 70.81 30.71
C ALA C 131 29.77 70.37 31.79
N PRO C 132 31.08 70.47 31.53
CA PRO C 132 32.09 70.03 32.51
C PRO C 132 32.12 70.84 33.80
N VAL C 133 32.92 70.37 34.75
CA VAL C 133 33.03 71.01 36.06
C VAL C 133 34.04 72.17 36.01
N CYS C 134 33.99 73.05 37.00
CA CYS C 134 35.03 74.08 37.17
C CYS C 134 36.36 73.45 37.58
N THR C 137 41.41 71.52 36.41
CA THR C 137 42.13 72.10 35.28
C THR C 137 41.51 71.69 33.94
N THR C 138 42.01 72.27 32.86
CA THR C 138 41.54 71.95 31.50
C THR C 138 42.66 71.25 30.70
N GLY C 139 42.38 70.03 30.22
CA GLY C 139 43.35 69.22 29.49
C GLY C 139 43.33 69.50 27.99
N SER C 140 43.85 68.56 27.21
CA SER C 140 43.90 68.71 25.75
C SER C 140 42.55 68.46 25.09
N SER C 141 41.71 67.62 25.71
CA SER C 141 40.36 67.34 25.21
C SER C 141 39.31 67.60 26.29
N VAL C 142 38.07 67.77 25.84
CA VAL C 142 36.94 68.04 26.72
C VAL C 142 35.78 67.14 26.30
N THR C 143 35.07 66.60 27.29
CA THR C 143 33.90 65.74 27.05
C THR C 143 32.62 66.43 27.55
N LEU C 144 31.61 66.48 26.68
CA LEU C 144 30.31 67.03 27.03
C LEU C 144 29.28 65.90 27.08
N GLY C 145 28.05 66.23 27.45
CA GLY C 145 27.00 65.23 27.55
C GLY C 145 25.59 65.75 27.44
N CYS C 146 24.65 64.81 27.34
CA CYS C 146 23.23 65.10 27.23
C CYS C 146 22.46 64.01 27.95
N LEU C 147 21.57 64.40 28.88
CA LEU C 147 20.78 63.45 29.65
C LEU C 147 19.31 63.56 29.23
N VAL C 148 18.77 62.45 28.73
CA VAL C 148 17.36 62.36 28.33
C VAL C 148 16.62 61.52 29.37
N LYS C 149 15.65 62.11 30.07
CA LYS C 149 14.99 61.45 31.19
C LYS C 149 13.46 61.40 31.11
N GLY C 150 12.91 60.28 31.55
CA GLY C 150 11.48 60.15 31.83
C GLY C 150 10.60 60.19 30.60
N TYR C 151 10.92 59.36 29.61
CA TYR C 151 10.14 59.30 28.38
C TYR C 151 9.56 57.90 28.14
N PHE C 152 8.48 57.87 27.37
CA PHE C 152 7.83 56.63 26.99
C PHE C 152 6.92 56.87 25.79
N PRO C 153 6.90 55.94 24.82
CA PRO C 153 7.71 54.73 24.78
C PRO C 153 9.01 55.00 24.05
N GLU C 154 9.81 53.96 23.83
CA GLU C 154 10.96 54.04 22.94
CA GLU C 154 10.95 54.06 22.94
C GLU C 154 10.45 54.23 21.50
N PRO C 155 11.30 54.77 20.61
CA PRO C 155 12.66 55.26 20.77
C PRO C 155 12.75 56.78 20.81
N VAL C 156 13.96 57.27 21.06
CA VAL C 156 14.34 58.65 20.77
C VAL C 156 15.50 58.64 19.79
N THR C 157 15.68 59.72 19.06
CA THR C 157 16.80 59.88 18.15
C THR C 157 17.63 61.05 18.63
N LEU C 158 18.88 60.77 19.00
CA LEU C 158 19.79 61.80 19.52
C LEU C 158 20.94 62.03 18.53
N THR C 159 21.22 63.30 18.25
CA THR C 159 22.35 63.70 17.43
C THR C 159 23.01 64.95 18.01
N TRP C 160 24.20 65.26 17.52
CA TRP C 160 24.91 66.49 17.92
C TRP C 160 25.09 67.38 16.70
N ASN C 161 24.79 68.66 16.86
CA ASN C 161 24.81 69.65 15.77
C ASN C 161 24.03 69.15 14.55
N SER C 162 22.85 68.59 14.80
CA SER C 162 21.99 68.02 13.76
C SER C 162 22.70 66.98 12.90
N GLY C 163 23.52 66.15 13.54
CA GLY C 163 24.21 65.05 12.87
C GLY C 163 25.56 65.39 12.27
N SER C 164 25.99 66.64 12.42
CA SER C 164 27.30 67.08 11.93
C SER C 164 28.43 66.46 12.74
N LEU C 165 28.26 66.47 14.06
CA LEU C 165 29.27 65.94 14.98
C LEU C 165 28.93 64.49 15.31
N SER C 166 29.45 63.58 14.51
CA SER C 166 29.18 62.14 14.67
C SER C 166 30.36 61.40 15.31
N SER C 167 31.57 61.83 14.99
CA SER C 167 32.78 61.18 15.50
C SER C 167 33.04 61.58 16.95
N GLY C 168 33.54 60.63 17.73
CA GLY C 168 33.78 60.84 19.16
C GLY C 168 32.51 60.94 19.98
N VAL C 169 31.47 60.21 19.58
CA VAL C 169 30.19 60.23 20.28
C VAL C 169 29.86 58.87 20.90
N HIS C 170 29.16 58.90 22.03
CA HIS C 170 28.69 57.67 22.67
C HIS C 170 27.26 57.86 23.19
N THR C 171 26.27 57.48 22.37
CA THR C 171 24.87 57.49 22.79
C THR C 171 24.54 56.12 23.37
N PHE C 172 24.27 56.08 24.67
CA PHE C 172 24.12 54.84 25.40
C PHE C 172 22.72 54.25 25.24
N PRO C 173 22.59 52.91 25.31
CA PRO C 173 21.25 52.34 25.19
C PRO C 173 20.34 52.77 26.35
N ALA C 174 19.06 52.96 26.04
CA ALA C 174 18.07 53.41 27.02
C ALA C 174 17.88 52.38 28.12
N VAL C 175 17.55 52.85 29.32
CA VAL C 175 17.28 51.96 30.45
C VAL C 175 15.99 52.39 31.14
N LEU C 176 15.23 51.41 31.62
CA LEU C 176 13.95 51.64 32.24
C LEU C 176 14.14 51.91 33.73
N GLN C 177 13.50 52.95 34.23
CA GLN C 177 13.34 53.15 35.68
C GLN C 177 11.98 53.79 35.94
N SER C 178 11.22 53.18 36.84
CA SER C 178 9.87 53.63 37.18
C SER C 178 8.98 53.75 35.94
N ASP C 179 9.06 52.73 35.06
CA ASP C 179 8.18 52.62 33.90
C ASP C 179 8.45 53.65 32.79
N LEU C 180 9.43 54.52 32.98
CA LEU C 180 9.86 55.48 31.97
C LEU C 180 11.31 55.20 31.59
N TYR C 181 11.69 55.58 30.38
CA TYR C 181 13.04 55.31 29.88
C TYR C 181 13.97 56.49 30.12
N THR C 182 15.26 56.17 30.25
CA THR C 182 16.31 57.18 30.36
C THR C 182 17.46 56.77 29.46
N LEU C 183 18.11 57.76 28.89
CA LEU C 183 19.18 57.56 27.93
C LEU C 183 20.18 58.70 28.14
N SER C 184 21.42 58.49 27.74
CA SER C 184 22.41 59.56 27.79
C SER C 184 23.36 59.48 26.60
N SER C 185 24.00 60.60 26.30
CA SER C 185 24.98 60.65 25.22
C SER C 185 26.15 61.53 25.63
N SER C 186 27.36 61.09 25.26
CA SER C 186 28.57 61.85 25.50
C SER C 186 29.27 62.12 24.16
N VAL C 187 29.84 63.31 24.05
CA VAL C 187 30.62 63.71 22.88
C VAL C 187 31.93 64.32 23.36
N THR C 188 33.03 63.86 22.77
CA THR C 188 34.36 64.34 23.12
C THR C 188 34.95 65.08 21.93
N VAL C 189 35.51 66.27 22.21
CA VAL C 189 36.15 67.08 21.19
C VAL C 189 37.47 67.62 21.77
N THR C 190 38.24 68.32 20.94
CA THR C 190 39.46 68.97 21.42
C THR C 190 39.06 70.25 22.14
N SER C 191 39.90 70.69 23.08
CA SER C 191 39.60 71.89 23.88
C SER C 191 39.48 73.16 23.03
N SER C 192 40.26 73.24 21.95
CA SER C 192 40.21 74.38 21.04
C SER C 192 38.85 74.52 20.33
N THR C 193 38.07 73.44 20.30
CA THR C 193 36.75 73.45 19.66
C THR C 193 35.68 74.08 20.56
N TRP C 194 35.69 73.72 21.85
CA TRP C 194 34.62 74.11 22.77
C TRP C 194 35.17 74.83 24.01
N PRO C 195 34.50 75.91 24.45
CA PRO C 195 33.22 76.46 23.99
C PRO C 195 33.27 77.44 22.81
N SER C 196 34.42 77.61 22.17
CA SER C 196 34.56 78.58 21.08
C SER C 196 33.55 78.33 19.94
N GLN C 197 33.26 77.05 19.66
CA GLN C 197 32.26 76.68 18.65
C GLN C 197 31.04 76.03 19.31
N SER C 198 29.86 76.32 18.76
CA SER C 198 28.59 75.91 19.35
C SER C 198 28.32 74.42 19.19
N ILE C 199 28.15 73.72 20.32
CA ILE C 199 27.77 72.31 20.33
C ILE C 199 26.40 72.14 20.98
N THR C 200 25.40 71.75 20.18
CA THR C 200 24.02 71.60 20.65
C THR C 200 23.56 70.15 20.61
N CYS C 201 22.77 69.76 21.61
CA CYS C 201 22.19 68.43 21.70
C CYS C 201 20.83 68.41 21.03
N ASN C 202 20.55 67.39 20.22
CA ASN C 202 19.29 67.30 19.48
C ASN C 202 18.54 66.00 19.79
N VAL C 203 17.42 66.12 20.50
CA VAL C 203 16.61 64.95 20.87
C VAL C 203 15.22 65.01 20.23
N ALA C 204 14.81 63.92 19.59
CA ALA C 204 13.48 63.79 19.01
C ALA C 204 12.75 62.59 19.62
N HIS C 205 11.46 62.75 19.91
CA HIS C 205 10.64 61.66 20.45
C HIS C 205 9.33 61.58 19.67
N PRO C 206 9.33 60.84 18.55
CA PRO C 206 8.20 60.73 17.63
C PRO C 206 6.82 60.53 18.27
N ALA C 207 6.77 59.73 19.34
CA ALA C 207 5.49 59.38 19.99
C ALA C 207 4.79 60.62 20.56
N SER C 208 5.55 61.44 21.28
CA SER C 208 5.01 62.67 21.91
C SER C 208 5.05 63.88 20.97
N SER C 209 5.57 63.69 19.75
CA SER C 209 5.71 64.76 18.77
C SER C 209 6.53 65.93 19.31
N THR C 210 7.73 65.62 19.79
CA THR C 210 8.61 66.62 20.38
C THR C 210 10.01 66.59 19.77
N LYS C 211 10.61 67.77 19.62
CA LYS C 211 11.96 67.93 19.10
C LYS C 211 12.68 69.06 19.84
N VAL C 212 13.58 68.68 20.75
CA VAL C 212 14.24 69.64 21.63
C VAL C 212 15.73 69.83 21.29
N ASP C 213 16.18 71.08 21.32
CA ASP C 213 17.58 71.42 21.13
C ASP C 213 18.14 72.01 22.43
N LYS C 214 19.29 71.51 22.88
CA LYS C 214 19.95 72.03 24.09
C LYS C 214 21.43 72.33 23.84
N LYS C 215 21.74 73.61 23.72
CA LYS C 215 23.13 74.06 23.56
C LYS C 215 23.89 73.86 24.86
N ILE C 216 25.07 73.24 24.77
CA ILE C 216 25.92 73.03 25.94
C ILE C 216 26.67 74.33 26.26
N GLU C 217 26.29 74.97 27.36
CA GLU C 217 26.92 76.21 27.80
C GLU C 217 27.90 75.90 28.94
N PRO C 218 29.04 76.64 29.01
CA PRO C 218 29.95 76.44 30.15
C PRO C 218 29.35 76.94 31.46
N ARG C 219 29.70 76.28 32.56
CA ARG C 219 29.19 76.65 33.87
C ARG C 219 29.86 77.93 34.38
N GLY C 220 29.07 78.87 34.86
CA GLY C 220 29.58 80.15 35.35
C GLY C 220 29.81 80.17 36.85
N PRO C 221 30.23 81.32 37.40
CA PRO C 221 30.41 81.46 38.84
C PRO C 221 29.10 81.38 39.62
N ASP D 1 13.27 18.18 30.83
CA ASP D 1 13.74 18.88 29.61
C ASP D 1 15.25 18.77 29.50
N ILE D 2 15.76 18.76 28.27
CA ILE D 2 17.18 18.69 28.02
C ILE D 2 17.82 20.05 28.21
N LEU D 3 18.81 20.13 29.09
CA LEU D 3 19.56 21.34 29.32
C LEU D 3 20.72 21.38 28.34
N MET D 4 20.83 22.51 27.61
CA MET D 4 21.94 22.75 26.70
C MET D 4 22.88 23.78 27.31
N THR D 5 24.07 23.34 27.69
CA THR D 5 25.06 24.24 28.29
C THR D 5 26.11 24.62 27.24
N GLN D 6 26.13 25.89 26.88
CA GLN D 6 27.01 26.40 25.83
C GLN D 6 28.25 27.08 26.44
N SER D 7 29.42 26.84 25.83
CA SER D 7 30.69 27.39 26.33
C SER D 7 31.64 27.78 25.20
N PRO D 8 32.34 28.93 25.34
CA PRO D 8 32.23 29.89 26.44
C PRO D 8 31.07 30.84 26.17
N SER D 9 30.68 31.63 27.17
CA SER D 9 29.61 32.61 26.97
C SER D 9 30.13 33.78 26.12
N SER D 10 31.42 34.09 26.23
CA SER D 10 32.04 34.99 25.27
C SER D 10 33.52 34.67 25.10
N MET D 11 34.07 35.05 23.94
CA MET D 11 35.50 34.90 23.67
C MET D 11 36.00 36.11 22.90
N SER D 12 37.24 36.49 23.18
CA SER D 12 37.86 37.65 22.56
C SER D 12 38.88 37.16 21.56
N VAL D 13 38.56 37.32 20.28
CA VAL D 13 39.35 36.70 19.21
C VAL D 13 39.60 37.69 18.08
N SER D 14 40.46 37.29 17.15
CA SER D 14 40.95 38.18 16.10
C SER D 14 40.57 37.67 14.71
N LEU D 15 40.69 38.54 13.71
CA LEU D 15 40.43 38.16 12.32
C LEU D 15 41.42 37.08 11.88
N GLY D 16 40.92 36.09 11.15
CA GLY D 16 41.76 35.01 10.66
C GLY D 16 41.96 33.85 11.62
N ASP D 17 41.48 34.00 12.85
CA ASP D 17 41.55 32.92 13.84
C ASP D 17 40.61 31.79 13.47
N THR D 18 40.88 30.63 14.04
CA THR D 18 39.97 29.50 13.99
C THR D 18 39.49 29.26 15.42
N VAL D 19 38.18 29.29 15.62
CA VAL D 19 37.58 29.17 16.94
C VAL D 19 36.54 28.06 16.99
N SER D 20 36.33 27.49 18.17
CA SER D 20 35.28 26.50 18.37
C SER D 20 34.39 26.89 19.54
N ILE D 21 33.08 26.74 19.34
CA ILE D 21 32.09 26.90 20.39
C ILE D 21 31.55 25.51 20.72
N THR D 22 31.49 25.17 22.00
CA THR D 22 30.99 23.85 22.40
C THR D 22 29.61 23.93 23.02
N CYS D 23 28.87 22.83 22.89
CA CYS D 23 27.52 22.74 23.43
C CYS D 23 27.38 21.34 24.05
N HIS D 24 27.10 21.31 25.35
CA HIS D 24 26.92 20.06 26.08
C HIS D 24 25.44 19.83 26.43
N ALA D 25 24.87 18.73 25.95
CA ALA D 25 23.50 18.36 26.30
C ALA D 25 23.49 17.57 27.61
N SER D 26 22.37 17.62 28.33
CA SER D 26 22.21 16.86 29.59
C SER D 26 22.00 15.36 29.34
N GLN D 27 21.73 15.00 28.09
CA GLN D 27 21.69 13.60 27.67
C GLN D 27 22.04 13.48 26.19
N GLY D 28 22.25 12.25 25.73
CA GLY D 28 22.53 12.00 24.32
C GLY D 28 21.42 12.54 23.44
N ILE D 29 21.79 13.20 22.36
CA ILE D 29 20.83 13.73 21.38
C ILE D 29 21.17 13.31 19.94
N SER D 30 22.02 12.30 19.80
CA SER D 30 22.43 11.76 18.49
C SER D 30 22.32 12.73 17.31
N SER D 31 23.12 13.79 17.35
CA SER D 31 23.25 14.76 16.27
C SER D 31 22.01 15.62 15.96
N ASN D 32 20.95 15.50 16.76
CA ASN D 32 19.75 16.31 16.55
C ASN D 32 19.96 17.71 17.14
N ILE D 33 20.92 18.41 16.55
CA ILE D 33 21.38 19.70 17.04
C ILE D 33 21.50 20.65 15.87
N GLY D 34 21.13 21.91 16.09
CA GLY D 34 21.33 22.97 15.10
C GLY D 34 22.17 24.09 15.70
N TRP D 35 22.89 24.80 14.84
CA TRP D 35 23.65 25.98 15.23
C TRP D 35 23.08 27.22 14.54
N LEU D 36 22.94 28.30 15.30
CA LEU D 36 22.30 29.54 14.83
C LEU D 36 23.25 30.71 14.99
N GLN D 37 23.15 31.69 14.09
CA GLN D 37 23.92 32.93 14.20
C GLN D 37 22.97 34.13 14.28
N GLN D 38 23.25 35.04 15.20
CA GLN D 38 22.56 36.33 15.28
C GLN D 38 23.58 37.47 15.29
N LYS D 39 23.61 38.24 14.21
CA LYS D 39 24.46 39.41 14.11
C LYS D 39 23.82 40.55 14.89
N PRO D 40 24.64 41.51 15.37
CA PRO D 40 24.16 42.61 16.21
C PRO D 40 22.90 43.28 15.66
N GLY D 41 21.84 43.31 16.48
CA GLY D 41 20.59 43.99 16.13
C GLY D 41 19.84 43.38 14.94
N LYS D 42 20.24 42.18 14.55
CA LYS D 42 19.63 41.49 13.42
C LYS D 42 18.90 40.25 13.96
N SER D 43 18.27 39.52 13.05
CA SER D 43 17.54 38.31 13.41
C SER D 43 18.46 37.10 13.32
N PHE D 44 17.87 35.90 13.24
CA PHE D 44 18.64 34.67 13.25
C PHE D 44 18.84 34.13 11.84
N MET D 45 19.94 33.41 11.66
CA MET D 45 20.24 32.64 10.45
C MET D 45 20.69 31.25 10.88
N GLY D 46 20.16 30.21 10.25
CA GLY D 46 20.61 28.85 10.49
C GLY D 46 21.96 28.60 9.85
N LEU D 47 22.86 27.97 10.60
CA LEU D 47 24.21 27.66 10.11
C LEU D 47 24.35 26.17 9.80
N ILE D 48 24.07 25.34 10.79
CA ILE D 48 24.16 23.88 10.67
C ILE D 48 22.86 23.23 11.11
N TYR D 49 22.44 22.18 10.42
CA TYR D 49 21.36 21.31 10.91
C TYR D 49 21.83 19.86 10.98
N TYR D 50 21.16 19.09 11.83
CA TYR D 50 21.53 17.70 12.09
C TYR D 50 23.04 17.50 12.27
N GLY D 51 23.64 18.37 13.09
CA GLY D 51 25.01 18.17 13.57
C GLY D 51 26.10 18.72 12.67
N THR D 52 26.09 18.33 11.40
CA THR D 52 27.19 18.65 10.50
C THR D 52 26.78 19.27 9.14
N ASN D 53 25.48 19.30 8.83
CA ASN D 53 25.02 19.77 7.53
C ASN D 53 24.86 21.28 7.46
N LEU D 54 25.68 21.95 6.64
CA LEU D 54 25.54 23.38 6.40
C LEU D 54 24.22 23.69 5.70
N VAL D 55 23.53 24.70 6.22
CA VAL D 55 22.34 25.27 5.56
C VAL D 55 22.76 25.88 4.21
N ASP D 56 21.87 25.80 3.23
CA ASP D 56 22.17 26.33 1.90
C ASP D 56 22.64 27.78 2.02
N GLY D 57 23.75 28.09 1.35
CA GLY D 57 24.28 29.45 1.31
C GLY D 57 25.29 29.78 2.39
N VAL D 58 25.33 28.97 3.45
CA VAL D 58 26.28 29.19 4.53
C VAL D 58 27.70 28.90 4.06
N PRO D 59 28.65 29.82 4.35
CA PRO D 59 30.03 29.66 3.89
C PRO D 59 30.72 28.41 4.47
N SER D 60 31.58 27.80 3.65
CA SER D 60 32.28 26.57 4.02
C SER D 60 33.14 26.69 5.28
N ARG D 61 33.55 27.91 5.64
CA ARG D 61 34.36 28.11 6.85
C ARG D 61 33.65 27.72 8.16
N PHE D 62 32.34 27.54 8.11
CA PHE D 62 31.60 26.98 9.24
C PHE D 62 31.52 25.46 9.13
N SER D 63 31.74 24.77 10.25
CA SER D 63 31.60 23.32 10.30
C SER D 63 31.14 22.86 11.67
N GLY D 64 30.36 21.78 11.67
CA GLY D 64 29.85 21.19 12.91
C GLY D 64 30.50 19.84 13.16
N SER D 65 30.54 19.43 14.42
CA SER D 65 31.08 18.13 14.81
C SER D 65 30.54 17.66 16.16
N GLY D 66 30.81 16.41 16.49
CA GLY D 66 30.46 15.87 17.80
C GLY D 66 29.48 14.73 17.72
N SER D 67 29.20 14.15 18.88
CA SER D 67 28.24 13.04 18.99
C SER D 67 27.80 12.89 20.44
N GLY D 68 26.85 11.99 20.67
CA GLY D 68 26.31 11.77 22.01
C GLY D 68 25.74 13.05 22.59
N ALA D 69 26.41 13.59 23.60
CA ALA D 69 25.93 14.77 24.33
C ALA D 69 26.82 15.99 24.15
N ASP D 70 27.83 15.89 23.30
CA ASP D 70 28.86 16.93 23.19
C ASP D 70 29.15 17.29 21.74
N TYR D 71 28.94 18.56 21.40
CA TYR D 71 29.01 19.05 20.03
C TYR D 71 29.79 20.35 19.94
N SER D 72 30.36 20.60 18.76
CA SER D 72 31.15 21.81 18.52
C SER D 72 30.81 22.45 17.18
N LEU D 73 30.88 23.79 17.16
CA LEU D 73 30.80 24.58 15.93
C LEU D 73 32.16 25.26 15.74
N THR D 74 32.80 25.01 14.60
CA THR D 74 34.11 25.58 14.32
C THR D 74 34.01 26.57 13.17
N ILE D 75 34.47 27.80 13.41
CA ILE D 75 34.63 28.79 12.36
C ILE D 75 36.12 28.89 12.06
N SER D 76 36.47 28.72 10.79
CA SER D 76 37.88 28.77 10.38
C SER D 76 38.15 30.08 9.67
N SER D 77 39.25 30.73 10.05
CA SER D 77 39.63 32.01 9.46
C SER D 77 38.49 33.04 9.60
N LEU D 78 38.31 33.55 10.82
CA LEU D 78 37.22 34.48 11.11
C LEU D 78 37.21 35.69 10.17
N ASP D 79 36.01 35.98 9.65
CA ASP D 79 35.73 37.18 8.88
C ASP D 79 35.10 38.19 9.86
N SER D 80 35.17 39.47 9.54
CA SER D 80 34.60 40.52 10.41
C SER D 80 33.09 40.37 10.58
N GLU D 81 32.44 39.75 9.59
CA GLU D 81 31.02 39.46 9.64
C GLU D 81 30.68 38.36 10.68
N ASP D 82 31.70 37.62 11.11
CA ASP D 82 31.52 36.49 12.03
C ASP D 82 31.50 36.90 13.50
N PHE D 83 31.73 38.18 13.79
CA PHE D 83 31.62 38.66 15.17
C PHE D 83 30.15 38.92 15.51
N ALA D 84 29.53 37.88 16.06
CA ALA D 84 28.11 37.86 16.37
C ALA D 84 27.86 36.92 17.54
N ASP D 85 26.58 36.66 17.84
CA ASP D 85 26.20 35.67 18.84
C ASP D 85 25.88 34.37 18.14
N TYR D 86 26.19 33.25 18.80
CA TYR D 86 25.91 31.92 18.26
C TYR D 86 25.18 31.09 19.30
N TYR D 87 24.17 30.34 18.88
CA TYR D 87 23.39 29.49 19.79
C TYR D 87 23.26 28.08 19.21
N CYS D 88 23.31 27.08 20.09
CA CYS D 88 22.90 25.72 19.73
C CYS D 88 21.44 25.53 20.13
N VAL D 89 20.72 24.73 19.35
CA VAL D 89 19.39 24.24 19.73
C VAL D 89 19.33 22.74 19.51
N GLN D 90 18.73 22.01 20.46
CA GLN D 90 18.48 20.58 20.28
C GLN D 90 17.04 20.35 19.86
N TYR D 91 16.82 19.38 18.98
CA TYR D 91 15.46 18.93 18.67
C TYR D 91 15.32 17.41 18.79
N ALA D 92 16.11 16.81 19.69
CA ALA D 92 15.97 15.40 20.03
C ALA D 92 14.62 15.17 20.74
N GLN D 93 14.26 16.10 21.61
CA GLN D 93 13.02 16.02 22.36
C GLN D 93 12.29 17.34 22.40
N LEU D 94 10.97 17.25 22.49
CA LEU D 94 10.13 18.40 22.80
C LEU D 94 10.07 18.47 24.33
N PRO D 95 10.13 19.68 24.90
CA PRO D 95 10.31 20.96 24.22
C PRO D 95 11.72 21.13 23.71
N TYR D 96 11.84 21.71 22.51
CA TYR D 96 13.14 22.13 21.99
C TYR D 96 13.76 23.10 22.99
N THR D 97 15.06 22.99 23.20
CA THR D 97 15.77 23.86 24.15
C THR D 97 17.06 24.41 23.55
N PHE D 98 17.43 25.61 23.99
CA PHE D 98 18.55 26.35 23.42
C PHE D 98 19.69 26.45 24.41
N GLY D 99 20.90 26.61 23.87
CA GLY D 99 22.06 26.93 24.69
C GLY D 99 22.03 28.39 25.11
N GLY D 100 22.92 28.78 26.00
CA GLY D 100 22.93 30.12 26.56
C GLY D 100 23.35 31.19 25.58
N GLY D 101 24.18 30.82 24.61
CA GLY D 101 24.75 31.75 23.65
C GLY D 101 26.25 31.91 23.84
N THR D 102 26.94 32.22 22.75
CA THR D 102 28.36 32.57 22.78
C THR D 102 28.55 33.84 21.95
N LYS D 103 29.18 34.85 22.54
CA LYS D 103 29.44 36.12 21.84
C LYS D 103 30.90 36.22 21.41
N LEU D 104 31.14 36.27 20.09
CA LEU D 104 32.47 36.55 19.55
C LEU D 104 32.73 38.06 19.60
N GLU D 105 33.90 38.43 20.13
CA GLU D 105 34.23 39.80 20.45
C GLU D 105 35.65 40.12 19.95
N ILE D 106 35.87 41.35 19.46
CA ILE D 106 37.15 41.71 18.85
C ILE D 106 38.23 41.96 19.90
N LYS D 107 39.29 41.18 19.84
CA LYS D 107 40.41 41.30 20.78
C LYS D 107 41.25 42.54 20.47
N ARG D 108 41.55 43.31 21.52
CA ARG D 108 42.48 44.44 21.42
C ARG D 108 43.28 44.61 22.70
N ALA D 109 44.26 45.51 22.67
CA ALA D 109 45.07 45.79 23.84
C ALA D 109 44.21 46.45 24.90
N ASP D 110 44.59 46.28 26.16
CA ASP D 110 43.87 46.89 27.28
C ASP D 110 43.99 48.40 27.20
N ALA D 111 42.90 49.08 27.56
CA ALA D 111 42.86 50.54 27.63
C ALA D 111 42.09 50.98 28.87
N ALA D 112 42.61 51.99 29.56
CA ALA D 112 41.88 52.58 30.69
C ALA D 112 40.74 53.47 30.20
N PRO D 113 39.69 53.62 31.01
CA PRO D 113 38.61 54.53 30.67
C PRO D 113 38.99 55.99 30.89
N THR D 114 38.36 56.88 30.13
CA THR D 114 38.38 58.31 30.42
C THR D 114 37.13 58.66 31.22
N VAL D 115 37.31 58.84 32.53
CA VAL D 115 36.19 59.12 33.43
C VAL D 115 35.90 60.62 33.45
N SER D 116 34.61 60.98 33.34
CA SER D 116 34.17 62.38 33.36
C SER D 116 32.90 62.52 34.20
N ILE D 117 32.96 63.31 35.27
CA ILE D 117 31.81 63.51 36.16
C ILE D 117 31.09 64.78 35.77
N PHE D 118 29.76 64.76 35.90
CA PHE D 118 28.90 65.90 35.53
C PHE D 118 27.85 66.17 36.59
N PRO D 119 27.84 67.39 37.16
CA PRO D 119 26.79 67.71 38.13
C PRO D 119 25.44 67.92 37.46
N PRO D 120 24.36 67.94 38.26
CA PRO D 120 23.03 68.28 37.75
C PRO D 120 23.00 69.61 37.00
N SER D 121 22.29 69.64 35.89
CA SER D 121 22.08 70.87 35.14
C SER D 121 21.16 71.81 35.92
N SER D 122 21.20 73.10 35.61
CA SER D 122 20.34 74.07 36.24
C SER D 122 18.87 73.78 35.94
N GLU D 123 18.59 73.37 34.71
CA GLU D 123 17.22 73.05 34.30
C GLU D 123 16.62 71.95 35.18
N GLN D 124 17.40 70.90 35.42
CA GLN D 124 16.96 69.79 36.27
C GLN D 124 16.77 70.22 37.72
N LEU D 125 17.71 71.01 38.24
CA LEU D 125 17.63 71.49 39.62
C LEU D 125 16.39 72.33 39.89
N THR D 126 15.90 73.05 38.88
CA THR D 126 14.65 73.79 39.02
C THR D 126 13.46 72.83 39.02
N SER D 127 13.55 71.76 38.23
CA SER D 127 12.47 70.78 38.13
C SER D 127 12.21 70.05 39.44
N GLY D 128 13.25 69.92 40.28
CA GLY D 128 13.11 69.28 41.60
C GLY D 128 13.88 67.98 41.77
N GLY D 129 14.53 67.52 40.69
CA GLY D 129 15.37 66.33 40.74
C GLY D 129 16.84 66.70 40.60
N ALA D 130 17.71 65.73 40.82
CA ALA D 130 19.15 65.96 40.71
C ALA D 130 19.86 64.67 40.32
N SER D 131 20.44 64.66 39.13
CA SER D 131 21.14 63.48 38.61
C SER D 131 22.61 63.81 38.36
N VAL D 132 23.49 63.04 38.99
CA VAL D 132 24.93 63.14 38.78
C VAL D 132 25.32 62.07 37.77
N VAL D 133 25.84 62.51 36.62
CA VAL D 133 26.19 61.61 35.52
C VAL D 133 27.69 61.38 35.48
N CYS D 134 28.10 60.20 35.05
CA CYS D 134 29.51 59.87 34.94
C CYS D 134 29.75 58.95 33.74
N PHE D 135 30.56 59.40 32.79
CA PHE D 135 30.91 58.60 31.62
C PHE D 135 32.28 57.97 31.81
N LEU D 136 32.36 56.66 31.60
CA LEU D 136 33.62 55.93 31.59
C LEU D 136 33.80 55.42 30.17
N ASN D 137 34.63 56.09 29.38
CA ASN D 137 34.65 55.88 27.92
C ASN D 137 35.90 55.20 27.35
N ASN D 138 35.68 54.41 26.29
CA ASN D 138 36.75 53.83 25.49
C ASN D 138 37.78 53.02 26.28
N PHE D 139 37.29 52.00 26.96
CA PHE D 139 38.15 51.11 27.74
C PHE D 139 38.07 49.67 27.21
N TYR D 140 39.07 48.86 27.60
CA TYR D 140 39.07 47.44 27.24
C TYR D 140 39.89 46.65 28.26
N PRO D 141 39.36 45.50 28.73
CA PRO D 141 38.14 44.78 28.34
C PRO D 141 36.86 45.33 28.94
N LYS D 142 35.72 44.74 28.56
CA LYS D 142 34.40 45.28 28.87
C LYS D 142 34.06 45.35 30.35
N ASP D 143 34.64 44.45 31.15
CA ASP D 143 34.35 44.41 32.59
C ASP D 143 34.85 45.66 33.30
N ILE D 144 33.96 46.27 34.07
CA ILE D 144 34.26 47.49 34.81
C ILE D 144 33.30 47.67 35.98
N ASN D 145 33.77 48.33 37.04
CA ASN D 145 32.95 48.59 38.22
CA ASN D 145 32.94 48.60 38.21
C ASN D 145 32.98 50.09 38.55
N VAL D 146 31.81 50.64 38.86
CA VAL D 146 31.69 52.05 39.19
C VAL D 146 31.14 52.18 40.62
N LYS D 147 31.66 53.15 41.36
CA LYS D 147 31.27 53.37 42.76
C LYS D 147 31.02 54.85 42.99
N TRP D 148 29.89 55.17 43.62
CA TRP D 148 29.54 56.55 43.94
C TRP D 148 29.75 56.84 45.41
N LYS D 149 30.31 58.02 45.69
CA LYS D 149 30.43 58.50 47.06
C LYS D 149 29.90 59.94 47.19
N ILE D 150 29.13 60.17 48.25
CA ILE D 150 28.67 61.50 48.62
C ILE D 150 29.32 61.85 49.95
N ASP D 151 30.20 62.85 49.94
CA ASP D 151 31.01 63.20 51.10
C ASP D 151 31.73 61.98 51.68
N GLY D 152 32.31 61.17 50.79
CA GLY D 152 33.12 60.01 51.19
C GLY D 152 32.36 58.74 51.56
N SER D 153 31.03 58.79 51.56
CA SER D 153 30.21 57.63 51.91
C SER D 153 29.62 56.99 50.67
N GLU D 154 29.77 55.67 50.56
CA GLU D 154 29.27 54.92 49.41
C GLU D 154 27.74 54.99 49.27
N ARG D 155 27.28 55.41 48.10
CA ARG D 155 25.84 55.49 47.78
C ARG D 155 25.49 54.43 46.74
N GLN D 156 24.45 53.64 46.98
CA GLN D 156 24.11 52.51 46.10
C GLN D 156 22.77 52.62 45.35
N ASN D 157 21.68 52.94 46.05
CA ASN D 157 20.35 53.05 45.42
C ASN D 157 20.24 54.24 44.48
N GLY D 158 19.38 54.11 43.47
CA GLY D 158 19.12 55.20 42.51
C GLY D 158 20.23 55.43 41.48
N VAL D 159 21.05 54.39 41.27
CA VAL D 159 22.10 54.41 40.26
C VAL D 159 21.63 53.61 39.06
N LEU D 160 21.62 54.22 37.88
CA LEU D 160 21.33 53.50 36.64
C LEU D 160 22.57 53.48 35.76
N ASN D 161 22.84 52.32 35.18
CA ASN D 161 24.04 52.08 34.37
C ASN D 161 23.71 51.58 32.98
N SER D 162 24.45 52.05 31.98
CA SER D 162 24.29 51.55 30.61
C SER D 162 25.63 51.41 29.91
N TRP D 163 25.78 50.33 29.14
CA TRP D 163 27.02 50.04 28.42
C TRP D 163 26.72 50.01 26.93
N THR D 164 27.58 50.63 26.14
CA THR D 164 27.47 50.52 24.68
C THR D 164 28.04 49.18 24.26
N ASP D 165 27.73 48.79 23.03
CA ASP D 165 28.37 47.63 22.41
C ASP D 165 29.81 48.01 22.02
N GLN D 166 30.61 47.01 21.69
CA GLN D 166 31.98 47.24 21.28
C GLN D 166 32.02 48.19 20.09
N ASP D 167 32.83 49.24 20.20
CA ASP D 167 32.90 50.29 19.17
C ASP D 167 33.38 49.73 17.85
N SER D 168 32.75 50.17 16.75
CA SER D 168 33.08 49.69 15.41
C SER D 168 34.50 50.08 14.97
N LYS D 169 35.02 51.18 15.50
CA LYS D 169 36.30 51.72 15.06
C LYS D 169 37.48 51.25 15.93
N ASP D 170 37.49 51.62 17.21
CA ASP D 170 38.63 51.30 18.09
C ASP D 170 38.40 50.07 18.98
N SER D 171 37.28 49.37 18.76
CA SER D 171 36.95 48.11 19.46
C SER D 171 36.89 48.23 20.99
N THR D 172 36.67 49.44 21.50
CA THR D 172 36.63 49.69 22.94
C THR D 172 35.20 49.68 23.44
N TYR D 173 35.05 49.75 24.76
CA TYR D 173 33.74 49.81 25.41
C TYR D 173 33.61 51.11 26.19
N SER D 174 32.37 51.54 26.36
CA SER D 174 32.06 52.72 27.17
C SER D 174 30.88 52.43 28.09
N MET D 175 30.85 53.13 29.21
CA MET D 175 29.76 53.00 30.18
C MET D 175 29.30 54.36 30.66
N SER D 176 28.00 54.49 30.90
CA SER D 176 27.41 55.68 31.51
C SER D 176 26.76 55.27 32.83
N SER D 177 26.97 56.09 33.86
CA SER D 177 26.42 55.84 35.19
C SER D 177 25.74 57.11 35.72
N THR D 178 24.46 57.02 36.02
CA THR D 178 23.69 58.16 36.49
C THR D 178 23.20 57.90 37.91
N LEU D 179 23.64 58.75 38.85
CA LEU D 179 23.14 58.72 40.23
C LEU D 179 22.05 59.77 40.36
N THR D 180 20.81 59.32 40.51
CA THR D 180 19.70 60.23 40.73
C THR D 180 19.27 60.18 42.19
N LEU D 181 19.21 61.36 42.81
CA LEU D 181 18.70 61.51 44.17
C LEU D 181 17.85 62.78 44.22
N THR D 182 17.17 63.03 45.33
CA THR D 182 16.29 64.20 45.43
C THR D 182 17.14 65.46 45.50
N LYS D 183 16.66 66.53 44.88
CA LYS D 183 17.34 67.82 44.91
C LYS D 183 17.60 68.25 46.36
N ASP D 184 16.63 67.98 47.23
CA ASP D 184 16.72 68.33 48.63
C ASP D 184 17.99 67.77 49.28
N GLU D 185 18.26 66.48 49.05
CA GLU D 185 19.45 65.84 49.59
C GLU D 185 20.70 66.29 48.87
N TYR D 186 20.59 66.49 47.56
CA TYR D 186 21.73 66.94 46.77
C TYR D 186 22.33 68.23 47.36
N GLU D 187 21.47 69.16 47.76
CA GLU D 187 21.91 70.43 48.32
C GLU D 187 22.35 70.35 49.78
N ARG D 188 22.34 69.15 50.35
CA ARG D 188 22.80 68.92 51.72
C ARG D 188 24.25 68.42 51.78
N HIS D 189 24.89 68.25 50.63
CA HIS D 189 26.26 67.71 50.59
C HIS D 189 27.15 68.44 49.60
N ASN D 190 28.45 68.42 49.89
CA ASN D 190 29.43 69.18 49.14
C ASN D 190 30.09 68.34 48.05
N SER D 191 30.69 67.22 48.44
CA SER D 191 31.54 66.42 47.57
C SER D 191 30.79 65.25 46.93
N TYR D 192 30.90 65.12 45.61
CA TYR D 192 30.30 64.01 44.85
C TYR D 192 31.37 63.33 44.01
N THR D 193 31.53 62.03 44.21
CA THR D 193 32.65 61.30 43.63
C THR D 193 32.20 60.10 42.80
N CYS D 194 32.95 59.85 41.74
CA CYS D 194 32.69 58.78 40.80
C CYS D 194 33.98 57.97 40.67
N GLU D 195 33.97 56.72 41.13
CA GLU D 195 35.20 55.91 41.19
C GLU D 195 35.14 54.70 40.24
N ALA D 196 35.99 54.72 39.20
CA ALA D 196 36.05 53.63 38.22
C ALA D 196 37.16 52.63 38.59
N THR D 197 36.81 51.35 38.65
CA THR D 197 37.78 50.27 38.85
C THR D 197 37.83 49.39 37.59
N HIS D 198 39.05 49.13 37.12
CA HIS D 198 39.25 48.42 35.86
C HIS D 198 40.60 47.70 35.93
N LYS D 199 40.71 46.57 35.23
CA LYS D 199 41.91 45.73 35.34
C LYS D 199 43.21 46.45 34.97
N THR D 200 43.11 47.54 34.21
CA THR D 200 44.27 48.33 33.83
C THR D 200 44.97 49.04 35.00
N SER D 201 44.31 49.11 36.16
CA SER D 201 44.94 49.69 37.35
C SER D 201 44.44 49.04 38.64
N THR D 202 45.36 48.93 39.61
CA THR D 202 45.06 48.36 40.91
C THR D 202 44.28 49.37 41.76
N SER D 203 44.68 50.63 41.68
CA SER D 203 43.94 51.72 42.31
C SER D 203 42.94 52.31 41.31
N PRO D 204 41.80 52.83 41.80
CA PRO D 204 40.75 53.30 40.90
C PRO D 204 40.96 54.72 40.37
N ILE D 205 40.30 55.02 39.25
CA ILE D 205 40.26 56.38 38.71
C ILE D 205 39.14 57.16 39.37
N VAL D 206 39.50 58.19 40.11
CA VAL D 206 38.54 58.98 40.89
C VAL D 206 38.32 60.36 40.25
N LYS D 207 37.07 60.67 39.95
CA LYS D 207 36.69 62.01 39.48
C LYS D 207 35.66 62.61 40.43
N SER D 208 35.90 63.84 40.86
CA SER D 208 35.04 64.50 41.86
C SER D 208 34.65 65.91 41.46
N PHE D 209 33.69 66.46 42.20
CA PHE D 209 33.41 67.89 42.20
C PHE D 209 32.83 68.29 43.53
N ASN D 210 33.12 69.52 43.95
CA ASN D 210 32.48 70.09 45.13
C ASN D 210 31.36 71.00 44.67
N ARG D 211 30.17 70.77 45.22
CA ARG D 211 28.98 71.51 44.83
C ARG D 211 29.20 73.00 45.04
N ASN D 212 28.83 73.79 44.03
CA ASN D 212 29.03 75.23 44.03
C ASN D 212 30.47 75.61 44.39
N GLU D 213 31.40 75.34 43.48
CA GLU D 213 32.80 75.72 43.66
C GLU D 213 33.39 76.16 42.32
N CYS D 214 33.44 77.48 42.10
CA CYS D 214 33.98 78.06 40.87
C CYS D 214 34.69 79.39 41.15
C1 NAG E . -22.26 -4.36 -13.30
C2 NAG E . -21.78 -3.00 -12.79
C3 NAG E . -22.74 -1.90 -13.19
C4 NAG E . -23.08 -1.98 -14.67
C5 NAG E . -23.53 -3.41 -15.03
C6 NAG E . -23.85 -3.57 -16.50
C7 NAG E . -20.52 -3.39 -10.72
C8 NAG E . -20.55 -3.32 -9.22
N2 NAG E . -21.65 -3.00 -11.35
O3 NAG E . -22.15 -0.66 -12.91
O4 NAG E . -24.15 -1.09 -14.90
O5 NAG E . -22.50 -4.30 -14.69
O6 NAG E . -22.68 -3.37 -17.26
O7 NAG E . -19.52 -3.80 -11.31
C1 NAG E . -23.86 -0.19 -15.99
C2 NAG E . -25.17 0.47 -16.42
C3 NAG E . -24.96 1.62 -17.41
C4 NAG E . -23.69 2.43 -17.15
C5 NAG E . -22.52 1.53 -16.73
C6 NAG E . -21.28 2.34 -16.36
C7 NAG E . -27.09 -1.06 -16.40
C8 NAG E . -27.84 -2.11 -17.14
N2 NAG E . -26.03 -0.55 -17.01
O3 NAG E . -26.10 2.45 -17.36
O4 NAG E . -23.28 3.14 -18.30
O5 NAG E . -22.92 0.77 -15.62
O6 NAG E . -20.26 2.03 -17.28
O7 NAG E . -27.49 -0.69 -15.28
C1 MAN E . -24.03 4.36 -18.47
C2 MAN E . -23.11 5.39 -19.11
C3 MAN E . -23.84 6.73 -19.13
C4 MAN E . -25.22 6.60 -19.78
C5 MAN E . -25.98 5.34 -19.36
C6 MAN E . -27.12 5.06 -20.34
O2 MAN E . -22.82 4.99 -20.44
O3 MAN E . -23.08 7.67 -19.87
O4 MAN E . -25.98 7.74 -19.45
O5 MAN E . -25.16 4.20 -19.31
O6 MAN E . -27.87 3.94 -19.89
C1 MAN E . -22.21 8.50 -19.06
C2 MAN E . -21.92 9.76 -19.86
C3 MAN E . -21.09 9.40 -21.10
C4 MAN E . -19.84 8.59 -20.72
C5 MAN E . -20.20 7.44 -19.79
C6 MAN E . -18.94 6.77 -19.25
O2 MAN E . -21.22 10.68 -19.04
O3 MAN E . -20.72 10.58 -21.78
O4 MAN E . -19.24 8.08 -21.89
O5 MAN E . -21.00 7.87 -18.69
O6 MAN E . -19.32 5.73 -18.39
C1 MAN E . -29.29 4.11 -20.10
C2 MAN E . -29.90 4.89 -18.92
C3 MAN E . -29.94 4.04 -17.65
C4 MAN E . -30.60 2.70 -17.93
C5 MAN E . -29.93 2.02 -19.11
C6 MAN E . -30.60 0.69 -19.45
O2 MAN E . -31.18 5.35 -19.28
O3 MAN E . -30.64 4.72 -16.62
O4 MAN E . -30.51 1.90 -16.76
O5 MAN E . -29.96 2.86 -20.24
O6 MAN E . -29.84 -0.39 -18.95
C1 NAG F . -40.93 -56.76 -27.05
C2 NAG F . -41.37 -58.16 -26.62
C3 NAG F . -41.72 -59.00 -27.85
C4 NAG F . -42.68 -58.24 -28.78
C5 NAG F . -42.25 -56.79 -29.00
C6 NAG F . -43.33 -55.95 -29.68
C7 NAG F . -40.44 -58.96 -24.48
C8 NAG F . -39.28 -59.61 -23.81
N2 NAG F . -40.34 -58.79 -25.81
O3 NAG F . -42.31 -60.21 -27.45
O4 NAG F . -42.73 -58.86 -30.06
O5 NAG F . -41.98 -56.17 -27.76
O6 NAG F . -44.57 -56.17 -29.06
O7 NAG F . -41.41 -58.60 -23.81
C1 NAG F . -43.59 -60.01 -30.10
C2 NAG F . -44.30 -60.00 -31.47
C3 NAG F . -45.12 -61.27 -31.65
C4 NAG F . -44.22 -62.48 -31.43
C5 NAG F . -43.62 -62.39 -30.03
C6 NAG F . -42.75 -63.61 -29.74
C7 NAG F . -44.74 -57.73 -32.32
C8 NAG F . -45.72 -56.60 -32.39
N2 NAG F . -45.12 -58.81 -31.63
O3 NAG F . -45.66 -61.28 -32.96
O4 NAG F . -44.93 -63.69 -31.58
O5 NAG F . -42.85 -61.21 -29.92
O6 NAG F . -41.88 -63.36 -28.65
O7 NAG F . -43.64 -57.62 -32.86
C1 MAN F . -44.78 -64.30 -32.88
C2 MAN F . -44.91 -65.82 -32.76
C3 MAN F . -44.79 -66.49 -34.12
C4 MAN F . -45.76 -65.84 -35.12
C5 MAN F . -45.59 -64.34 -35.10
C6 MAN F . -46.61 -63.69 -36.02
O2 MAN F . -46.16 -66.14 -32.19
O3 MAN F . -45.09 -67.87 -34.03
O4 MAN F . -45.51 -66.34 -36.41
O5 MAN F . -45.77 -63.84 -33.79
O6 MAN F . -46.44 -62.28 -35.94
C1 MAN F . -47.18 -61.63 -36.99
C2 MAN F . -46.40 -60.39 -37.37
C3 MAN F . -46.48 -59.34 -36.28
C4 MAN F . -47.92 -59.07 -35.91
C5 MAN F . -48.68 -60.36 -35.58
C6 MAN F . -50.17 -60.08 -35.46
O2 MAN F . -46.92 -59.88 -38.58
O3 MAN F . -45.92 -58.13 -36.72
O4 MAN F . -47.96 -58.19 -34.81
O5 MAN F . -48.51 -61.31 -36.60
O6 MAN F . -50.61 -59.65 -36.74
C1 MAN F . -44.56 -57.97 -36.29
C2 MAN F . -44.16 -56.52 -36.57
C3 MAN F . -43.75 -56.28 -38.02
C4 MAN F . -42.73 -57.35 -38.43
C5 MAN F . -43.43 -58.69 -38.27
C6 MAN F . -42.60 -59.85 -38.79
O2 MAN F . -43.11 -56.17 -35.69
O3 MAN F . -43.20 -54.99 -38.16
O4 MAN F . -42.28 -57.15 -39.75
O5 MAN F . -43.68 -58.90 -36.89
O6 MAN F . -41.34 -59.83 -38.18
C1 MAN F . -51.92 -59.07 -36.75
C2 MAN F . -52.14 -58.50 -38.16
C3 MAN F . -51.25 -57.30 -38.41
C4 MAN F . -51.44 -56.26 -37.30
C5 MAN F . -51.28 -56.91 -35.93
C6 MAN F . -51.59 -55.92 -34.81
O2 MAN F . -53.50 -58.15 -38.33
O3 MAN F . -51.53 -56.70 -39.65
O4 MAN F . -50.48 -55.24 -37.47
O5 MAN F . -52.12 -58.03 -35.80
O6 MAN F . -52.67 -56.37 -34.02
C1 MAN F . -43.97 -68.69 -34.41
C2 MAN F . -44.47 -70.10 -34.69
C3 MAN F . -45.04 -70.72 -33.43
C4 MAN F . -44.06 -70.59 -32.26
C5 MAN F . -43.43 -69.21 -32.16
C6 MAN F . -42.24 -69.25 -31.20
O2 MAN F . -43.39 -70.87 -35.17
O3 MAN F . -45.34 -72.07 -33.65
O4 MAN F . -44.76 -70.83 -31.05
O5 MAN F . -42.97 -68.75 -33.41
O6 MAN F . -41.61 -68.00 -31.19
C1 GOL G . 8.57 -5.98 6.83
O1 GOL G . 9.83 -5.35 6.77
C2 GOL G . 8.58 -7.27 6.01
O2 GOL G . 9.01 -8.32 6.82
C3 GOL G . 7.20 -7.60 5.47
O3 GOL G . 7.28 -8.66 4.55
CA CA H . 0.95 19.57 -23.02
CA CA I . -0.30 9.68 -33.77
CA CA J . 8.61 1.59 -38.68
CA CA K . 21.14 -1.21 -33.22
C1 NAG L . 20.53 -22.09 -10.10
C2 NAG L . 22.07 -22.17 -10.10
C3 NAG L . 22.61 -23.43 -10.78
C4 NAG L . 21.72 -24.68 -10.65
C5 NAG L . 20.21 -24.38 -10.55
C6 NAG L . 19.46 -25.62 -10.07
C7 NAG L . 23.85 -20.52 -10.48
C8 NAG L . 24.29 -19.31 -11.27
N2 NAG L . 22.64 -21.01 -10.76
O3 NAG L . 23.87 -23.72 -10.23
O4 NAG L . 21.95 -25.52 -11.76
O5 NAG L . 19.98 -23.31 -9.66
O6 NAG L . 18.07 -25.35 -10.07
O7 NAG L . 24.59 -21.00 -9.63
C1 NAG M . 5.42 27.25 -19.46
C2 NAG M . 5.90 28.69 -19.68
C3 NAG M . 6.48 29.33 -18.40
C4 NAG M . 5.74 28.93 -17.13
C5 NAG M . 5.46 27.43 -17.13
C6 NAG M . 4.77 26.95 -15.85
C7 NAG M . 6.70 29.26 -21.95
C8 NAG M . 7.86 29.23 -22.90
N2 NAG M . 6.90 28.75 -20.73
O3 NAG M . 6.45 30.73 -18.54
O4 NAG M . 6.50 29.27 -16.01
O5 NAG M . 4.68 27.14 -18.26
O6 NAG M . 3.70 27.80 -15.50
O7 NAG M . 5.62 29.74 -22.32
AS CAC N . -11.70 -6.32 7.23
O1 CAC N . -13.19 -7.08 6.74
O2 CAC N . -10.82 -7.48 8.16
C1 CAC N . -12.07 -4.74 8.33
C2 CAC N . -10.66 -5.76 5.65
C1 GOL O . -22.31 -4.35 4.70
O1 GOL O . -20.92 -4.62 4.67
C2 GOL O . -22.99 -5.41 5.54
O2 GOL O . -22.65 -5.21 6.90
C3 GOL O . -24.51 -5.34 5.39
O3 GOL O . -25.11 -6.15 6.38
MG MG P . -13.95 -7.88 5.00
CA CA Q . -20.42 -6.17 7.23
CA CA R . -8.38 -7.83 2.48
C1 NAG S . -45.52 -62.35 -21.62
C2 NAG S . -46.64 -61.51 -20.98
C3 NAG S . -48.03 -62.02 -21.35
C4 NAG S . -48.17 -62.44 -22.81
C5 NAG S . -46.94 -63.22 -23.28
C6 NAG S . -47.00 -63.55 -24.76
C7 NAG S . -45.71 -60.68 -18.84
C8 NAG S . -45.72 -60.86 -17.34
N2 NAG S . -46.49 -61.52 -19.53
O3 NAG S . -49.00 -61.04 -21.04
O4 NAG S . -49.33 -63.23 -22.97
O5 NAG S . -45.78 -62.46 -23.00
O6 NAG S . -47.51 -64.86 -24.92
O7 NAG S . -45.01 -59.80 -19.35
#